data_1Z0I
# 
_entry.id   1Z0I 
# 
_audit_conform.dict_name       mmcif_pdbx.dic 
_audit_conform.dict_version    5.389 
_audit_conform.dict_location   http://mmcif.pdb.org/dictionaries/ascii/mmcif_pdbx.dic 
# 
loop_
_database_2.database_id 
_database_2.database_code 
_database_2.pdbx_database_accession 
_database_2.pdbx_DOI 
PDB   1Z0I         pdb_00001z0i 10.2210/pdb1z0i/pdb 
RCSB  RCSB032143   ?            ?                   
WWPDB D_1000032143 ?            ?                   
# 
loop_
_pdbx_audit_revision_history.ordinal 
_pdbx_audit_revision_history.data_content_type 
_pdbx_audit_revision_history.major_revision 
_pdbx_audit_revision_history.minor_revision 
_pdbx_audit_revision_history.revision_date 
1 'Structure model' 1 0 2005-07-26 
2 'Structure model' 1 1 2008-04-30 
3 'Structure model' 1 2 2011-07-13 
4 'Structure model' 1 3 2024-02-14 
5 'Structure model' 1 4 2024-04-03 
# 
_pdbx_audit_revision_details.ordinal             1 
_pdbx_audit_revision_details.revision_ordinal    1 
_pdbx_audit_revision_details.data_content_type   'Structure model' 
_pdbx_audit_revision_details.provider            repository 
_pdbx_audit_revision_details.type                'Initial release' 
_pdbx_audit_revision_details.description         ? 
_pdbx_audit_revision_details.details             ? 
# 
loop_
_pdbx_audit_revision_group.ordinal 
_pdbx_audit_revision_group.revision_ordinal 
_pdbx_audit_revision_group.data_content_type 
_pdbx_audit_revision_group.group 
1 2 'Structure model' 'Version format compliance' 
2 3 'Structure model' 'Version format compliance' 
3 4 'Structure model' 'Data collection'           
4 4 'Structure model' 'Database references'       
5 4 'Structure model' 'Derived calculations'      
6 5 'Structure model' 'Refinement description'    
# 
loop_
_pdbx_audit_revision_category.ordinal 
_pdbx_audit_revision_category.revision_ordinal 
_pdbx_audit_revision_category.data_content_type 
_pdbx_audit_revision_category.category 
1 4 'Structure model' chem_comp_atom                
2 4 'Structure model' chem_comp_bond                
3 4 'Structure model' database_2                    
4 4 'Structure model' pdbx_struct_conn_angle        
5 4 'Structure model' struct_conn                   
6 4 'Structure model' struct_ref_seq_dif            
7 4 'Structure model' struct_site                   
8 5 'Structure model' pdbx_initial_refinement_model 
# 
loop_
_pdbx_audit_revision_item.ordinal 
_pdbx_audit_revision_item.revision_ordinal 
_pdbx_audit_revision_item.data_content_type 
_pdbx_audit_revision_item.item 
1  4 'Structure model' '_database_2.pdbx_DOI'                        
2  4 'Structure model' '_database_2.pdbx_database_accession'         
3  4 'Structure model' '_pdbx_struct_conn_angle.ptnr1_auth_comp_id'  
4  4 'Structure model' '_pdbx_struct_conn_angle.ptnr1_auth_seq_id'   
5  4 'Structure model' '_pdbx_struct_conn_angle.ptnr1_label_asym_id' 
6  4 'Structure model' '_pdbx_struct_conn_angle.ptnr1_label_atom_id' 
7  4 'Structure model' '_pdbx_struct_conn_angle.ptnr1_label_comp_id' 
8  4 'Structure model' '_pdbx_struct_conn_angle.ptnr1_label_seq_id'  
9  4 'Structure model' '_pdbx_struct_conn_angle.ptnr3_auth_comp_id'  
10 4 'Structure model' '_pdbx_struct_conn_angle.ptnr3_auth_seq_id'   
11 4 'Structure model' '_pdbx_struct_conn_angle.ptnr3_label_asym_id' 
12 4 'Structure model' '_pdbx_struct_conn_angle.ptnr3_label_atom_id' 
13 4 'Structure model' '_pdbx_struct_conn_angle.ptnr3_label_comp_id' 
14 4 'Structure model' '_pdbx_struct_conn_angle.ptnr3_label_seq_id'  
15 4 'Structure model' '_pdbx_struct_conn_angle.value'               
16 4 'Structure model' '_struct_conn.pdbx_dist_value'                
17 4 'Structure model' '_struct_conn.ptnr1_auth_comp_id'             
18 4 'Structure model' '_struct_conn.ptnr1_auth_seq_id'              
19 4 'Structure model' '_struct_conn.ptnr1_label_asym_id'            
20 4 'Structure model' '_struct_conn.ptnr1_label_atom_id'            
21 4 'Structure model' '_struct_conn.ptnr1_label_comp_id'            
22 4 'Structure model' '_struct_conn.ptnr1_label_seq_id'             
23 4 'Structure model' '_struct_conn.ptnr2_auth_comp_id'             
24 4 'Structure model' '_struct_conn.ptnr2_auth_seq_id'              
25 4 'Structure model' '_struct_conn.ptnr2_label_asym_id'            
26 4 'Structure model' '_struct_conn.ptnr2_label_atom_id'            
27 4 'Structure model' '_struct_conn.ptnr2_label_comp_id'            
28 4 'Structure model' '_struct_conn.ptnr2_label_seq_id'             
29 4 'Structure model' '_struct_ref_seq_dif.details'                 
30 4 'Structure model' '_struct_site.pdbx_auth_asym_id'              
31 4 'Structure model' '_struct_site.pdbx_auth_comp_id'              
32 4 'Structure model' '_struct_site.pdbx_auth_seq_id'               
# 
_pdbx_database_status.status_code                     REL 
_pdbx_database_status.entry_id                        1Z0I 
_pdbx_database_status.recvd_initial_deposition_date   2005-03-01 
_pdbx_database_status.deposit_site                    RCSB 
_pdbx_database_status.process_site                    RCSB 
_pdbx_database_status.status_code_sf                  REL 
_pdbx_database_status.status_code_mr                  ? 
_pdbx_database_status.SG_entry                        ? 
_pdbx_database_status.pdb_format_compatible           Y 
_pdbx_database_status.status_code_cs                  ? 
_pdbx_database_status.status_code_nmr_data            ? 
_pdbx_database_status.methods_development_category    ? 
# 
loop_
_audit_author.name 
_audit_author.pdbx_ordinal 
'Eathiraj, S.'    1 
'Pan, X.'         2 
'Ritacco, C.'     3 
'Lambright, D.G.' 4 
# 
_citation.id                        primary 
_citation.title                     'Structural basis of family-wide Rab GTPase recognition by rabenosyn-5.' 
_citation.journal_abbrev            Nature 
_citation.journal_volume            436 
_citation.page_first                415 
_citation.page_last                 419 
_citation.year                      2005 
_citation.journal_id_ASTM           NATUAS 
_citation.country                   UK 
_citation.journal_id_ISSN           0028-0836 
_citation.journal_id_CSD            0006 
_citation.book_publisher            ? 
_citation.pdbx_database_id_PubMed   16034420 
_citation.pdbx_database_id_DOI      10.1038/nature03798 
# 
loop_
_citation_author.citation_id 
_citation_author.name 
_citation_author.ordinal 
_citation_author.identifier_ORCID 
primary 'Eathiraj, S.'    1 ? 
primary 'Pan, X.'         2 ? 
primary 'Ritacco, C.'     3 ? 
primary 'Lambright, D.G.' 4 ? 
# 
loop_
_entity.id 
_entity.type 
_entity.src_method 
_entity.pdbx_description 
_entity.formula_weight 
_entity.pdbx_number_of_molecules 
_entity.pdbx_ec 
_entity.pdbx_mutation 
_entity.pdbx_fragment 
_entity.details 
1 polymer     man 'Ras-related protein Rab-21' 19335.209 1   ? ? ? ? 
2 non-polymer syn 'MAGNESIUM ION'              24.305    1   ? ? ? ? 
3 non-polymer syn "GUANOSINE-5'-DIPHOSPHATE"   443.201   1   ? ? ? ? 
4 water       nat water                        18.015    147 ? ? ? ? 
# 
_entity_poly.entity_id                      1 
_entity_poly.type                           'polypeptide(L)' 
_entity_poly.nstd_linkage                   no 
_entity_poly.nstd_monomer                   no 
_entity_poly.pdbx_seq_one_letter_code       
;GSRAYSFKVVLLGEGCVGKTSLVLRYCENKFNDKHITTLQASFLTKKLNIGGKRVNLAIWDTAGQERFHALGPIYYRDSN
GAILVYDITDEDSFQKVKNWVKELRKMLGNEICLCIVGNKIDLEKERHVSIQEAESYAESVGAKHYHTSAKQNKGIEELF
LDLCKRMIET
;
_entity_poly.pdbx_seq_one_letter_code_can   
;GSRAYSFKVVLLGEGCVGKTSLVLRYCENKFNDKHITTLQASFLTKKLNIGGKRVNLAIWDTAGQERFHALGPIYYRDSN
GAILVYDITDEDSFQKVKNWVKELRKMLGNEICLCIVGNKIDLEKERHVSIQEAESYAESVGAKHYHTSAKQNKGIEELF
LDLCKRMIET
;
_entity_poly.pdbx_strand_id                 A 
_entity_poly.pdbx_target_identifier         ? 
# 
loop_
_pdbx_entity_nonpoly.entity_id 
_pdbx_entity_nonpoly.name 
_pdbx_entity_nonpoly.comp_id 
2 'MAGNESIUM ION'            MG  
3 "GUANOSINE-5'-DIPHOSPHATE" GDP 
4 water                      HOH 
# 
loop_
_entity_poly_seq.entity_id 
_entity_poly_seq.num 
_entity_poly_seq.mon_id 
_entity_poly_seq.hetero 
1 1   GLY n 
1 2   SER n 
1 3   ARG n 
1 4   ALA n 
1 5   TYR n 
1 6   SER n 
1 7   PHE n 
1 8   LYS n 
1 9   VAL n 
1 10  VAL n 
1 11  LEU n 
1 12  LEU n 
1 13  GLY n 
1 14  GLU n 
1 15  GLY n 
1 16  CYS n 
1 17  VAL n 
1 18  GLY n 
1 19  LYS n 
1 20  THR n 
1 21  SER n 
1 22  LEU n 
1 23  VAL n 
1 24  LEU n 
1 25  ARG n 
1 26  TYR n 
1 27  CYS n 
1 28  GLU n 
1 29  ASN n 
1 30  LYS n 
1 31  PHE n 
1 32  ASN n 
1 33  ASP n 
1 34  LYS n 
1 35  HIS n 
1 36  ILE n 
1 37  THR n 
1 38  THR n 
1 39  LEU n 
1 40  GLN n 
1 41  ALA n 
1 42  SER n 
1 43  PHE n 
1 44  LEU n 
1 45  THR n 
1 46  LYS n 
1 47  LYS n 
1 48  LEU n 
1 49  ASN n 
1 50  ILE n 
1 51  GLY n 
1 52  GLY n 
1 53  LYS n 
1 54  ARG n 
1 55  VAL n 
1 56  ASN n 
1 57  LEU n 
1 58  ALA n 
1 59  ILE n 
1 60  TRP n 
1 61  ASP n 
1 62  THR n 
1 63  ALA n 
1 64  GLY n 
1 65  GLN n 
1 66  GLU n 
1 67  ARG n 
1 68  PHE n 
1 69  HIS n 
1 70  ALA n 
1 71  LEU n 
1 72  GLY n 
1 73  PRO n 
1 74  ILE n 
1 75  TYR n 
1 76  TYR n 
1 77  ARG n 
1 78  ASP n 
1 79  SER n 
1 80  ASN n 
1 81  GLY n 
1 82  ALA n 
1 83  ILE n 
1 84  LEU n 
1 85  VAL n 
1 86  TYR n 
1 87  ASP n 
1 88  ILE n 
1 89  THR n 
1 90  ASP n 
1 91  GLU n 
1 92  ASP n 
1 93  SER n 
1 94  PHE n 
1 95  GLN n 
1 96  LYS n 
1 97  VAL n 
1 98  LYS n 
1 99  ASN n 
1 100 TRP n 
1 101 VAL n 
1 102 LYS n 
1 103 GLU n 
1 104 LEU n 
1 105 ARG n 
1 106 LYS n 
1 107 MET n 
1 108 LEU n 
1 109 GLY n 
1 110 ASN n 
1 111 GLU n 
1 112 ILE n 
1 113 CYS n 
1 114 LEU n 
1 115 CYS n 
1 116 ILE n 
1 117 VAL n 
1 118 GLY n 
1 119 ASN n 
1 120 LYS n 
1 121 ILE n 
1 122 ASP n 
1 123 LEU n 
1 124 GLU n 
1 125 LYS n 
1 126 GLU n 
1 127 ARG n 
1 128 HIS n 
1 129 VAL n 
1 130 SER n 
1 131 ILE n 
1 132 GLN n 
1 133 GLU n 
1 134 ALA n 
1 135 GLU n 
1 136 SER n 
1 137 TYR n 
1 138 ALA n 
1 139 GLU n 
1 140 SER n 
1 141 VAL n 
1 142 GLY n 
1 143 ALA n 
1 144 LYS n 
1 145 HIS n 
1 146 TYR n 
1 147 HIS n 
1 148 THR n 
1 149 SER n 
1 150 ALA n 
1 151 LYS n 
1 152 GLN n 
1 153 ASN n 
1 154 LYS n 
1 155 GLY n 
1 156 ILE n 
1 157 GLU n 
1 158 GLU n 
1 159 LEU n 
1 160 PHE n 
1 161 LEU n 
1 162 ASP n 
1 163 LEU n 
1 164 CYS n 
1 165 LYS n 
1 166 ARG n 
1 167 MET n 
1 168 ILE n 
1 169 GLU n 
1 170 THR n 
# 
_entity_src_gen.entity_id                          1 
_entity_src_gen.pdbx_src_id                        1 
_entity_src_gen.pdbx_alt_source_flag               sample 
_entity_src_gen.pdbx_seq_type                      ? 
_entity_src_gen.pdbx_beg_seq_num                   ? 
_entity_src_gen.pdbx_end_seq_num                   ? 
_entity_src_gen.gene_src_common_name               human 
_entity_src_gen.gene_src_genus                     Homo 
_entity_src_gen.pdbx_gene_src_gene                 'RAB21, KIAA0118' 
_entity_src_gen.gene_src_species                   ? 
_entity_src_gen.gene_src_strain                    ? 
_entity_src_gen.gene_src_tissue                    ? 
_entity_src_gen.gene_src_tissue_fraction           ? 
_entity_src_gen.gene_src_details                   ? 
_entity_src_gen.pdbx_gene_src_fragment             ? 
_entity_src_gen.pdbx_gene_src_scientific_name      'Homo sapiens' 
_entity_src_gen.pdbx_gene_src_ncbi_taxonomy_id     9606 
_entity_src_gen.pdbx_gene_src_variant              ? 
_entity_src_gen.pdbx_gene_src_cell_line            ? 
_entity_src_gen.pdbx_gene_src_atcc                 ? 
_entity_src_gen.pdbx_gene_src_organ                ? 
_entity_src_gen.pdbx_gene_src_organelle            ? 
_entity_src_gen.pdbx_gene_src_cell                 ? 
_entity_src_gen.pdbx_gene_src_cellular_location    ? 
_entity_src_gen.host_org_common_name               ? 
_entity_src_gen.pdbx_host_org_scientific_name      'Escherichia coli' 
_entity_src_gen.pdbx_host_org_ncbi_taxonomy_id     562 
_entity_src_gen.host_org_genus                     Escherichia 
_entity_src_gen.pdbx_host_org_gene                 ? 
_entity_src_gen.pdbx_host_org_organ                ? 
_entity_src_gen.host_org_species                   ? 
_entity_src_gen.pdbx_host_org_tissue               ? 
_entity_src_gen.pdbx_host_org_tissue_fraction      ? 
_entity_src_gen.pdbx_host_org_strain               'BL21 (DE3) Codon Plus-RIL Cells' 
_entity_src_gen.pdbx_host_org_variant              ? 
_entity_src_gen.pdbx_host_org_cell_line            ? 
_entity_src_gen.pdbx_host_org_atcc                 ? 
_entity_src_gen.pdbx_host_org_culture_collection   ? 
_entity_src_gen.pdbx_host_org_cell                 ? 
_entity_src_gen.pdbx_host_org_organelle            ? 
_entity_src_gen.pdbx_host_org_cellular_location    ? 
_entity_src_gen.pdbx_host_org_vector_type          'GST fusion, pGEX' 
_entity_src_gen.pdbx_host_org_vector               ? 
_entity_src_gen.host_org_details                   ? 
_entity_src_gen.expression_system_id               ? 
_entity_src_gen.plasmid_name                       pGEX4T1 
_entity_src_gen.plasmid_details                    ? 
_entity_src_gen.pdbx_description                   ? 
# 
loop_
_chem_comp.id 
_chem_comp.type 
_chem_comp.mon_nstd_flag 
_chem_comp.name 
_chem_comp.pdbx_synonyms 
_chem_comp.formula 
_chem_comp.formula_weight 
ALA 'L-peptide linking' y ALANINE                    ? 'C3 H7 N O2'        89.093  
ARG 'L-peptide linking' y ARGININE                   ? 'C6 H15 N4 O2 1'    175.209 
ASN 'L-peptide linking' y ASPARAGINE                 ? 'C4 H8 N2 O3'       132.118 
ASP 'L-peptide linking' y 'ASPARTIC ACID'            ? 'C4 H7 N O4'        133.103 
CYS 'L-peptide linking' y CYSTEINE                   ? 'C3 H7 N O2 S'      121.158 
GDP 'RNA linking'       n "GUANOSINE-5'-DIPHOSPHATE" ? 'C10 H15 N5 O11 P2' 443.201 
GLN 'L-peptide linking' y GLUTAMINE                  ? 'C5 H10 N2 O3'      146.144 
GLU 'L-peptide linking' y 'GLUTAMIC ACID'            ? 'C5 H9 N O4'        147.129 
GLY 'peptide linking'   y GLYCINE                    ? 'C2 H5 N O2'        75.067  
HIS 'L-peptide linking' y HISTIDINE                  ? 'C6 H10 N3 O2 1'    156.162 
HOH non-polymer         . WATER                      ? 'H2 O'              18.015  
ILE 'L-peptide linking' y ISOLEUCINE                 ? 'C6 H13 N O2'       131.173 
LEU 'L-peptide linking' y LEUCINE                    ? 'C6 H13 N O2'       131.173 
LYS 'L-peptide linking' y LYSINE                     ? 'C6 H15 N2 O2 1'    147.195 
MET 'L-peptide linking' y METHIONINE                 ? 'C5 H11 N O2 S'     149.211 
MG  non-polymer         . 'MAGNESIUM ION'            ? 'Mg 2'              24.305  
PHE 'L-peptide linking' y PHENYLALANINE              ? 'C9 H11 N O2'       165.189 
PRO 'L-peptide linking' y PROLINE                    ? 'C5 H9 N O2'        115.130 
SER 'L-peptide linking' y SERINE                     ? 'C3 H7 N O3'        105.093 
THR 'L-peptide linking' y THREONINE                  ? 'C4 H9 N O3'        119.119 
TRP 'L-peptide linking' y TRYPTOPHAN                 ? 'C11 H12 N2 O2'     204.225 
TYR 'L-peptide linking' y TYROSINE                   ? 'C9 H11 N O3'       181.189 
VAL 'L-peptide linking' y VALINE                     ? 'C5 H11 N O2'       117.146 
# 
loop_
_pdbx_poly_seq_scheme.asym_id 
_pdbx_poly_seq_scheme.entity_id 
_pdbx_poly_seq_scheme.seq_id 
_pdbx_poly_seq_scheme.mon_id 
_pdbx_poly_seq_scheme.ndb_seq_num 
_pdbx_poly_seq_scheme.pdb_seq_num 
_pdbx_poly_seq_scheme.auth_seq_num 
_pdbx_poly_seq_scheme.pdb_mon_id 
_pdbx_poly_seq_scheme.auth_mon_id 
_pdbx_poly_seq_scheme.pdb_strand_id 
_pdbx_poly_seq_scheme.pdb_ins_code 
_pdbx_poly_seq_scheme.hetero 
A 1 1   GLY 1   14  ?   ?   ?   A . n 
A 1 2   SER 2   15  ?   ?   ?   A . n 
A 1 3   ARG 3   16  ?   ?   ?   A . n 
A 1 4   ALA 4   17  17  ALA ALA A . n 
A 1 5   TYR 5   18  18  TYR TYR A . n 
A 1 6   SER 6   19  19  SER SER A . n 
A 1 7   PHE 7   20  20  PHE PHE A . n 
A 1 8   LYS 8   21  21  LYS LYS A . n 
A 1 9   VAL 9   22  22  VAL VAL A . n 
A 1 10  VAL 10  23  23  VAL VAL A . n 
A 1 11  LEU 11  24  24  LEU LEU A . n 
A 1 12  LEU 12  25  25  LEU LEU A . n 
A 1 13  GLY 13  26  26  GLY GLY A . n 
A 1 14  GLU 14  27  27  GLU GLU A . n 
A 1 15  GLY 15  28  28  GLY GLY A . n 
A 1 16  CYS 16  29  29  CYS CYS A . n 
A 1 17  VAL 17  30  30  VAL VAL A . n 
A 1 18  GLY 18  31  31  GLY GLY A . n 
A 1 19  LYS 19  32  32  LYS LYS A . n 
A 1 20  THR 20  33  33  THR THR A . n 
A 1 21  SER 21  34  34  SER SER A . n 
A 1 22  LEU 22  35  35  LEU LEU A . n 
A 1 23  VAL 23  36  36  VAL VAL A . n 
A 1 24  LEU 24  37  37  LEU LEU A . n 
A 1 25  ARG 25  38  38  ARG ARG A . n 
A 1 26  TYR 26  39  39  TYR TYR A . n 
A 1 27  CYS 27  40  40  CYS CYS A . n 
A 1 28  GLU 28  41  41  GLU GLU A . n 
A 1 29  ASN 29  42  42  ASN ASN A . n 
A 1 30  LYS 30  43  43  LYS LYS A . n 
A 1 31  PHE 31  44  44  PHE PHE A . n 
A 1 32  ASN 32  45  45  ASN ASN A . n 
A 1 33  ASP 33  46  46  ASP ASP A . n 
A 1 34  LYS 34  47  47  LYS ALA A . n 
A 1 35  HIS 35  48  48  HIS HIS A . n 
A 1 36  ILE 36  49  49  ILE ILE A . n 
A 1 37  THR 37  50  50  THR THR A . n 
A 1 38  THR 38  51  51  THR THR A . n 
A 1 39  LEU 39  52  52  LEU LEU A . n 
A 1 40  GLN 40  53  53  GLN ALA A . n 
A 1 41  ALA 41  54  54  ALA ALA A . n 
A 1 42  SER 42  55  55  SER SER A . n 
A 1 43  PHE 43  56  56  PHE PHE A . n 
A 1 44  LEU 44  57  57  LEU LEU A . n 
A 1 45  THR 45  58  58  THR THR A . n 
A 1 46  LYS 46  59  59  LYS LYS A . n 
A 1 47  LYS 47  60  60  LYS ALA A . n 
A 1 48  LEU 48  61  61  LEU LEU A . n 
A 1 49  ASN 49  62  62  ASN ASN A . n 
A 1 50  ILE 50  63  63  ILE ILE A . n 
A 1 51  GLY 51  64  64  GLY GLY A . n 
A 1 52  GLY 52  65  65  GLY GLY A . n 
A 1 53  LYS 53  66  66  LYS ALA A . n 
A 1 54  ARG 54  67  67  ARG ALA A . n 
A 1 55  VAL 55  68  68  VAL VAL A . n 
A 1 56  ASN 56  69  69  ASN ASN A . n 
A 1 57  LEU 57  70  70  LEU LEU A . n 
A 1 58  ALA 58  71  71  ALA ALA A . n 
A 1 59  ILE 59  72  72  ILE ILE A . n 
A 1 60  TRP 60  73  73  TRP TRP A . n 
A 1 61  ASP 61  74  74  ASP ASP A . n 
A 1 62  THR 62  75  75  THR THR A . n 
A 1 63  ALA 63  76  76  ALA ALA A . n 
A 1 64  GLY 64  77  ?   ?   ?   A . n 
A 1 65  GLN 65  78  ?   ?   ?   A . n 
A 1 66  GLU 66  79  ?   ?   ?   A . n 
A 1 67  ARG 67  80  ?   ?   ?   A . n 
A 1 68  PHE 68  81  ?   ?   ?   A . n 
A 1 69  HIS 69  82  ?   ?   ?   A . n 
A 1 70  ALA 70  83  ?   ?   ?   A . n 
A 1 71  LEU 71  84  ?   ?   ?   A . n 
A 1 72  GLY 72  85  ?   ?   ?   A . n 
A 1 73  PRO 73  86  86  PRO PRO A . n 
A 1 74  ILE 74  87  87  ILE ILE A . n 
A 1 75  TYR 75  88  88  TYR TYR A . n 
A 1 76  TYR 76  89  89  TYR TYR A . n 
A 1 77  ARG 77  90  90  ARG ARG A . n 
A 1 78  ASP 78  91  91  ASP ASP A . n 
A 1 79  SER 79  92  92  SER SER A . n 
A 1 80  ASN 80  93  93  ASN ASN A . n 
A 1 81  GLY 81  94  94  GLY GLY A . n 
A 1 82  ALA 82  95  95  ALA ALA A . n 
A 1 83  ILE 83  96  96  ILE ILE A . n 
A 1 84  LEU 84  97  97  LEU LEU A . n 
A 1 85  VAL 85  98  98  VAL VAL A . n 
A 1 86  TYR 86  99  99  TYR TYR A . n 
A 1 87  ASP 87  100 100 ASP ASP A . n 
A 1 88  ILE 88  101 101 ILE ILE A . n 
A 1 89  THR 89  102 102 THR THR A . n 
A 1 90  ASP 90  103 103 ASP ASP A . n 
A 1 91  GLU 91  104 104 GLU GLU A . n 
A 1 92  ASP 92  105 105 ASP ASP A . n 
A 1 93  SER 93  106 106 SER SER A . n 
A 1 94  PHE 94  107 107 PHE PHE A . n 
A 1 95  GLN 95  108 108 GLN ALA A . n 
A 1 96  LYS 96  109 109 LYS LYS A . n 
A 1 97  VAL 97  110 110 VAL VAL A . n 
A 1 98  LYS 98  111 111 LYS ALA A . n 
A 1 99  ASN 99  112 112 ASN ASN A . n 
A 1 100 TRP 100 113 113 TRP TRP A . n 
A 1 101 VAL 101 114 114 VAL VAL A . n 
A 1 102 LYS 102 115 115 LYS ALA A . n 
A 1 103 GLU 103 116 116 GLU GLU A . n 
A 1 104 LEU 104 117 117 LEU LEU A . n 
A 1 105 ARG 105 118 118 ARG ALA A . n 
A 1 106 LYS 106 119 119 LYS ALA A . n 
A 1 107 MET 107 120 120 MET MET A . n 
A 1 108 LEU 108 121 121 LEU LEU A . n 
A 1 109 GLY 109 122 122 GLY GLY A . n 
A 1 110 ASN 110 123 123 ASN ALA A . n 
A 1 111 GLU 111 124 124 GLU ALA A . n 
A 1 112 ILE 112 125 125 ILE ILE A . n 
A 1 113 CYS 113 126 126 CYS CYS A . n 
A 1 114 LEU 114 127 127 LEU LEU A . n 
A 1 115 CYS 115 128 128 CYS CYS A . n 
A 1 116 ILE 116 129 129 ILE ILE A . n 
A 1 117 VAL 117 130 130 VAL VAL A . n 
A 1 118 GLY 118 131 131 GLY GLY A . n 
A 1 119 ASN 119 132 132 ASN ASN A . n 
A 1 120 LYS 120 133 133 LYS LYS A . n 
A 1 121 ILE 121 134 134 ILE ILE A . n 
A 1 122 ASP 122 135 135 ASP ASP A . n 
A 1 123 LEU 123 136 136 LEU LEU A . n 
A 1 124 GLU 124 137 137 GLU GLU A . n 
A 1 125 LYS 125 138 138 LYS ALA A . n 
A 1 126 GLU 126 139 139 GLU GLU A . n 
A 1 127 ARG 127 140 140 ARG ARG A . n 
A 1 128 HIS 128 141 141 HIS HIS A . n 
A 1 129 VAL 129 142 142 VAL VAL A . n 
A 1 130 SER 130 143 143 SER SER A . n 
A 1 131 ILE 131 144 144 ILE ILE A . n 
A 1 132 GLN 132 145 145 GLN GLN A . n 
A 1 133 GLU 133 146 146 GLU GLU A . n 
A 1 134 ALA 134 147 147 ALA ALA A . n 
A 1 135 GLU 135 148 148 GLU GLU A . n 
A 1 136 SER 136 149 149 SER SER A . n 
A 1 137 TYR 137 150 150 TYR ALA A . n 
A 1 138 ALA 138 151 151 ALA ALA A . n 
A 1 139 GLU 139 152 152 GLU ALA A . n 
A 1 140 SER 140 153 153 SER SER A . n 
A 1 141 VAL 141 154 154 VAL VAL A . n 
A 1 142 GLY 142 155 155 GLY GLY A . n 
A 1 143 ALA 143 156 156 ALA ALA A . n 
A 1 144 LYS 144 157 157 LYS ALA A . n 
A 1 145 HIS 145 158 158 HIS HIS A . n 
A 1 146 TYR 146 159 159 TYR TYR A . n 
A 1 147 HIS 147 160 160 HIS HIS A . n 
A 1 148 THR 148 161 161 THR THR A . n 
A 1 149 SER 149 162 162 SER SER A . n 
A 1 150 ALA 150 163 163 ALA ALA A . n 
A 1 151 LYS 151 164 164 LYS LYS A . n 
A 1 152 GLN 152 165 165 GLN GLN A . n 
A 1 153 ASN 153 166 166 ASN ASN A . n 
A 1 154 LYS 154 167 167 LYS LYS A . n 
A 1 155 GLY 155 168 168 GLY GLY A . n 
A 1 156 ILE 156 169 169 ILE ILE A . n 
A 1 157 GLU 157 170 170 GLU GLU A . n 
A 1 158 GLU 158 171 171 GLU GLU A . n 
A 1 159 LEU 159 172 172 LEU LEU A . n 
A 1 160 PHE 160 173 173 PHE PHE A . n 
A 1 161 LEU 161 174 174 LEU LEU A . n 
A 1 162 ASP 162 175 175 ASP ASP A . n 
A 1 163 LEU 163 176 176 LEU LEU A . n 
A 1 164 CYS 164 177 177 CYS CYS A . n 
A 1 165 LYS 165 178 178 LYS LYS A . n 
A 1 166 ARG 166 179 179 ARG ARG A . n 
A 1 167 MET 167 180 180 MET MET A . n 
A 1 168 ILE 168 181 181 ILE ILE A . n 
A 1 169 GLU 169 182 182 GLU ALA A . n 
A 1 170 THR 170 183 183 THR ALA A . n 
# 
loop_
_pdbx_nonpoly_scheme.asym_id 
_pdbx_nonpoly_scheme.entity_id 
_pdbx_nonpoly_scheme.mon_id 
_pdbx_nonpoly_scheme.ndb_seq_num 
_pdbx_nonpoly_scheme.pdb_seq_num 
_pdbx_nonpoly_scheme.auth_seq_num 
_pdbx_nonpoly_scheme.pdb_mon_id 
_pdbx_nonpoly_scheme.auth_mon_id 
_pdbx_nonpoly_scheme.pdb_strand_id 
_pdbx_nonpoly_scheme.pdb_ins_code 
B 2 MG  1   201 201 MG  MG  A . 
C 3 GDP 1   200 200 GDP GDP A . 
D 4 HOH 1   202 1   HOH HOH A . 
D 4 HOH 2   203 2   HOH HOH A . 
D 4 HOH 3   204 3   HOH HOH A . 
D 4 HOH 4   205 4   HOH HOH A . 
D 4 HOH 5   206 5   HOH HOH A . 
D 4 HOH 6   207 7   HOH HOH A . 
D 4 HOH 7   208 8   HOH HOH A . 
D 4 HOH 8   209 9   HOH HOH A . 
D 4 HOH 9   210 10  HOH HOH A . 
D 4 HOH 10  211 11  HOH HOH A . 
D 4 HOH 11  212 13  HOH HOH A . 
D 4 HOH 12  213 15  HOH HOH A . 
D 4 HOH 13  214 17  HOH HOH A . 
D 4 HOH 14  215 18  HOH HOH A . 
D 4 HOH 15  216 20  HOH HOH A . 
D 4 HOH 16  217 21  HOH HOH A . 
D 4 HOH 17  218 23  HOH HOH A . 
D 4 HOH 18  219 24  HOH HOH A . 
D 4 HOH 19  220 25  HOH HOH A . 
D 4 HOH 20  221 26  HOH HOH A . 
D 4 HOH 21  222 27  HOH HOH A . 
D 4 HOH 22  223 29  HOH HOH A . 
D 4 HOH 23  224 30  HOH HOH A . 
D 4 HOH 24  225 31  HOH HOH A . 
D 4 HOH 25  226 32  HOH HOH A . 
D 4 HOH 26  227 33  HOH HOH A . 
D 4 HOH 27  228 34  HOH HOH A . 
D 4 HOH 28  229 35  HOH HOH A . 
D 4 HOH 29  230 36  HOH HOH A . 
D 4 HOH 30  231 38  HOH HOH A . 
D 4 HOH 31  232 39  HOH HOH A . 
D 4 HOH 32  233 41  HOH HOH A . 
D 4 HOH 33  234 42  HOH HOH A . 
D 4 HOH 34  235 43  HOH HOH A . 
D 4 HOH 35  236 44  HOH HOH A . 
D 4 HOH 36  237 45  HOH HOH A . 
D 4 HOH 37  238 46  HOH HOH A . 
D 4 HOH 38  239 47  HOH HOH A . 
D 4 HOH 39  240 48  HOH HOH A . 
D 4 HOH 40  241 49  HOH HOH A . 
D 4 HOH 41  242 50  HOH HOH A . 
D 4 HOH 42  243 52  HOH HOH A . 
D 4 HOH 43  244 53  HOH HOH A . 
D 4 HOH 44  245 54  HOH HOH A . 
D 4 HOH 45  246 56  HOH HOH A . 
D 4 HOH 46  247 57  HOH HOH A . 
D 4 HOH 47  248 58  HOH HOH A . 
D 4 HOH 48  249 59  HOH HOH A . 
D 4 HOH 49  250 60  HOH HOH A . 
D 4 HOH 50  251 62  HOH HOH A . 
D 4 HOH 51  252 63  HOH HOH A . 
D 4 HOH 52  253 64  HOH HOH A . 
D 4 HOH 53  254 65  HOH HOH A . 
D 4 HOH 54  255 66  HOH HOH A . 
D 4 HOH 55  256 67  HOH HOH A . 
D 4 HOH 56  257 68  HOH HOH A . 
D 4 HOH 57  258 69  HOH HOH A . 
D 4 HOH 58  259 70  HOH HOH A . 
D 4 HOH 59  260 73  HOH HOH A . 
D 4 HOH 60  261 74  HOH HOH A . 
D 4 HOH 61  262 75  HOH HOH A . 
D 4 HOH 62  263 76  HOH HOH A . 
D 4 HOH 63  264 78  HOH HOH A . 
D 4 HOH 64  265 79  HOH HOH A . 
D 4 HOH 65  266 80  HOH HOH A . 
D 4 HOH 66  267 81  HOH HOH A . 
D 4 HOH 67  268 82  HOH HOH A . 
D 4 HOH 68  269 83  HOH HOH A . 
D 4 HOH 69  270 84  HOH HOH A . 
D 4 HOH 70  271 85  HOH HOH A . 
D 4 HOH 71  272 86  HOH HOH A . 
D 4 HOH 72  273 87  HOH HOH A . 
D 4 HOH 73  274 89  HOH HOH A . 
D 4 HOH 74  275 90  HOH HOH A . 
D 4 HOH 75  276 91  HOH HOH A . 
D 4 HOH 76  277 94  HOH HOH A . 
D 4 HOH 77  278 96  HOH HOH A . 
D 4 HOH 78  279 97  HOH HOH A . 
D 4 HOH 79  280 98  HOH HOH A . 
D 4 HOH 80  281 99  HOH HOH A . 
D 4 HOH 81  282 100 HOH HOH A . 
D 4 HOH 82  283 101 HOH HOH A . 
D 4 HOH 83  284 102 HOH HOH A . 
D 4 HOH 84  285 103 HOH HOH A . 
D 4 HOH 85  286 104 HOH HOH A . 
D 4 HOH 86  287 105 HOH HOH A . 
D 4 HOH 87  288 107 HOH HOH A . 
D 4 HOH 88  289 108 HOH HOH A . 
D 4 HOH 89  290 109 HOH HOH A . 
D 4 HOH 90  291 111 HOH HOH A . 
D 4 HOH 91  292 113 HOH HOH A . 
D 4 HOH 92  293 114 HOH HOH A . 
D 4 HOH 93  294 115 HOH HOH A . 
D 4 HOH 94  295 116 HOH HOH A . 
D 4 HOH 95  296 117 HOH HOH A . 
D 4 HOH 96  297 118 HOH HOH A . 
D 4 HOH 97  298 120 HOH HOH A . 
D 4 HOH 98  299 123 HOH HOH A . 
D 4 HOH 99  300 124 HOH HOH A . 
D 4 HOH 100 301 126 HOH HOH A . 
D 4 HOH 101 302 127 HOH HOH A . 
D 4 HOH 102 303 128 HOH HOH A . 
D 4 HOH 103 304 129 HOH HOH A . 
D 4 HOH 104 305 130 HOH HOH A . 
D 4 HOH 105 306 131 HOH HOH A . 
D 4 HOH 106 307 133 HOH HOH A . 
D 4 HOH 107 308 134 HOH HOH A . 
D 4 HOH 108 309 135 HOH HOH A . 
D 4 HOH 109 310 138 HOH HOH A . 
D 4 HOH 110 311 139 HOH HOH A . 
D 4 HOH 111 312 140 HOH HOH A . 
D 4 HOH 112 313 141 HOH HOH A . 
D 4 HOH 113 314 142 HOH HOH A . 
D 4 HOH 114 315 143 HOH HOH A . 
D 4 HOH 115 316 145 HOH HOH A . 
D 4 HOH 116 317 146 HOH HOH A . 
D 4 HOH 117 318 147 HOH HOH A . 
D 4 HOH 118 319 148 HOH HOH A . 
D 4 HOH 119 320 149 HOH HOH A . 
D 4 HOH 120 321 151 HOH HOH A . 
D 4 HOH 121 322 153 HOH HOH A . 
D 4 HOH 122 323 157 HOH HOH A . 
D 4 HOH 123 324 161 HOH HOH A . 
D 4 HOH 124 325 162 HOH HOH A . 
D 4 HOH 125 326 163 HOH HOH A . 
D 4 HOH 126 327 164 HOH HOH A . 
D 4 HOH 127 328 166 HOH HOH A . 
D 4 HOH 128 329 167 HOH HOH A . 
D 4 HOH 129 330 168 HOH HOH A . 
D 4 HOH 130 331 169 HOH HOH A . 
D 4 HOH 131 332 172 HOH HOH A . 
D 4 HOH 132 333 174 HOH HOH A . 
D 4 HOH 133 334 175 HOH HOH A . 
D 4 HOH 134 335 176 HOH HOH A . 
D 4 HOH 135 336 177 HOH HOH A . 
D 4 HOH 136 337 179 HOH HOH A . 
D 4 HOH 137 338 180 HOH HOH A . 
D 4 HOH 138 339 182 HOH HOH A . 
D 4 HOH 139 340 184 HOH HOH A . 
D 4 HOH 140 341 185 HOH HOH A . 
D 4 HOH 141 342 186 HOH HOH A . 
D 4 HOH 142 343 188 HOH HOH A . 
D 4 HOH 143 344 189 HOH HOH A . 
D 4 HOH 144 345 191 HOH HOH A . 
D 4 HOH 145 346 192 HOH HOH A . 
D 4 HOH 146 347 193 HOH HOH A . 
D 4 HOH 147 348 194 HOH HOH A . 
# 
loop_
_pdbx_unobs_or_zero_occ_atoms.id 
_pdbx_unobs_or_zero_occ_atoms.PDB_model_num 
_pdbx_unobs_or_zero_occ_atoms.polymer_flag 
_pdbx_unobs_or_zero_occ_atoms.occupancy_flag 
_pdbx_unobs_or_zero_occ_atoms.auth_asym_id 
_pdbx_unobs_or_zero_occ_atoms.auth_comp_id 
_pdbx_unobs_or_zero_occ_atoms.auth_seq_id 
_pdbx_unobs_or_zero_occ_atoms.PDB_ins_code 
_pdbx_unobs_or_zero_occ_atoms.auth_atom_id 
_pdbx_unobs_or_zero_occ_atoms.label_alt_id 
_pdbx_unobs_or_zero_occ_atoms.label_asym_id 
_pdbx_unobs_or_zero_occ_atoms.label_comp_id 
_pdbx_unobs_or_zero_occ_atoms.label_seq_id 
_pdbx_unobs_or_zero_occ_atoms.label_atom_id 
1  1 Y 1 A LYS 47  ? CG  ? A LYS 34  CG  
2  1 Y 1 A LYS 47  ? CD  ? A LYS 34  CD  
3  1 Y 1 A LYS 47  ? CE  ? A LYS 34  CE  
4  1 Y 1 A LYS 47  ? NZ  ? A LYS 34  NZ  
5  1 Y 1 A GLN 53  ? CG  ? A GLN 40  CG  
6  1 Y 1 A GLN 53  ? CD  ? A GLN 40  CD  
7  1 Y 1 A GLN 53  ? OE1 ? A GLN 40  OE1 
8  1 Y 1 A GLN 53  ? NE2 ? A GLN 40  NE2 
9  1 Y 1 A LYS 60  ? CG  ? A LYS 47  CG  
10 1 Y 1 A LYS 60  ? CD  ? A LYS 47  CD  
11 1 Y 1 A LYS 60  ? CE  ? A LYS 47  CE  
12 1 Y 1 A LYS 60  ? NZ  ? A LYS 47  NZ  
13 1 Y 1 A LYS 66  ? CG  ? A LYS 53  CG  
14 1 Y 1 A LYS 66  ? CD  ? A LYS 53  CD  
15 1 Y 1 A LYS 66  ? CE  ? A LYS 53  CE  
16 1 Y 1 A LYS 66  ? NZ  ? A LYS 53  NZ  
17 1 Y 1 A ARG 67  ? CG  ? A ARG 54  CG  
18 1 Y 1 A ARG 67  ? CD  ? A ARG 54  CD  
19 1 Y 1 A ARG 67  ? NE  ? A ARG 54  NE  
20 1 Y 1 A ARG 67  ? CZ  ? A ARG 54  CZ  
21 1 Y 1 A ARG 67  ? NH1 ? A ARG 54  NH1 
22 1 Y 1 A ARG 67  ? NH2 ? A ARG 54  NH2 
23 1 Y 1 A GLN 108 ? CG  ? A GLN 95  CG  
24 1 Y 1 A GLN 108 ? CD  ? A GLN 95  CD  
25 1 Y 1 A GLN 108 ? OE1 ? A GLN 95  OE1 
26 1 Y 1 A GLN 108 ? NE2 ? A GLN 95  NE2 
27 1 Y 1 A LYS 111 ? CG  ? A LYS 98  CG  
28 1 Y 1 A LYS 111 ? CD  ? A LYS 98  CD  
29 1 Y 1 A LYS 111 ? CE  ? A LYS 98  CE  
30 1 Y 1 A LYS 111 ? NZ  ? A LYS 98  NZ  
31 1 Y 1 A LYS 115 ? CG  ? A LYS 102 CG  
32 1 Y 1 A LYS 115 ? CD  ? A LYS 102 CD  
33 1 Y 1 A LYS 115 ? CE  ? A LYS 102 CE  
34 1 Y 1 A LYS 115 ? NZ  ? A LYS 102 NZ  
35 1 Y 1 A ARG 118 ? CG  ? A ARG 105 CG  
36 1 Y 1 A ARG 118 ? CD  ? A ARG 105 CD  
37 1 Y 1 A ARG 118 ? NE  ? A ARG 105 NE  
38 1 Y 1 A ARG 118 ? CZ  ? A ARG 105 CZ  
39 1 Y 1 A ARG 118 ? NH1 ? A ARG 105 NH1 
40 1 Y 1 A ARG 118 ? NH2 ? A ARG 105 NH2 
41 1 Y 1 A LYS 119 ? CG  ? A LYS 106 CG  
42 1 Y 1 A LYS 119 ? CD  ? A LYS 106 CD  
43 1 Y 1 A LYS 119 ? CE  ? A LYS 106 CE  
44 1 Y 1 A LYS 119 ? NZ  ? A LYS 106 NZ  
45 1 Y 1 A ASN 123 ? CG  ? A ASN 110 CG  
46 1 Y 1 A ASN 123 ? OD1 ? A ASN 110 OD1 
47 1 Y 1 A ASN 123 ? ND2 ? A ASN 110 ND2 
48 1 Y 1 A GLU 124 ? CG  ? A GLU 111 CG  
49 1 Y 1 A GLU 124 ? CD  ? A GLU 111 CD  
50 1 Y 1 A GLU 124 ? OE1 ? A GLU 111 OE1 
51 1 Y 1 A GLU 124 ? OE2 ? A GLU 111 OE2 
52 1 Y 1 A LYS 138 ? CG  ? A LYS 125 CG  
53 1 Y 1 A LYS 138 ? CD  ? A LYS 125 CD  
54 1 Y 1 A LYS 138 ? CE  ? A LYS 125 CE  
55 1 Y 1 A LYS 138 ? NZ  ? A LYS 125 NZ  
56 1 Y 1 A TYR 150 ? CG  ? A TYR 137 CG  
57 1 Y 1 A TYR 150 ? CD1 ? A TYR 137 CD1 
58 1 Y 1 A TYR 150 ? CD2 ? A TYR 137 CD2 
59 1 Y 1 A TYR 150 ? CE1 ? A TYR 137 CE1 
60 1 Y 1 A TYR 150 ? CE2 ? A TYR 137 CE2 
61 1 Y 1 A TYR 150 ? CZ  ? A TYR 137 CZ  
62 1 Y 1 A TYR 150 ? OH  ? A TYR 137 OH  
63 1 Y 1 A GLU 152 ? CG  ? A GLU 139 CG  
64 1 Y 1 A GLU 152 ? CD  ? A GLU 139 CD  
65 1 Y 1 A GLU 152 ? OE1 ? A GLU 139 OE1 
66 1 Y 1 A GLU 152 ? OE2 ? A GLU 139 OE2 
67 1 Y 1 A LYS 157 ? CG  ? A LYS 144 CG  
68 1 Y 1 A LYS 157 ? CD  ? A LYS 144 CD  
69 1 Y 1 A LYS 157 ? CE  ? A LYS 144 CE  
70 1 Y 1 A LYS 157 ? NZ  ? A LYS 144 NZ  
71 1 Y 1 A GLU 182 ? CG  ? A GLU 169 CG  
72 1 Y 1 A GLU 182 ? CD  ? A GLU 169 CD  
73 1 Y 1 A GLU 182 ? OE1 ? A GLU 169 OE1 
74 1 Y 1 A GLU 182 ? OE2 ? A GLU 169 OE2 
75 1 Y 1 A THR 183 ? OG1 ? A THR 170 OG1 
76 1 Y 1 A THR 183 ? CG2 ? A THR 170 CG2 
# 
loop_
_software.name 
_software.classification 
_software.version 
_software.citation_id 
_software.pdbx_ordinal 
REFMAC    refinement       5.2.0005 ? 1 
DENZO     'data reduction' .        ? 2 
SCALEPACK 'data scaling'   .        ? 3 
AMoRE     phasing          .        ? 4 
# 
_cell.entry_id           1Z0I 
_cell.length_a           36.295 
_cell.length_b           88.861 
_cell.length_c           118.030 
_cell.angle_alpha        90.00 
_cell.angle_beta         90.00 
_cell.angle_gamma        90.00 
_cell.Z_PDB              8 
_cell.pdbx_unique_axis   ? 
# 
_symmetry.entry_id                         1Z0I 
_symmetry.space_group_name_H-M             'C 2 2 21' 
_symmetry.pdbx_full_space_group_name_H-M   ? 
_symmetry.cell_setting                     ? 
_symmetry.Int_Tables_number                20 
_symmetry.space_group_name_Hall            ? 
# 
_exptl.entry_id          1Z0I 
_exptl.method            'X-RAY DIFFRACTION' 
_exptl.crystals_number   1 
# 
_exptl_crystal.id                    1 
_exptl_crystal.density_meas          ? 
_exptl_crystal.density_Matthews      2.79 
_exptl_crystal.density_percent_sol   55.61 
_exptl_crystal.description           ? 
_exptl_crystal.F_000                 ? 
_exptl_crystal.preparation           ? 
# 
_exptl_crystal_grow.crystal_id      1 
_exptl_crystal_grow.method          'VAPOR DIFFUSION, HANGING DROP' 
_exptl_crystal_grow.temp            277 
_exptl_crystal_grow.temp_details    ? 
_exptl_crystal_grow.pH              4.5 
_exptl_crystal_grow.pdbx_details    
'20% PEG 6000, 10% Glycerol, 200mM Na acetate, pH 4.5, VAPOR DIFFUSION, HANGING DROP, temperature 277K' 
_exptl_crystal_grow.pdbx_pH_range   . 
# 
_diffrn.id                     1 
_diffrn.ambient_temp           100 
_diffrn.ambient_temp_details   ? 
_diffrn.crystal_id             1 
# 
_diffrn_detector.diffrn_id              1 
_diffrn_detector.detector               'IMAGE PLATE' 
_diffrn_detector.type                   'MAR scanner 300 mm plate' 
_diffrn_detector.pdbx_collection_date   2004-03-13 
_diffrn_detector.details                'Osmic mirror' 
# 
_diffrn_radiation.diffrn_id                        1 
_diffrn_radiation.wavelength_id                    1 
_diffrn_radiation.pdbx_monochromatic_or_laue_m_l   M 
_diffrn_radiation.monochromator                    ? 
_diffrn_radiation.pdbx_diffrn_protocol             'SINGLE WAVELENGTH' 
_diffrn_radiation.pdbx_scattering_type             x-ray 
# 
_diffrn_radiation_wavelength.id           1 
_diffrn_radiation_wavelength.wavelength   1.5418 
_diffrn_radiation_wavelength.wt           1.0 
# 
_diffrn_source.diffrn_id                   1 
_diffrn_source.source                      'ROTATING ANODE' 
_diffrn_source.type                        'RIGAKU RUH3R' 
_diffrn_source.pdbx_synchrotron_site       ? 
_diffrn_source.pdbx_synchrotron_beamline   ? 
_diffrn_source.pdbx_wavelength             1.5418 
_diffrn_source.pdbx_wavelength_list        ? 
# 
_reflns.entry_id                     1Z0I 
_reflns.observed_criterion_sigma_F   0 
_reflns.observed_criterion_sigma_I   0 
_reflns.d_resolution_high            2.30 
_reflns.d_resolution_low             50 
_reflns.number_all                   ? 
_reflns.number_obs                   8301 
_reflns.percent_possible_obs         89.4 
_reflns.pdbx_Rmerge_I_obs            ? 
_reflns.pdbx_Rsym_value              0.159 
_reflns.pdbx_netI_over_sigmaI        17.4 
_reflns.B_iso_Wilson_estimate        41.3 
_reflns.pdbx_redundancy              2 
_reflns.R_free_details               ? 
_reflns.limit_h_max                  ? 
_reflns.limit_h_min                  ? 
_reflns.limit_k_max                  ? 
_reflns.limit_k_min                  ? 
_reflns.limit_l_max                  ? 
_reflns.limit_l_min                  ? 
_reflns.observed_criterion_F_max     ? 
_reflns.observed_criterion_F_min     ? 
_reflns.pdbx_chi_squared             ? 
_reflns.pdbx_scaling_rejects         ? 
_reflns.pdbx_diffrn_id               1 
_reflns.pdbx_ordinal                 1 
# 
_reflns_shell.d_res_high             2.30 
_reflns_shell.d_res_low              2.37 
_reflns_shell.percent_possible_all   75.9 
_reflns_shell.Rmerge_I_obs           ? 
_reflns_shell.pdbx_Rsym_value        0.448 
_reflns_shell.meanI_over_sigI_obs    4.3 
_reflns_shell.pdbx_redundancy        2 
_reflns_shell.percent_possible_obs   ? 
_reflns_shell.number_unique_all      543 
_reflns_shell.number_measured_all    ? 
_reflns_shell.number_measured_obs    ? 
_reflns_shell.number_unique_obs      ? 
_reflns_shell.pdbx_chi_squared       ? 
_reflns_shell.pdbx_diffrn_id         ? 
_reflns_shell.pdbx_ordinal           1 
# 
_refine.entry_id                                 1Z0I 
_refine.ls_number_reflns_obs                     7858 
_refine.ls_number_reflns_all                     7930 
_refine.pdbx_ls_sigma_I                          0 
_refine.pdbx_ls_sigma_F                          0 
_refine.pdbx_data_cutoff_high_absF               ? 
_refine.pdbx_data_cutoff_low_absF                ? 
_refine.pdbx_data_cutoff_high_rms_absF           ? 
_refine.ls_d_res_low                             12.00 
_refine.ls_d_res_high                            2.33 
_refine.ls_percent_reflns_obs                    97.65 
_refine.ls_R_factor_obs                          0.23162 
_refine.ls_R_factor_all                          0.245 
_refine.ls_R_factor_R_work                       0.22923 
_refine.ls_R_factor_R_free                       0.27844 
_refine.ls_R_factor_R_free_error                 ? 
_refine.ls_R_factor_R_free_error_details         ? 
_refine.ls_percent_reflns_R_free                 4.8 
_refine.ls_number_reflns_R_free                  394 
_refine.ls_number_parameters                     ? 
_refine.ls_number_restraints                     ? 
_refine.occupancy_min                            ? 
_refine.occupancy_max                            ? 
_refine.correlation_coeff_Fo_to_Fc               0.914 
_refine.correlation_coeff_Fo_to_Fc_free          0.886 
_refine.B_iso_mean                               29.533 
_refine.aniso_B[1][1]                            -0.29 
_refine.aniso_B[2][2]                            -1.02 
_refine.aniso_B[3][3]                            1.32 
_refine.aniso_B[1][2]                            0.00 
_refine.aniso_B[1][3]                            0.00 
_refine.aniso_B[2][3]                            0.00 
_refine.solvent_model_details                    'BABINET MODEL WITH MASK' 
_refine.solvent_model_param_ksol                 ? 
_refine.solvent_model_param_bsol                 ? 
_refine.pdbx_solvent_vdw_probe_radii             1.20 
_refine.pdbx_solvent_ion_probe_radii             0.80 
_refine.pdbx_solvent_shrinkage_radii             0.80 
_refine.pdbx_ls_cross_valid_method               THROUGHOUT 
_refine.details                                  'HYDROGENS HAVE BEEN ADDED IN THE RIDING POSITIONS' 
_refine.pdbx_starting_model                      'Polyalanine Rab21' 
_refine.pdbx_method_to_determine_struct          'MOLECULAR REPLACEMENT' 
_refine.pdbx_isotropic_thermal_model             ? 
_refine.pdbx_stereochemistry_target_values       'MAXIMUM LIKELIHOOD' 
_refine.pdbx_stereochem_target_val_spec_case     ? 
_refine.pdbx_R_Free_selection_details            RANDOM 
_refine.pdbx_overall_ESU_R                       0.412 
_refine.pdbx_overall_ESU_R_Free                  0.277 
_refine.overall_SU_ML                            0.200 
_refine.overall_SU_B                             8.252 
_refine.ls_redundancy_reflns_obs                 ? 
_refine.B_iso_min                                ? 
_refine.B_iso_max                                ? 
_refine.overall_SU_R_Cruickshank_DPI             ? 
_refine.overall_SU_R_free                        ? 
_refine.ls_wR_factor_R_free                      ? 
_refine.ls_wR_factor_R_work                      ? 
_refine.overall_FOM_free_R_set                   ? 
_refine.overall_FOM_work_R_set                   ? 
_refine.pdbx_refine_id                           'X-RAY DIFFRACTION' 
_refine.pdbx_diffrn_id                           1 
_refine.pdbx_TLS_residual_ADP_flag               ? 
_refine.pdbx_overall_phase_error                 ? 
_refine.pdbx_overall_SU_R_free_Cruickshank_DPI   ? 
_refine.pdbx_overall_SU_R_Blow_DPI               ? 
_refine.pdbx_overall_SU_R_free_Blow_DPI          ? 
# 
_refine_hist.pdbx_refine_id                   'X-RAY DIFFRACTION' 
_refine_hist.cycle_id                         LAST 
_refine_hist.pdbx_number_atoms_protein        1188 
_refine_hist.pdbx_number_atoms_nucleic_acid   0 
_refine_hist.pdbx_number_atoms_ligand         29 
_refine_hist.number_atoms_solvent             147 
_refine_hist.number_atoms_total               1364 
_refine_hist.d_res_high                       2.33 
_refine_hist.d_res_low                        12.00 
# 
loop_
_refine_ls_restr.type 
_refine_ls_restr.dev_ideal 
_refine_ls_restr.dev_ideal_target 
_refine_ls_restr.weight 
_refine_ls_restr.number 
_refine_ls_restr.pdbx_refine_id 
_refine_ls_restr.pdbx_restraint_function 
r_bond_refined_d             0.011  0.022  ? 1236 'X-RAY DIFFRACTION' ? 
r_bond_other_d               ?      ?      ? ?    'X-RAY DIFFRACTION' ? 
r_angle_refined_deg          1.406  1.972  ? 1680 'X-RAY DIFFRACTION' ? 
r_angle_other_deg            ?      ?      ? ?    'X-RAY DIFFRACTION' ? 
r_dihedral_angle_1_deg       5.445  5.000  ? 156  'X-RAY DIFFRACTION' ? 
r_dihedral_angle_2_deg       36.995 24.898 ? 49   'X-RAY DIFFRACTION' ? 
r_dihedral_angle_3_deg       15.859 15.000 ? 199  'X-RAY DIFFRACTION' ? 
r_dihedral_angle_4_deg       20.490 15.000 ? 4    'X-RAY DIFFRACTION' ? 
r_chiral_restr               0.082  0.200  ? 198  'X-RAY DIFFRACTION' ? 
r_gen_planes_refined         0.004  0.020  ? 895  'X-RAY DIFFRACTION' ? 
r_gen_planes_other           ?      ?      ? ?    'X-RAY DIFFRACTION' ? 
r_nbd_refined                0.209  0.200  ? 527  'X-RAY DIFFRACTION' ? 
r_nbd_other                  ?      ?      ? ?    'X-RAY DIFFRACTION' ? 
r_nbtor_refined              0.286  0.200  ? 833  'X-RAY DIFFRACTION' ? 
r_nbtor_other                ?      ?      ? ?    'X-RAY DIFFRACTION' ? 
r_xyhbond_nbd_refined        0.226  0.200  ? 124  'X-RAY DIFFRACTION' ? 
r_xyhbond_nbd_other          ?      ?      ? ?    'X-RAY DIFFRACTION' ? 
r_metal_ion_refined          0.065  0.200  ? 1    'X-RAY DIFFRACTION' ? 
r_metal_ion_other            ?      ?      ? ?    'X-RAY DIFFRACTION' ? 
r_symmetry_vdw_refined       0.222  0.200  ? 17   'X-RAY DIFFRACTION' ? 
r_symmetry_vdw_other         ?      ?      ? ?    'X-RAY DIFFRACTION' ? 
r_symmetry_hbond_refined     0.277  0.200  ? 24   'X-RAY DIFFRACTION' ? 
r_symmetry_hbond_other       ?      ?      ? ?    'X-RAY DIFFRACTION' ? 
r_symmetry_metal_ion_refined ?      ?      ? ?    'X-RAY DIFFRACTION' ? 
r_symmetry_metal_ion_other   ?      ?      ? ?    'X-RAY DIFFRACTION' ? 
r_mcbond_it                  0.523  1.500  ? 808  'X-RAY DIFFRACTION' ? 
r_mcbond_other               ?      ?      ? ?    'X-RAY DIFFRACTION' ? 
r_mcangle_it                 0.910  2.000  ? 1233 'X-RAY DIFFRACTION' ? 
r_scbond_it                  1.263  3.000  ? 512  'X-RAY DIFFRACTION' ? 
r_scangle_it                 1.994  4.500  ? 447  'X-RAY DIFFRACTION' ? 
r_rigid_bond_restr           ?      ?      ? ?    'X-RAY DIFFRACTION' ? 
r_sphericity_free            ?      ?      ? ?    'X-RAY DIFFRACTION' ? 
r_sphericity_bonded          ?      ?      ? ?    'X-RAY DIFFRACTION' ? 
# 
_refine_ls_shell.pdbx_total_number_of_bins_used   20 
_refine_ls_shell.d_res_high                       2.330 
_refine_ls_shell.d_res_low                        2.388 
_refine_ls_shell.number_reflns_R_work             554 
_refine_ls_shell.R_factor_R_work                  0.265 
_refine_ls_shell.percent_reflns_obs               95.67 
_refine_ls_shell.R_factor_R_free                  0.324 
_refine_ls_shell.R_factor_R_free_error            ? 
_refine_ls_shell.percent_reflns_R_free            ? 
_refine_ls_shell.number_reflns_R_free             21 
_refine_ls_shell.number_reflns_obs                ? 
_refine_ls_shell.redundancy_reflns_obs            ? 
_refine_ls_shell.number_reflns_all                ? 
_refine_ls_shell.pdbx_refine_id                   'X-RAY DIFFRACTION' 
_refine_ls_shell.R_factor_all                     ? 
# 
_struct.entry_id                  1Z0I 
_struct.title                     'GDP-Bound Rab21 GTPase' 
_struct.pdbx_model_details        ? 
_struct.pdbx_CASP_flag            ? 
_struct.pdbx_model_type_details   ? 
# 
_struct_keywords.entry_id        1Z0I 
_struct_keywords.pdbx_keywords   'PROTEIN TRANSPORT' 
_struct_keywords.text            'Rab GTPase, Rab21, Vesicular trafficking, Protein Transport' 
# 
loop_
_struct_asym.id 
_struct_asym.pdbx_blank_PDB_chainid_flag 
_struct_asym.pdbx_modified 
_struct_asym.entity_id 
_struct_asym.details 
A N N 1 ? 
B N N 2 ? 
C N N 3 ? 
D N N 4 ? 
# 
_struct_ref.id                         1 
_struct_ref.db_name                    UNP 
_struct_ref.db_code                    RAB21_HUMAN 
_struct_ref.pdbx_db_accession          Q9UL25 
_struct_ref.entity_id                  1 
_struct_ref.pdbx_seq_one_letter_code   
;RAYSFKVVLLGEGCVGKTSLVLRYCENKFNDKHITTLQASFLTKKLNIGGKRVNLAIWDTAGQERFHALGPIYYRDSNGA
ILVYDITDEDSFQKVKNWVKELRKMLGNEICLCIVGNKIDLEKERHVSIQEAESYAESVGAKHYHTSAKQNKGIEELFLD
LCKRMIET
;
_struct_ref.pdbx_align_begin           16 
_struct_ref.pdbx_db_isoform            ? 
# 
_struct_ref_seq.align_id                      1 
_struct_ref_seq.ref_id                        1 
_struct_ref_seq.pdbx_PDB_id_code              1Z0I 
_struct_ref_seq.pdbx_strand_id                A 
_struct_ref_seq.seq_align_beg                 3 
_struct_ref_seq.pdbx_seq_align_beg_ins_code   ? 
_struct_ref_seq.seq_align_end                 170 
_struct_ref_seq.pdbx_seq_align_end_ins_code   ? 
_struct_ref_seq.pdbx_db_accession             Q9UL25 
_struct_ref_seq.db_align_beg                  16 
_struct_ref_seq.pdbx_db_align_beg_ins_code    ? 
_struct_ref_seq.db_align_end                  183 
_struct_ref_seq.pdbx_db_align_end_ins_code    ? 
_struct_ref_seq.pdbx_auth_seq_align_beg       16 
_struct_ref_seq.pdbx_auth_seq_align_end       183 
# 
loop_
_struct_ref_seq_dif.align_id 
_struct_ref_seq_dif.pdbx_pdb_id_code 
_struct_ref_seq_dif.mon_id 
_struct_ref_seq_dif.pdbx_pdb_strand_id 
_struct_ref_seq_dif.seq_num 
_struct_ref_seq_dif.pdbx_pdb_ins_code 
_struct_ref_seq_dif.pdbx_seq_db_name 
_struct_ref_seq_dif.pdbx_seq_db_accession_code 
_struct_ref_seq_dif.db_mon_id 
_struct_ref_seq_dif.pdbx_seq_db_seq_num 
_struct_ref_seq_dif.details 
_struct_ref_seq_dif.pdbx_auth_seq_num 
_struct_ref_seq_dif.pdbx_ordinal 
1 1Z0I GLY A 1 ? UNP Q9UL25 ? ? 'cloning artifact' 14 1 
1 1Z0I SER A 2 ? UNP Q9UL25 ? ? 'cloning artifact' 15 2 
# 
_pdbx_struct_assembly.id                   1 
_pdbx_struct_assembly.details              author_defined_assembly 
_pdbx_struct_assembly.method_details       ? 
_pdbx_struct_assembly.oligomeric_details   monomeric 
_pdbx_struct_assembly.oligomeric_count     1 
# 
_pdbx_struct_assembly_gen.assembly_id       1 
_pdbx_struct_assembly_gen.oper_expression   1 
_pdbx_struct_assembly_gen.asym_id_list      A,B,C,D 
# 
_pdbx_struct_oper_list.id                   1 
_pdbx_struct_oper_list.type                 'identity operation' 
_pdbx_struct_oper_list.name                 1_555 
_pdbx_struct_oper_list.symmetry_operation   x,y,z 
_pdbx_struct_oper_list.matrix[1][1]         1.0000000000 
_pdbx_struct_oper_list.matrix[1][2]         0.0000000000 
_pdbx_struct_oper_list.matrix[1][3]         0.0000000000 
_pdbx_struct_oper_list.vector[1]            0.0000000000 
_pdbx_struct_oper_list.matrix[2][1]         0.0000000000 
_pdbx_struct_oper_list.matrix[2][2]         1.0000000000 
_pdbx_struct_oper_list.matrix[2][3]         0.0000000000 
_pdbx_struct_oper_list.vector[2]            0.0000000000 
_pdbx_struct_oper_list.matrix[3][1]         0.0000000000 
_pdbx_struct_oper_list.matrix[3][2]         0.0000000000 
_pdbx_struct_oper_list.matrix[3][3]         1.0000000000 
_pdbx_struct_oper_list.vector[3]            0.0000000000 
# 
_struct_biol.id                    1 
_struct_biol.pdbx_parent_biol_id   ? 
_struct_biol.details               ? 
# 
loop_
_struct_conf.conf_type_id 
_struct_conf.id 
_struct_conf.pdbx_PDB_helix_id 
_struct_conf.beg_label_comp_id 
_struct_conf.beg_label_asym_id 
_struct_conf.beg_label_seq_id 
_struct_conf.pdbx_beg_PDB_ins_code 
_struct_conf.end_label_comp_id 
_struct_conf.end_label_asym_id 
_struct_conf.end_label_seq_id 
_struct_conf.pdbx_end_PDB_ins_code 
_struct_conf.beg_auth_comp_id 
_struct_conf.beg_auth_asym_id 
_struct_conf.beg_auth_seq_id 
_struct_conf.end_auth_comp_id 
_struct_conf.end_auth_asym_id 
_struct_conf.end_auth_seq_id 
_struct_conf.pdbx_PDB_helix_class 
_struct_conf.details 
_struct_conf.pdbx_PDB_helix_length 
HELX_P HELX_P1 1 GLY A 18  ? ASN A 29  ? GLY A 31  ASN A 42  1 ? 12 
HELX_P HELX_P2 2 ASP A 90  ? LYS A 96  ? ASP A 103 LYS A 109 1 ? 7  
HELX_P HELX_P3 3 LYS A 96  ? LEU A 108 ? LYS A 109 LEU A 121 1 ? 13 
HELX_P HELX_P4 4 ILE A 121 ? ARG A 127 ? ILE A 134 ARG A 140 5 ? 7  
HELX_P HELX_P5 5 SER A 130 ? VAL A 141 ? SER A 143 VAL A 154 1 ? 12 
HELX_P HELX_P6 6 GLY A 155 ? THR A 170 ? GLY A 168 THR A 183 1 ? 16 
# 
_struct_conf_type.id          HELX_P 
_struct_conf_type.criteria    ? 
_struct_conf_type.reference   ? 
# 
loop_
_struct_conn.id 
_struct_conn.conn_type_id 
_struct_conn.pdbx_leaving_atom_flag 
_struct_conn.pdbx_PDB_id 
_struct_conn.ptnr1_label_asym_id 
_struct_conn.ptnr1_label_comp_id 
_struct_conn.ptnr1_label_seq_id 
_struct_conn.ptnr1_label_atom_id 
_struct_conn.pdbx_ptnr1_label_alt_id 
_struct_conn.pdbx_ptnr1_PDB_ins_code 
_struct_conn.pdbx_ptnr1_standard_comp_id 
_struct_conn.ptnr1_symmetry 
_struct_conn.ptnr2_label_asym_id 
_struct_conn.ptnr2_label_comp_id 
_struct_conn.ptnr2_label_seq_id 
_struct_conn.ptnr2_label_atom_id 
_struct_conn.pdbx_ptnr2_label_alt_id 
_struct_conn.pdbx_ptnr2_PDB_ins_code 
_struct_conn.ptnr1_auth_asym_id 
_struct_conn.ptnr1_auth_comp_id 
_struct_conn.ptnr1_auth_seq_id 
_struct_conn.ptnr2_auth_asym_id 
_struct_conn.ptnr2_auth_comp_id 
_struct_conn.ptnr2_auth_seq_id 
_struct_conn.ptnr2_symmetry 
_struct_conn.pdbx_ptnr3_label_atom_id 
_struct_conn.pdbx_ptnr3_label_seq_id 
_struct_conn.pdbx_ptnr3_label_comp_id 
_struct_conn.pdbx_ptnr3_label_asym_id 
_struct_conn.pdbx_ptnr3_label_alt_id 
_struct_conn.pdbx_ptnr3_PDB_ins_code 
_struct_conn.details 
_struct_conn.pdbx_dist_value 
_struct_conn.pdbx_value_order 
_struct_conn.pdbx_role 
metalc1 metalc ? ? A THR 20 OG1 ? ? ? 1_555 B MG  . MG ? ? A THR 33  A MG  201 1_555 ? ? ? ? ? ? ? 2.143 ? ? 
metalc2 metalc ? ? C GDP .  O3B ? ? ? 1_555 B MG  . MG ? ? A GDP 200 A MG  201 1_555 ? ? ? ? ? ? ? 2.283 ? ? 
metalc3 metalc ? ? B MG  .  MG  ? ? ? 1_555 D HOH . O  ? ? A MG  201 A HOH 217 1_555 ? ? ? ? ? ? ? 2.506 ? ? 
metalc4 metalc ? ? B MG  .  MG  ? ? ? 1_555 D HOH . O  ? ? A MG  201 A HOH 222 1_555 ? ? ? ? ? ? ? 1.926 ? ? 
metalc5 metalc ? ? B MG  .  MG  ? ? ? 1_555 D HOH . O  ? ? A MG  201 A HOH 228 1_555 ? ? ? ? ? ? ? 2.413 ? ? 
metalc6 metalc ? ? B MG  .  MG  ? ? ? 1_555 D HOH . O  ? ? A MG  201 A HOH 229 1_555 ? ? ? ? ? ? ? 2.202 ? ? 
# 
_struct_conn_type.id          metalc 
_struct_conn_type.criteria    ? 
_struct_conn_type.reference   ? 
# 
loop_
_pdbx_struct_conn_angle.id 
_pdbx_struct_conn_angle.ptnr1_label_atom_id 
_pdbx_struct_conn_angle.ptnr1_label_alt_id 
_pdbx_struct_conn_angle.ptnr1_label_asym_id 
_pdbx_struct_conn_angle.ptnr1_label_comp_id 
_pdbx_struct_conn_angle.ptnr1_label_seq_id 
_pdbx_struct_conn_angle.ptnr1_auth_atom_id 
_pdbx_struct_conn_angle.ptnr1_auth_asym_id 
_pdbx_struct_conn_angle.ptnr1_auth_comp_id 
_pdbx_struct_conn_angle.ptnr1_auth_seq_id 
_pdbx_struct_conn_angle.ptnr1_PDB_ins_code 
_pdbx_struct_conn_angle.ptnr1_symmetry 
_pdbx_struct_conn_angle.ptnr2_label_atom_id 
_pdbx_struct_conn_angle.ptnr2_label_alt_id 
_pdbx_struct_conn_angle.ptnr2_label_asym_id 
_pdbx_struct_conn_angle.ptnr2_label_comp_id 
_pdbx_struct_conn_angle.ptnr2_label_seq_id 
_pdbx_struct_conn_angle.ptnr2_auth_atom_id 
_pdbx_struct_conn_angle.ptnr2_auth_asym_id 
_pdbx_struct_conn_angle.ptnr2_auth_comp_id 
_pdbx_struct_conn_angle.ptnr2_auth_seq_id 
_pdbx_struct_conn_angle.ptnr2_PDB_ins_code 
_pdbx_struct_conn_angle.ptnr2_symmetry 
_pdbx_struct_conn_angle.ptnr3_label_atom_id 
_pdbx_struct_conn_angle.ptnr3_label_alt_id 
_pdbx_struct_conn_angle.ptnr3_label_asym_id 
_pdbx_struct_conn_angle.ptnr3_label_comp_id 
_pdbx_struct_conn_angle.ptnr3_label_seq_id 
_pdbx_struct_conn_angle.ptnr3_auth_atom_id 
_pdbx_struct_conn_angle.ptnr3_auth_asym_id 
_pdbx_struct_conn_angle.ptnr3_auth_comp_id 
_pdbx_struct_conn_angle.ptnr3_auth_seq_id 
_pdbx_struct_conn_angle.ptnr3_PDB_ins_code 
_pdbx_struct_conn_angle.ptnr3_symmetry 
_pdbx_struct_conn_angle.value 
_pdbx_struct_conn_angle.value_esd 
1  OG1 ? A THR 20 ? A THR 33  ? 1_555 MG ? B MG . ? A MG 201 ? 1_555 O3B ? C GDP . ? A GDP 200 ? 1_555 81.1  ? 
2  OG1 ? A THR 20 ? A THR 33  ? 1_555 MG ? B MG . ? A MG 201 ? 1_555 O   ? D HOH . ? A HOH 217 ? 1_555 168.6 ? 
3  O3B ? C GDP .  ? A GDP 200 ? 1_555 MG ? B MG . ? A MG 201 ? 1_555 O   ? D HOH . ? A HOH 217 ? 1_555 88.1  ? 
4  OG1 ? A THR 20 ? A THR 33  ? 1_555 MG ? B MG . ? A MG 201 ? 1_555 O   ? D HOH . ? A HOH 222 ? 1_555 97.4  ? 
5  O3B ? C GDP .  ? A GDP 200 ? 1_555 MG ? B MG . ? A MG 201 ? 1_555 O   ? D HOH . ? A HOH 222 ? 1_555 170.7 ? 
6  O   ? D HOH .  ? A HOH 217 ? 1_555 MG ? B MG . ? A MG 201 ? 1_555 O   ? D HOH . ? A HOH 222 ? 1_555 92.6  ? 
7  OG1 ? A THR 20 ? A THR 33  ? 1_555 MG ? B MG . ? A MG 201 ? 1_555 O   ? D HOH . ? A HOH 228 ? 1_555 82.0  ? 
8  O3B ? C GDP .  ? A GDP 200 ? 1_555 MG ? B MG . ? A MG 201 ? 1_555 O   ? D HOH . ? A HOH 228 ? 1_555 86.1  ? 
9  O   ? D HOH .  ? A HOH 217 ? 1_555 MG ? B MG . ? A MG 201 ? 1_555 O   ? D HOH . ? A HOH 228 ? 1_555 93.6  ? 
10 O   ? D HOH .  ? A HOH 222 ? 1_555 MG ? B MG . ? A MG 201 ? 1_555 O   ? D HOH . ? A HOH 228 ? 1_555 84.6  ? 
11 OG1 ? A THR 20 ? A THR 33  ? 1_555 MG ? B MG . ? A MG 201 ? 1_555 O   ? D HOH . ? A HOH 229 ? 1_555 87.3  ? 
12 O3B ? C GDP .  ? A GDP 200 ? 1_555 MG ? B MG . ? A MG 201 ? 1_555 O   ? D HOH . ? A HOH 229 ? 1_555 90.4  ? 
13 O   ? D HOH .  ? A HOH 217 ? 1_555 MG ? B MG . ? A MG 201 ? 1_555 O   ? D HOH . ? A HOH 229 ? 1_555 96.6  ? 
14 O   ? D HOH .  ? A HOH 222 ? 1_555 MG ? B MG . ? A MG 201 ? 1_555 O   ? D HOH . ? A HOH 229 ? 1_555 98.7  ? 
15 O   ? D HOH .  ? A HOH 228 ? 1_555 MG ? B MG . ? A MG 201 ? 1_555 O   ? D HOH . ? A HOH 229 ? 1_555 169.1 ? 
# 
_struct_sheet.id               A 
_struct_sheet.type             ? 
_struct_sheet.number_strands   6 
_struct_sheet.details          ? 
# 
loop_
_struct_sheet_order.sheet_id 
_struct_sheet_order.range_id_1 
_struct_sheet_order.range_id_2 
_struct_sheet_order.offset 
_struct_sheet_order.sense 
A 1 2 ? anti-parallel 
A 2 3 ? parallel      
A 3 4 ? parallel      
A 4 5 ? parallel      
A 5 6 ? parallel      
# 
loop_
_struct_sheet_range.sheet_id 
_struct_sheet_range.id 
_struct_sheet_range.beg_label_comp_id 
_struct_sheet_range.beg_label_asym_id 
_struct_sheet_range.beg_label_seq_id 
_struct_sheet_range.pdbx_beg_PDB_ins_code 
_struct_sheet_range.end_label_comp_id 
_struct_sheet_range.end_label_asym_id 
_struct_sheet_range.end_label_seq_id 
_struct_sheet_range.pdbx_end_PDB_ins_code 
_struct_sheet_range.beg_auth_comp_id 
_struct_sheet_range.beg_auth_asym_id 
_struct_sheet_range.beg_auth_seq_id 
_struct_sheet_range.end_auth_comp_id 
_struct_sheet_range.end_auth_asym_id 
_struct_sheet_range.end_auth_seq_id 
A 1 PHE A 43  ? ILE A 50  ? PHE A 56  ILE A 63  
A 2 LYS A 53  ? TRP A 60  ? LYS A 66  TRP A 73  
A 3 TYR A 5   ? LEU A 12  ? TYR A 18  LEU A 25  
A 4 GLY A 81  ? ASP A 87  ? GLY A 94  ASP A 100 
A 5 CYS A 113 ? ASN A 119 ? CYS A 126 ASN A 132 
A 6 LYS A 144 ? THR A 148 ? LYS A 157 THR A 161 
# 
loop_
_pdbx_struct_sheet_hbond.sheet_id 
_pdbx_struct_sheet_hbond.range_id_1 
_pdbx_struct_sheet_hbond.range_id_2 
_pdbx_struct_sheet_hbond.range_1_label_atom_id 
_pdbx_struct_sheet_hbond.range_1_label_comp_id 
_pdbx_struct_sheet_hbond.range_1_label_asym_id 
_pdbx_struct_sheet_hbond.range_1_label_seq_id 
_pdbx_struct_sheet_hbond.range_1_PDB_ins_code 
_pdbx_struct_sheet_hbond.range_1_auth_atom_id 
_pdbx_struct_sheet_hbond.range_1_auth_comp_id 
_pdbx_struct_sheet_hbond.range_1_auth_asym_id 
_pdbx_struct_sheet_hbond.range_1_auth_seq_id 
_pdbx_struct_sheet_hbond.range_2_label_atom_id 
_pdbx_struct_sheet_hbond.range_2_label_comp_id 
_pdbx_struct_sheet_hbond.range_2_label_asym_id 
_pdbx_struct_sheet_hbond.range_2_label_seq_id 
_pdbx_struct_sheet_hbond.range_2_PDB_ins_code 
_pdbx_struct_sheet_hbond.range_2_auth_atom_id 
_pdbx_struct_sheet_hbond.range_2_auth_comp_id 
_pdbx_struct_sheet_hbond.range_2_auth_asym_id 
_pdbx_struct_sheet_hbond.range_2_auth_seq_id 
A 1 2 N LYS A 46  ? N LYS A 59  O LEU A 57  ? O LEU A 70  
A 2 3 O ASN A 56  ? O ASN A 69  N TYR A 5   ? N TYR A 18  
A 3 4 N VAL A 10  ? N VAL A 23  O ILE A 83  ? O ILE A 96  
A 4 5 N ALA A 82  ? N ALA A 95  O CYS A 115 ? O CYS A 128 
A 5 6 N ILE A 116 ? N ILE A 129 O LYS A 144 ? O LYS A 157 
# 
loop_
_struct_site.id 
_struct_site.pdbx_evidence_code 
_struct_site.pdbx_auth_asym_id 
_struct_site.pdbx_auth_comp_id 
_struct_site.pdbx_auth_seq_id 
_struct_site.pdbx_auth_ins_code 
_struct_site.pdbx_num_residues 
_struct_site.details 
AC1 Software A MG  201 ? 6  'BINDING SITE FOR RESIDUE MG A 201'  
AC2 Software A GDP 200 ? 22 'BINDING SITE FOR RESIDUE GDP A 200' 
# 
loop_
_struct_site_gen.id 
_struct_site_gen.site_id 
_struct_site_gen.pdbx_num_res 
_struct_site_gen.label_comp_id 
_struct_site_gen.label_asym_id 
_struct_site_gen.label_seq_id 
_struct_site_gen.pdbx_auth_ins_code 
_struct_site_gen.auth_comp_id 
_struct_site_gen.auth_asym_id 
_struct_site_gen.auth_seq_id 
_struct_site_gen.label_atom_id 
_struct_site_gen.label_alt_id 
_struct_site_gen.symmetry 
_struct_site_gen.details 
1  AC1 6  THR A 20  ? THR A 33  . ? 1_555 ? 
2  AC1 6  GDP C .   ? GDP A 200 . ? 1_555 ? 
3  AC1 6  HOH D .   ? HOH A 217 . ? 1_555 ? 
4  AC1 6  HOH D .   ? HOH A 222 . ? 1_555 ? 
5  AC1 6  HOH D .   ? HOH A 228 . ? 1_555 ? 
6  AC1 6  HOH D .   ? HOH A 229 . ? 1_555 ? 
7  AC2 22 CYS A 16  ? CYS A 29  . ? 1_555 ? 
8  AC2 22 VAL A 17  ? VAL A 30  . ? 1_555 ? 
9  AC2 22 GLY A 18  ? GLY A 31  . ? 1_555 ? 
10 AC2 22 LYS A 19  ? LYS A 32  . ? 1_555 ? 
11 AC2 22 THR A 20  ? THR A 33  . ? 1_555 ? 
12 AC2 22 SER A 21  ? SER A 34  . ? 1_555 ? 
13 AC2 22 PHE A 31  ? PHE A 44  . ? 1_555 ? 
14 AC2 22 ASN A 32  ? ASN A 45  . ? 1_555 ? 
15 AC2 22 ASP A 33  ? ASP A 46  . ? 1_555 ? 
16 AC2 22 ASN A 119 ? ASN A 132 . ? 1_555 ? 
17 AC2 22 LYS A 120 ? LYS A 133 . ? 1_555 ? 
18 AC2 22 ASP A 122 ? ASP A 135 . ? 1_555 ? 
19 AC2 22 LEU A 123 ? LEU A 136 . ? 1_555 ? 
20 AC2 22 HIS A 128 ? HIS A 141 . ? 8_555 ? 
21 AC2 22 SER A 149 ? SER A 162 . ? 1_555 ? 
22 AC2 22 ALA A 150 ? ALA A 163 . ? 1_555 ? 
23 AC2 22 LYS A 151 ? LYS A 164 . ? 1_555 ? 
24 AC2 22 MG  B .   ? MG  A 201 . ? 1_555 ? 
25 AC2 22 HOH D .   ? HOH A 217 . ? 1_555 ? 
26 AC2 22 HOH D .   ? HOH A 228 . ? 1_555 ? 
27 AC2 22 HOH D .   ? HOH A 257 . ? 1_555 ? 
28 AC2 22 HOH D .   ? HOH A 344 . ? 1_555 ? 
# 
loop_
_pdbx_validate_close_contact.id 
_pdbx_validate_close_contact.PDB_model_num 
_pdbx_validate_close_contact.auth_atom_id_1 
_pdbx_validate_close_contact.auth_asym_id_1 
_pdbx_validate_close_contact.auth_comp_id_1 
_pdbx_validate_close_contact.auth_seq_id_1 
_pdbx_validate_close_contact.PDB_ins_code_1 
_pdbx_validate_close_contact.label_alt_id_1 
_pdbx_validate_close_contact.auth_atom_id_2 
_pdbx_validate_close_contact.auth_asym_id_2 
_pdbx_validate_close_contact.auth_comp_id_2 
_pdbx_validate_close_contact.auth_seq_id_2 
_pdbx_validate_close_contact.PDB_ins_code_2 
_pdbx_validate_close_contact.label_alt_id_2 
_pdbx_validate_close_contact.dist 
1 1 O A HOH 220 ? ? O A HOH 251 ? ? 2.08 
2 1 O A HOH 209 ? ? O A HOH 344 ? ? 2.16 
3 1 O A HOH 216 ? ? O A HOH 220 ? ? 2.16 
# 
_pdbx_validate_symm_contact.id                1 
_pdbx_validate_symm_contact.PDB_model_num     1 
_pdbx_validate_symm_contact.auth_atom_id_1    O 
_pdbx_validate_symm_contact.auth_asym_id_1    A 
_pdbx_validate_symm_contact.auth_comp_id_1    HOH 
_pdbx_validate_symm_contact.auth_seq_id_1     324 
_pdbx_validate_symm_contact.PDB_ins_code_1    ? 
_pdbx_validate_symm_contact.label_alt_id_1    ? 
_pdbx_validate_symm_contact.site_symmetry_1   1_555 
_pdbx_validate_symm_contact.auth_atom_id_2    O 
_pdbx_validate_symm_contact.auth_asym_id_2    A 
_pdbx_validate_symm_contact.auth_comp_id_2    HOH 
_pdbx_validate_symm_contact.auth_seq_id_2     331 
_pdbx_validate_symm_contact.PDB_ins_code_2    ? 
_pdbx_validate_symm_contact.label_alt_id_2    ? 
_pdbx_validate_symm_contact.site_symmetry_2   8_555 
_pdbx_validate_symm_contact.dist              2.18 
# 
loop_
_pdbx_validate_torsion.id 
_pdbx_validate_torsion.PDB_model_num 
_pdbx_validate_torsion.auth_comp_id 
_pdbx_validate_torsion.auth_asym_id 
_pdbx_validate_torsion.auth_seq_id 
_pdbx_validate_torsion.PDB_ins_code 
_pdbx_validate_torsion.label_alt_id 
_pdbx_validate_torsion.phi 
_pdbx_validate_torsion.psi 
1 1 CYS A 29  ? ? 82.24   -4.24  
2 1 GLN A 53  ? ? -94.05  32.92  
3 1 LYS A 115 ? ? -79.04  42.38  
4 1 GLU A 116 ? ? -150.47 -39.32 
5 1 ASN A 123 ? ? -60.18  14.87  
6 1 LYS A 133 ? ? 86.23   37.95  
# 
loop_
_pdbx_unobs_or_zero_occ_residues.id 
_pdbx_unobs_or_zero_occ_residues.PDB_model_num 
_pdbx_unobs_or_zero_occ_residues.polymer_flag 
_pdbx_unobs_or_zero_occ_residues.occupancy_flag 
_pdbx_unobs_or_zero_occ_residues.auth_asym_id 
_pdbx_unobs_or_zero_occ_residues.auth_comp_id 
_pdbx_unobs_or_zero_occ_residues.auth_seq_id 
_pdbx_unobs_or_zero_occ_residues.PDB_ins_code 
_pdbx_unobs_or_zero_occ_residues.label_asym_id 
_pdbx_unobs_or_zero_occ_residues.label_comp_id 
_pdbx_unobs_or_zero_occ_residues.label_seq_id 
1  1 Y 1 A GLY 14 ? A GLY 1  
2  1 Y 1 A SER 15 ? A SER 2  
3  1 Y 1 A ARG 16 ? A ARG 3  
4  1 Y 1 A GLY 77 ? A GLY 64 
5  1 Y 1 A GLN 78 ? A GLN 65 
6  1 Y 1 A GLU 79 ? A GLU 66 
7  1 Y 1 A ARG 80 ? A ARG 67 
8  1 Y 1 A PHE 81 ? A PHE 68 
9  1 Y 1 A HIS 82 ? A HIS 69 
10 1 Y 1 A ALA 83 ? A ALA 70 
11 1 Y 1 A LEU 84 ? A LEU 71 
12 1 Y 1 A GLY 85 ? A GLY 72 
# 
loop_
_chem_comp_atom.comp_id 
_chem_comp_atom.atom_id 
_chem_comp_atom.type_symbol 
_chem_comp_atom.pdbx_aromatic_flag 
_chem_comp_atom.pdbx_stereo_config 
_chem_comp_atom.pdbx_ordinal 
ALA N      N  N N 1   
ALA CA     C  N S 2   
ALA C      C  N N 3   
ALA O      O  N N 4   
ALA CB     C  N N 5   
ALA OXT    O  N N 6   
ALA H      H  N N 7   
ALA H2     H  N N 8   
ALA HA     H  N N 9   
ALA HB1    H  N N 10  
ALA HB2    H  N N 11  
ALA HB3    H  N N 12  
ALA HXT    H  N N 13  
ARG N      N  N N 14  
ARG CA     C  N S 15  
ARG C      C  N N 16  
ARG O      O  N N 17  
ARG CB     C  N N 18  
ARG CG     C  N N 19  
ARG CD     C  N N 20  
ARG NE     N  N N 21  
ARG CZ     C  N N 22  
ARG NH1    N  N N 23  
ARG NH2    N  N N 24  
ARG OXT    O  N N 25  
ARG H      H  N N 26  
ARG H2     H  N N 27  
ARG HA     H  N N 28  
ARG HB2    H  N N 29  
ARG HB3    H  N N 30  
ARG HG2    H  N N 31  
ARG HG3    H  N N 32  
ARG HD2    H  N N 33  
ARG HD3    H  N N 34  
ARG HE     H  N N 35  
ARG HH11   H  N N 36  
ARG HH12   H  N N 37  
ARG HH21   H  N N 38  
ARG HH22   H  N N 39  
ARG HXT    H  N N 40  
ASN N      N  N N 41  
ASN CA     C  N S 42  
ASN C      C  N N 43  
ASN O      O  N N 44  
ASN CB     C  N N 45  
ASN CG     C  N N 46  
ASN OD1    O  N N 47  
ASN ND2    N  N N 48  
ASN OXT    O  N N 49  
ASN H      H  N N 50  
ASN H2     H  N N 51  
ASN HA     H  N N 52  
ASN HB2    H  N N 53  
ASN HB3    H  N N 54  
ASN HD21   H  N N 55  
ASN HD22   H  N N 56  
ASN HXT    H  N N 57  
ASP N      N  N N 58  
ASP CA     C  N S 59  
ASP C      C  N N 60  
ASP O      O  N N 61  
ASP CB     C  N N 62  
ASP CG     C  N N 63  
ASP OD1    O  N N 64  
ASP OD2    O  N N 65  
ASP OXT    O  N N 66  
ASP H      H  N N 67  
ASP H2     H  N N 68  
ASP HA     H  N N 69  
ASP HB2    H  N N 70  
ASP HB3    H  N N 71  
ASP HD2    H  N N 72  
ASP HXT    H  N N 73  
CYS N      N  N N 74  
CYS CA     C  N R 75  
CYS C      C  N N 76  
CYS O      O  N N 77  
CYS CB     C  N N 78  
CYS SG     S  N N 79  
CYS OXT    O  N N 80  
CYS H      H  N N 81  
CYS H2     H  N N 82  
CYS HA     H  N N 83  
CYS HB2    H  N N 84  
CYS HB3    H  N N 85  
CYS HG     H  N N 86  
CYS HXT    H  N N 87  
GDP PB     P  N N 88  
GDP O1B    O  N N 89  
GDP O2B    O  N N 90  
GDP O3B    O  N N 91  
GDP O3A    O  N N 92  
GDP PA     P  N N 93  
GDP O1A    O  N N 94  
GDP O2A    O  N N 95  
GDP "O5'"  O  N N 96  
GDP "C5'"  C  N N 97  
GDP "C4'"  C  N R 98  
GDP "O4'"  O  N N 99  
GDP "C3'"  C  N S 100 
GDP "O3'"  O  N N 101 
GDP "C2'"  C  N R 102 
GDP "O2'"  O  N N 103 
GDP "C1'"  C  N R 104 
GDP N9     N  Y N 105 
GDP C8     C  Y N 106 
GDP N7     N  Y N 107 
GDP C5     C  Y N 108 
GDP C6     C  N N 109 
GDP O6     O  N N 110 
GDP N1     N  N N 111 
GDP C2     C  N N 112 
GDP N2     N  N N 113 
GDP N3     N  N N 114 
GDP C4     C  Y N 115 
GDP HOB2   H  N N 116 
GDP HOB3   H  N N 117 
GDP HOA2   H  N N 118 
GDP "H5'"  H  N N 119 
GDP "H5''" H  N N 120 
GDP "H4'"  H  N N 121 
GDP "H3'"  H  N N 122 
GDP "HO3'" H  N N 123 
GDP "H2'"  H  N N 124 
GDP "HO2'" H  N N 125 
GDP "H1'"  H  N N 126 
GDP H8     H  N N 127 
GDP HN1    H  N N 128 
GDP HN21   H  N N 129 
GDP HN22   H  N N 130 
GLN N      N  N N 131 
GLN CA     C  N S 132 
GLN C      C  N N 133 
GLN O      O  N N 134 
GLN CB     C  N N 135 
GLN CG     C  N N 136 
GLN CD     C  N N 137 
GLN OE1    O  N N 138 
GLN NE2    N  N N 139 
GLN OXT    O  N N 140 
GLN H      H  N N 141 
GLN H2     H  N N 142 
GLN HA     H  N N 143 
GLN HB2    H  N N 144 
GLN HB3    H  N N 145 
GLN HG2    H  N N 146 
GLN HG3    H  N N 147 
GLN HE21   H  N N 148 
GLN HE22   H  N N 149 
GLN HXT    H  N N 150 
GLU N      N  N N 151 
GLU CA     C  N S 152 
GLU C      C  N N 153 
GLU O      O  N N 154 
GLU CB     C  N N 155 
GLU CG     C  N N 156 
GLU CD     C  N N 157 
GLU OE1    O  N N 158 
GLU OE2    O  N N 159 
GLU OXT    O  N N 160 
GLU H      H  N N 161 
GLU H2     H  N N 162 
GLU HA     H  N N 163 
GLU HB2    H  N N 164 
GLU HB3    H  N N 165 
GLU HG2    H  N N 166 
GLU HG3    H  N N 167 
GLU HE2    H  N N 168 
GLU HXT    H  N N 169 
GLY N      N  N N 170 
GLY CA     C  N N 171 
GLY C      C  N N 172 
GLY O      O  N N 173 
GLY OXT    O  N N 174 
GLY H      H  N N 175 
GLY H2     H  N N 176 
GLY HA2    H  N N 177 
GLY HA3    H  N N 178 
GLY HXT    H  N N 179 
HIS N      N  N N 180 
HIS CA     C  N S 181 
HIS C      C  N N 182 
HIS O      O  N N 183 
HIS CB     C  N N 184 
HIS CG     C  Y N 185 
HIS ND1    N  Y N 186 
HIS CD2    C  Y N 187 
HIS CE1    C  Y N 188 
HIS NE2    N  Y N 189 
HIS OXT    O  N N 190 
HIS H      H  N N 191 
HIS H2     H  N N 192 
HIS HA     H  N N 193 
HIS HB2    H  N N 194 
HIS HB3    H  N N 195 
HIS HD1    H  N N 196 
HIS HD2    H  N N 197 
HIS HE1    H  N N 198 
HIS HE2    H  N N 199 
HIS HXT    H  N N 200 
HOH O      O  N N 201 
HOH H1     H  N N 202 
HOH H2     H  N N 203 
ILE N      N  N N 204 
ILE CA     C  N S 205 
ILE C      C  N N 206 
ILE O      O  N N 207 
ILE CB     C  N S 208 
ILE CG1    C  N N 209 
ILE CG2    C  N N 210 
ILE CD1    C  N N 211 
ILE OXT    O  N N 212 
ILE H      H  N N 213 
ILE H2     H  N N 214 
ILE HA     H  N N 215 
ILE HB     H  N N 216 
ILE HG12   H  N N 217 
ILE HG13   H  N N 218 
ILE HG21   H  N N 219 
ILE HG22   H  N N 220 
ILE HG23   H  N N 221 
ILE HD11   H  N N 222 
ILE HD12   H  N N 223 
ILE HD13   H  N N 224 
ILE HXT    H  N N 225 
LEU N      N  N N 226 
LEU CA     C  N S 227 
LEU C      C  N N 228 
LEU O      O  N N 229 
LEU CB     C  N N 230 
LEU CG     C  N N 231 
LEU CD1    C  N N 232 
LEU CD2    C  N N 233 
LEU OXT    O  N N 234 
LEU H      H  N N 235 
LEU H2     H  N N 236 
LEU HA     H  N N 237 
LEU HB2    H  N N 238 
LEU HB3    H  N N 239 
LEU HG     H  N N 240 
LEU HD11   H  N N 241 
LEU HD12   H  N N 242 
LEU HD13   H  N N 243 
LEU HD21   H  N N 244 
LEU HD22   H  N N 245 
LEU HD23   H  N N 246 
LEU HXT    H  N N 247 
LYS N      N  N N 248 
LYS CA     C  N S 249 
LYS C      C  N N 250 
LYS O      O  N N 251 
LYS CB     C  N N 252 
LYS CG     C  N N 253 
LYS CD     C  N N 254 
LYS CE     C  N N 255 
LYS NZ     N  N N 256 
LYS OXT    O  N N 257 
LYS H      H  N N 258 
LYS H2     H  N N 259 
LYS HA     H  N N 260 
LYS HB2    H  N N 261 
LYS HB3    H  N N 262 
LYS HG2    H  N N 263 
LYS HG3    H  N N 264 
LYS HD2    H  N N 265 
LYS HD3    H  N N 266 
LYS HE2    H  N N 267 
LYS HE3    H  N N 268 
LYS HZ1    H  N N 269 
LYS HZ2    H  N N 270 
LYS HZ3    H  N N 271 
LYS HXT    H  N N 272 
MET N      N  N N 273 
MET CA     C  N S 274 
MET C      C  N N 275 
MET O      O  N N 276 
MET CB     C  N N 277 
MET CG     C  N N 278 
MET SD     S  N N 279 
MET CE     C  N N 280 
MET OXT    O  N N 281 
MET H      H  N N 282 
MET H2     H  N N 283 
MET HA     H  N N 284 
MET HB2    H  N N 285 
MET HB3    H  N N 286 
MET HG2    H  N N 287 
MET HG3    H  N N 288 
MET HE1    H  N N 289 
MET HE2    H  N N 290 
MET HE3    H  N N 291 
MET HXT    H  N N 292 
MG  MG     MG N N 293 
PHE N      N  N N 294 
PHE CA     C  N S 295 
PHE C      C  N N 296 
PHE O      O  N N 297 
PHE CB     C  N N 298 
PHE CG     C  Y N 299 
PHE CD1    C  Y N 300 
PHE CD2    C  Y N 301 
PHE CE1    C  Y N 302 
PHE CE2    C  Y N 303 
PHE CZ     C  Y N 304 
PHE OXT    O  N N 305 
PHE H      H  N N 306 
PHE H2     H  N N 307 
PHE HA     H  N N 308 
PHE HB2    H  N N 309 
PHE HB3    H  N N 310 
PHE HD1    H  N N 311 
PHE HD2    H  N N 312 
PHE HE1    H  N N 313 
PHE HE2    H  N N 314 
PHE HZ     H  N N 315 
PHE HXT    H  N N 316 
PRO N      N  N N 317 
PRO CA     C  N S 318 
PRO C      C  N N 319 
PRO O      O  N N 320 
PRO CB     C  N N 321 
PRO CG     C  N N 322 
PRO CD     C  N N 323 
PRO OXT    O  N N 324 
PRO H      H  N N 325 
PRO HA     H  N N 326 
PRO HB2    H  N N 327 
PRO HB3    H  N N 328 
PRO HG2    H  N N 329 
PRO HG3    H  N N 330 
PRO HD2    H  N N 331 
PRO HD3    H  N N 332 
PRO HXT    H  N N 333 
SER N      N  N N 334 
SER CA     C  N S 335 
SER C      C  N N 336 
SER O      O  N N 337 
SER CB     C  N N 338 
SER OG     O  N N 339 
SER OXT    O  N N 340 
SER H      H  N N 341 
SER H2     H  N N 342 
SER HA     H  N N 343 
SER HB2    H  N N 344 
SER HB3    H  N N 345 
SER HG     H  N N 346 
SER HXT    H  N N 347 
THR N      N  N N 348 
THR CA     C  N S 349 
THR C      C  N N 350 
THR O      O  N N 351 
THR CB     C  N R 352 
THR OG1    O  N N 353 
THR CG2    C  N N 354 
THR OXT    O  N N 355 
THR H      H  N N 356 
THR H2     H  N N 357 
THR HA     H  N N 358 
THR HB     H  N N 359 
THR HG1    H  N N 360 
THR HG21   H  N N 361 
THR HG22   H  N N 362 
THR HG23   H  N N 363 
THR HXT    H  N N 364 
TRP N      N  N N 365 
TRP CA     C  N S 366 
TRP C      C  N N 367 
TRP O      O  N N 368 
TRP CB     C  N N 369 
TRP CG     C  Y N 370 
TRP CD1    C  Y N 371 
TRP CD2    C  Y N 372 
TRP NE1    N  Y N 373 
TRP CE2    C  Y N 374 
TRP CE3    C  Y N 375 
TRP CZ2    C  Y N 376 
TRP CZ3    C  Y N 377 
TRP CH2    C  Y N 378 
TRP OXT    O  N N 379 
TRP H      H  N N 380 
TRP H2     H  N N 381 
TRP HA     H  N N 382 
TRP HB2    H  N N 383 
TRP HB3    H  N N 384 
TRP HD1    H  N N 385 
TRP HE1    H  N N 386 
TRP HE3    H  N N 387 
TRP HZ2    H  N N 388 
TRP HZ3    H  N N 389 
TRP HH2    H  N N 390 
TRP HXT    H  N N 391 
TYR N      N  N N 392 
TYR CA     C  N S 393 
TYR C      C  N N 394 
TYR O      O  N N 395 
TYR CB     C  N N 396 
TYR CG     C  Y N 397 
TYR CD1    C  Y N 398 
TYR CD2    C  Y N 399 
TYR CE1    C  Y N 400 
TYR CE2    C  Y N 401 
TYR CZ     C  Y N 402 
TYR OH     O  N N 403 
TYR OXT    O  N N 404 
TYR H      H  N N 405 
TYR H2     H  N N 406 
TYR HA     H  N N 407 
TYR HB2    H  N N 408 
TYR HB3    H  N N 409 
TYR HD1    H  N N 410 
TYR HD2    H  N N 411 
TYR HE1    H  N N 412 
TYR HE2    H  N N 413 
TYR HH     H  N N 414 
TYR HXT    H  N N 415 
VAL N      N  N N 416 
VAL CA     C  N S 417 
VAL C      C  N N 418 
VAL O      O  N N 419 
VAL CB     C  N N 420 
VAL CG1    C  N N 421 
VAL CG2    C  N N 422 
VAL OXT    O  N N 423 
VAL H      H  N N 424 
VAL H2     H  N N 425 
VAL HA     H  N N 426 
VAL HB     H  N N 427 
VAL HG11   H  N N 428 
VAL HG12   H  N N 429 
VAL HG13   H  N N 430 
VAL HG21   H  N N 431 
VAL HG22   H  N N 432 
VAL HG23   H  N N 433 
VAL HXT    H  N N 434 
# 
loop_
_chem_comp_bond.comp_id 
_chem_comp_bond.atom_id_1 
_chem_comp_bond.atom_id_2 
_chem_comp_bond.value_order 
_chem_comp_bond.pdbx_aromatic_flag 
_chem_comp_bond.pdbx_stereo_config 
_chem_comp_bond.pdbx_ordinal 
ALA N     CA     sing N N 1   
ALA N     H      sing N N 2   
ALA N     H2     sing N N 3   
ALA CA    C      sing N N 4   
ALA CA    CB     sing N N 5   
ALA CA    HA     sing N N 6   
ALA C     O      doub N N 7   
ALA C     OXT    sing N N 8   
ALA CB    HB1    sing N N 9   
ALA CB    HB2    sing N N 10  
ALA CB    HB3    sing N N 11  
ALA OXT   HXT    sing N N 12  
ARG N     CA     sing N N 13  
ARG N     H      sing N N 14  
ARG N     H2     sing N N 15  
ARG CA    C      sing N N 16  
ARG CA    CB     sing N N 17  
ARG CA    HA     sing N N 18  
ARG C     O      doub N N 19  
ARG C     OXT    sing N N 20  
ARG CB    CG     sing N N 21  
ARG CB    HB2    sing N N 22  
ARG CB    HB3    sing N N 23  
ARG CG    CD     sing N N 24  
ARG CG    HG2    sing N N 25  
ARG CG    HG3    sing N N 26  
ARG CD    NE     sing N N 27  
ARG CD    HD2    sing N N 28  
ARG CD    HD3    sing N N 29  
ARG NE    CZ     sing N N 30  
ARG NE    HE     sing N N 31  
ARG CZ    NH1    sing N N 32  
ARG CZ    NH2    doub N N 33  
ARG NH1   HH11   sing N N 34  
ARG NH1   HH12   sing N N 35  
ARG NH2   HH21   sing N N 36  
ARG NH2   HH22   sing N N 37  
ARG OXT   HXT    sing N N 38  
ASN N     CA     sing N N 39  
ASN N     H      sing N N 40  
ASN N     H2     sing N N 41  
ASN CA    C      sing N N 42  
ASN CA    CB     sing N N 43  
ASN CA    HA     sing N N 44  
ASN C     O      doub N N 45  
ASN C     OXT    sing N N 46  
ASN CB    CG     sing N N 47  
ASN CB    HB2    sing N N 48  
ASN CB    HB3    sing N N 49  
ASN CG    OD1    doub N N 50  
ASN CG    ND2    sing N N 51  
ASN ND2   HD21   sing N N 52  
ASN ND2   HD22   sing N N 53  
ASN OXT   HXT    sing N N 54  
ASP N     CA     sing N N 55  
ASP N     H      sing N N 56  
ASP N     H2     sing N N 57  
ASP CA    C      sing N N 58  
ASP CA    CB     sing N N 59  
ASP CA    HA     sing N N 60  
ASP C     O      doub N N 61  
ASP C     OXT    sing N N 62  
ASP CB    CG     sing N N 63  
ASP CB    HB2    sing N N 64  
ASP CB    HB3    sing N N 65  
ASP CG    OD1    doub N N 66  
ASP CG    OD2    sing N N 67  
ASP OD2   HD2    sing N N 68  
ASP OXT   HXT    sing N N 69  
CYS N     CA     sing N N 70  
CYS N     H      sing N N 71  
CYS N     H2     sing N N 72  
CYS CA    C      sing N N 73  
CYS CA    CB     sing N N 74  
CYS CA    HA     sing N N 75  
CYS C     O      doub N N 76  
CYS C     OXT    sing N N 77  
CYS CB    SG     sing N N 78  
CYS CB    HB2    sing N N 79  
CYS CB    HB3    sing N N 80  
CYS SG    HG     sing N N 81  
CYS OXT   HXT    sing N N 82  
GDP PB    O1B    doub N N 83  
GDP PB    O2B    sing N N 84  
GDP PB    O3B    sing N N 85  
GDP PB    O3A    sing N N 86  
GDP O2B   HOB2   sing N N 87  
GDP O3B   HOB3   sing N N 88  
GDP O3A   PA     sing N N 89  
GDP PA    O1A    doub N N 90  
GDP PA    O2A    sing N N 91  
GDP PA    "O5'"  sing N N 92  
GDP O2A   HOA2   sing N N 93  
GDP "O5'" "C5'"  sing N N 94  
GDP "C5'" "C4'"  sing N N 95  
GDP "C5'" "H5'"  sing N N 96  
GDP "C5'" "H5''" sing N N 97  
GDP "C4'" "O4'"  sing N N 98  
GDP "C4'" "C3'"  sing N N 99  
GDP "C4'" "H4'"  sing N N 100 
GDP "O4'" "C1'"  sing N N 101 
GDP "C3'" "O3'"  sing N N 102 
GDP "C3'" "C2'"  sing N N 103 
GDP "C3'" "H3'"  sing N N 104 
GDP "O3'" "HO3'" sing N N 105 
GDP "C2'" "O2'"  sing N N 106 
GDP "C2'" "C1'"  sing N N 107 
GDP "C2'" "H2'"  sing N N 108 
GDP "O2'" "HO2'" sing N N 109 
GDP "C1'" N9     sing N N 110 
GDP "C1'" "H1'"  sing N N 111 
GDP N9    C8     sing Y N 112 
GDP N9    C4     sing Y N 113 
GDP C8    N7     doub Y N 114 
GDP C8    H8     sing N N 115 
GDP N7    C5     sing Y N 116 
GDP C5    C6     sing N N 117 
GDP C5    C4     doub Y N 118 
GDP C6    O6     doub N N 119 
GDP C6    N1     sing N N 120 
GDP N1    C2     sing N N 121 
GDP N1    HN1    sing N N 122 
GDP C2    N2     sing N N 123 
GDP C2    N3     doub N N 124 
GDP N2    HN21   sing N N 125 
GDP N2    HN22   sing N N 126 
GDP N3    C4     sing N N 127 
GLN N     CA     sing N N 128 
GLN N     H      sing N N 129 
GLN N     H2     sing N N 130 
GLN CA    C      sing N N 131 
GLN CA    CB     sing N N 132 
GLN CA    HA     sing N N 133 
GLN C     O      doub N N 134 
GLN C     OXT    sing N N 135 
GLN CB    CG     sing N N 136 
GLN CB    HB2    sing N N 137 
GLN CB    HB3    sing N N 138 
GLN CG    CD     sing N N 139 
GLN CG    HG2    sing N N 140 
GLN CG    HG3    sing N N 141 
GLN CD    OE1    doub N N 142 
GLN CD    NE2    sing N N 143 
GLN NE2   HE21   sing N N 144 
GLN NE2   HE22   sing N N 145 
GLN OXT   HXT    sing N N 146 
GLU N     CA     sing N N 147 
GLU N     H      sing N N 148 
GLU N     H2     sing N N 149 
GLU CA    C      sing N N 150 
GLU CA    CB     sing N N 151 
GLU CA    HA     sing N N 152 
GLU C     O      doub N N 153 
GLU C     OXT    sing N N 154 
GLU CB    CG     sing N N 155 
GLU CB    HB2    sing N N 156 
GLU CB    HB3    sing N N 157 
GLU CG    CD     sing N N 158 
GLU CG    HG2    sing N N 159 
GLU CG    HG3    sing N N 160 
GLU CD    OE1    doub N N 161 
GLU CD    OE2    sing N N 162 
GLU OE2   HE2    sing N N 163 
GLU OXT   HXT    sing N N 164 
GLY N     CA     sing N N 165 
GLY N     H      sing N N 166 
GLY N     H2     sing N N 167 
GLY CA    C      sing N N 168 
GLY CA    HA2    sing N N 169 
GLY CA    HA3    sing N N 170 
GLY C     O      doub N N 171 
GLY C     OXT    sing N N 172 
GLY OXT   HXT    sing N N 173 
HIS N     CA     sing N N 174 
HIS N     H      sing N N 175 
HIS N     H2     sing N N 176 
HIS CA    C      sing N N 177 
HIS CA    CB     sing N N 178 
HIS CA    HA     sing N N 179 
HIS C     O      doub N N 180 
HIS C     OXT    sing N N 181 
HIS CB    CG     sing N N 182 
HIS CB    HB2    sing N N 183 
HIS CB    HB3    sing N N 184 
HIS CG    ND1    sing Y N 185 
HIS CG    CD2    doub Y N 186 
HIS ND1   CE1    doub Y N 187 
HIS ND1   HD1    sing N N 188 
HIS CD2   NE2    sing Y N 189 
HIS CD2   HD2    sing N N 190 
HIS CE1   NE2    sing Y N 191 
HIS CE1   HE1    sing N N 192 
HIS NE2   HE2    sing N N 193 
HIS OXT   HXT    sing N N 194 
HOH O     H1     sing N N 195 
HOH O     H2     sing N N 196 
ILE N     CA     sing N N 197 
ILE N     H      sing N N 198 
ILE N     H2     sing N N 199 
ILE CA    C      sing N N 200 
ILE CA    CB     sing N N 201 
ILE CA    HA     sing N N 202 
ILE C     O      doub N N 203 
ILE C     OXT    sing N N 204 
ILE CB    CG1    sing N N 205 
ILE CB    CG2    sing N N 206 
ILE CB    HB     sing N N 207 
ILE CG1   CD1    sing N N 208 
ILE CG1   HG12   sing N N 209 
ILE CG1   HG13   sing N N 210 
ILE CG2   HG21   sing N N 211 
ILE CG2   HG22   sing N N 212 
ILE CG2   HG23   sing N N 213 
ILE CD1   HD11   sing N N 214 
ILE CD1   HD12   sing N N 215 
ILE CD1   HD13   sing N N 216 
ILE OXT   HXT    sing N N 217 
LEU N     CA     sing N N 218 
LEU N     H      sing N N 219 
LEU N     H2     sing N N 220 
LEU CA    C      sing N N 221 
LEU CA    CB     sing N N 222 
LEU CA    HA     sing N N 223 
LEU C     O      doub N N 224 
LEU C     OXT    sing N N 225 
LEU CB    CG     sing N N 226 
LEU CB    HB2    sing N N 227 
LEU CB    HB3    sing N N 228 
LEU CG    CD1    sing N N 229 
LEU CG    CD2    sing N N 230 
LEU CG    HG     sing N N 231 
LEU CD1   HD11   sing N N 232 
LEU CD1   HD12   sing N N 233 
LEU CD1   HD13   sing N N 234 
LEU CD2   HD21   sing N N 235 
LEU CD2   HD22   sing N N 236 
LEU CD2   HD23   sing N N 237 
LEU OXT   HXT    sing N N 238 
LYS N     CA     sing N N 239 
LYS N     H      sing N N 240 
LYS N     H2     sing N N 241 
LYS CA    C      sing N N 242 
LYS CA    CB     sing N N 243 
LYS CA    HA     sing N N 244 
LYS C     O      doub N N 245 
LYS C     OXT    sing N N 246 
LYS CB    CG     sing N N 247 
LYS CB    HB2    sing N N 248 
LYS CB    HB3    sing N N 249 
LYS CG    CD     sing N N 250 
LYS CG    HG2    sing N N 251 
LYS CG    HG3    sing N N 252 
LYS CD    CE     sing N N 253 
LYS CD    HD2    sing N N 254 
LYS CD    HD3    sing N N 255 
LYS CE    NZ     sing N N 256 
LYS CE    HE2    sing N N 257 
LYS CE    HE3    sing N N 258 
LYS NZ    HZ1    sing N N 259 
LYS NZ    HZ2    sing N N 260 
LYS NZ    HZ3    sing N N 261 
LYS OXT   HXT    sing N N 262 
MET N     CA     sing N N 263 
MET N     H      sing N N 264 
MET N     H2     sing N N 265 
MET CA    C      sing N N 266 
MET CA    CB     sing N N 267 
MET CA    HA     sing N N 268 
MET C     O      doub N N 269 
MET C     OXT    sing N N 270 
MET CB    CG     sing N N 271 
MET CB    HB2    sing N N 272 
MET CB    HB3    sing N N 273 
MET CG    SD     sing N N 274 
MET CG    HG2    sing N N 275 
MET CG    HG3    sing N N 276 
MET SD    CE     sing N N 277 
MET CE    HE1    sing N N 278 
MET CE    HE2    sing N N 279 
MET CE    HE3    sing N N 280 
MET OXT   HXT    sing N N 281 
PHE N     CA     sing N N 282 
PHE N     H      sing N N 283 
PHE N     H2     sing N N 284 
PHE CA    C      sing N N 285 
PHE CA    CB     sing N N 286 
PHE CA    HA     sing N N 287 
PHE C     O      doub N N 288 
PHE C     OXT    sing N N 289 
PHE CB    CG     sing N N 290 
PHE CB    HB2    sing N N 291 
PHE CB    HB3    sing N N 292 
PHE CG    CD1    doub Y N 293 
PHE CG    CD2    sing Y N 294 
PHE CD1   CE1    sing Y N 295 
PHE CD1   HD1    sing N N 296 
PHE CD2   CE2    doub Y N 297 
PHE CD2   HD2    sing N N 298 
PHE CE1   CZ     doub Y N 299 
PHE CE1   HE1    sing N N 300 
PHE CE2   CZ     sing Y N 301 
PHE CE2   HE2    sing N N 302 
PHE CZ    HZ     sing N N 303 
PHE OXT   HXT    sing N N 304 
PRO N     CA     sing N N 305 
PRO N     CD     sing N N 306 
PRO N     H      sing N N 307 
PRO CA    C      sing N N 308 
PRO CA    CB     sing N N 309 
PRO CA    HA     sing N N 310 
PRO C     O      doub N N 311 
PRO C     OXT    sing N N 312 
PRO CB    CG     sing N N 313 
PRO CB    HB2    sing N N 314 
PRO CB    HB3    sing N N 315 
PRO CG    CD     sing N N 316 
PRO CG    HG2    sing N N 317 
PRO CG    HG3    sing N N 318 
PRO CD    HD2    sing N N 319 
PRO CD    HD3    sing N N 320 
PRO OXT   HXT    sing N N 321 
SER N     CA     sing N N 322 
SER N     H      sing N N 323 
SER N     H2     sing N N 324 
SER CA    C      sing N N 325 
SER CA    CB     sing N N 326 
SER CA    HA     sing N N 327 
SER C     O      doub N N 328 
SER C     OXT    sing N N 329 
SER CB    OG     sing N N 330 
SER CB    HB2    sing N N 331 
SER CB    HB3    sing N N 332 
SER OG    HG     sing N N 333 
SER OXT   HXT    sing N N 334 
THR N     CA     sing N N 335 
THR N     H      sing N N 336 
THR N     H2     sing N N 337 
THR CA    C      sing N N 338 
THR CA    CB     sing N N 339 
THR CA    HA     sing N N 340 
THR C     O      doub N N 341 
THR C     OXT    sing N N 342 
THR CB    OG1    sing N N 343 
THR CB    CG2    sing N N 344 
THR CB    HB     sing N N 345 
THR OG1   HG1    sing N N 346 
THR CG2   HG21   sing N N 347 
THR CG2   HG22   sing N N 348 
THR CG2   HG23   sing N N 349 
THR OXT   HXT    sing N N 350 
TRP N     CA     sing N N 351 
TRP N     H      sing N N 352 
TRP N     H2     sing N N 353 
TRP CA    C      sing N N 354 
TRP CA    CB     sing N N 355 
TRP CA    HA     sing N N 356 
TRP C     O      doub N N 357 
TRP C     OXT    sing N N 358 
TRP CB    CG     sing N N 359 
TRP CB    HB2    sing N N 360 
TRP CB    HB3    sing N N 361 
TRP CG    CD1    doub Y N 362 
TRP CG    CD2    sing Y N 363 
TRP CD1   NE1    sing Y N 364 
TRP CD1   HD1    sing N N 365 
TRP CD2   CE2    doub Y N 366 
TRP CD2   CE3    sing Y N 367 
TRP NE1   CE2    sing Y N 368 
TRP NE1   HE1    sing N N 369 
TRP CE2   CZ2    sing Y N 370 
TRP CE3   CZ3    doub Y N 371 
TRP CE3   HE3    sing N N 372 
TRP CZ2   CH2    doub Y N 373 
TRP CZ2   HZ2    sing N N 374 
TRP CZ3   CH2    sing Y N 375 
TRP CZ3   HZ3    sing N N 376 
TRP CH2   HH2    sing N N 377 
TRP OXT   HXT    sing N N 378 
TYR N     CA     sing N N 379 
TYR N     H      sing N N 380 
TYR N     H2     sing N N 381 
TYR CA    C      sing N N 382 
TYR CA    CB     sing N N 383 
TYR CA    HA     sing N N 384 
TYR C     O      doub N N 385 
TYR C     OXT    sing N N 386 
TYR CB    CG     sing N N 387 
TYR CB    HB2    sing N N 388 
TYR CB    HB3    sing N N 389 
TYR CG    CD1    doub Y N 390 
TYR CG    CD2    sing Y N 391 
TYR CD1   CE1    sing Y N 392 
TYR CD1   HD1    sing N N 393 
TYR CD2   CE2    doub Y N 394 
TYR CD2   HD2    sing N N 395 
TYR CE1   CZ     doub Y N 396 
TYR CE1   HE1    sing N N 397 
TYR CE2   CZ     sing Y N 398 
TYR CE2   HE2    sing N N 399 
TYR CZ    OH     sing N N 400 
TYR OH    HH     sing N N 401 
TYR OXT   HXT    sing N N 402 
VAL N     CA     sing N N 403 
VAL N     H      sing N N 404 
VAL N     H2     sing N N 405 
VAL CA    C      sing N N 406 
VAL CA    CB     sing N N 407 
VAL CA    HA     sing N N 408 
VAL C     O      doub N N 409 
VAL C     OXT    sing N N 410 
VAL CB    CG1    sing N N 411 
VAL CB    CG2    sing N N 412 
VAL CB    HB     sing N N 413 
VAL CG1   HG11   sing N N 414 
VAL CG1   HG12   sing N N 415 
VAL CG1   HG13   sing N N 416 
VAL CG2   HG21   sing N N 417 
VAL CG2   HG22   sing N N 418 
VAL CG2   HG23   sing N N 419 
VAL OXT   HXT    sing N N 420 
# 
_pdbx_initial_refinement_model.accession_code   ? 
_pdbx_initial_refinement_model.id               1 
_pdbx_initial_refinement_model.entity_id_list   ? 
_pdbx_initial_refinement_model.type             'experimental model' 
_pdbx_initial_refinement_model.source_name      Other 
_pdbx_initial_refinement_model.details          'Polyalanine Rab21' 
# 
_atom_sites.entry_id                    1Z0I 
_atom_sites.fract_transf_matrix[1][1]   0.01043495 
_atom_sites.fract_transf_matrix[1][2]   -0.02324844 
_atom_sites.fract_transf_matrix[1][3]   0.01047542 
_atom_sites.fract_transf_matrix[2][1]   0.00818365 
_atom_sites.fract_transf_matrix[2][2]   0.00019337 
_atom_sites.fract_transf_matrix[2][3]   -0.00772289 
_atom_sites.fract_transf_matrix[3][1]   0.00485034 
_atom_sites.fract_transf_matrix[3][2]   0.00454420 
_atom_sites.fract_transf_matrix[3][3]   0.00525350 
_atom_sites.fract_transf_vector[1]      0.212621 
_atom_sites.fract_transf_vector[2]      0.401957 
_atom_sites.fract_transf_vector[3]      0.108714 
# 
loop_
_atom_type.symbol 
C  
MG 
N  
O  
P  
S  
# 
loop_
_atom_site.group_PDB 
_atom_site.id 
_atom_site.type_symbol 
_atom_site.label_atom_id 
_atom_site.label_alt_id 
_atom_site.label_comp_id 
_atom_site.label_asym_id 
_atom_site.label_entity_id 
_atom_site.label_seq_id 
_atom_site.pdbx_PDB_ins_code 
_atom_site.Cartn_x 
_atom_site.Cartn_y 
_atom_site.Cartn_z 
_atom_site.occupancy 
_atom_site.B_iso_or_equiv 
_atom_site.pdbx_formal_charge 
_atom_site.auth_seq_id 
_atom_site.auth_comp_id 
_atom_site.auth_asym_id 
_atom_site.auth_atom_id 
_atom_site.pdbx_PDB_model_num 
ATOM   1    N  N     . ALA A 1 4   ? 23.145  -3.289  -5.121  1.00 37.68  ? 17  ALA A N     1 
ATOM   2    C  CA    . ALA A 1 4   ? 21.680  -3.355  -5.413  1.00 37.33  ? 17  ALA A CA    1 
ATOM   3    C  C     . ALA A 1 4   ? 20.875  -2.952  -4.186  1.00 36.81  ? 17  ALA A C     1 
ATOM   4    O  O     . ALA A 1 4   ? 21.268  -3.258  -3.059  1.00 37.07  ? 17  ALA A O     1 
ATOM   5    C  CB    . ALA A 1 4   ? 21.296  -4.753  -5.861  1.00 37.72  ? 17  ALA A CB    1 
ATOM   6    N  N     . TYR A 1 5   ? 19.749  -2.280  -4.409  1.00 35.88  ? 18  TYR A N     1 
ATOM   7    C  CA    . TYR A 1 5   ? 18.909  -1.768  -3.315  1.00 34.75  ? 18  TYR A CA    1 
ATOM   8    C  C     . TYR A 1 5   ? 18.081  -2.848  -2.607  1.00 33.56  ? 18  TYR A C     1 
ATOM   9    O  O     . TYR A 1 5   ? 17.462  -3.697  -3.249  1.00 33.24  ? 18  TYR A O     1 
ATOM   10   C  CB    . TYR A 1 5   ? 17.990  -0.660  -3.834  1.00 35.08  ? 18  TYR A CB    1 
ATOM   11   C  CG    . TYR A 1 5   ? 18.711  0.585   -4.293  1.00 35.94  ? 18  TYR A CG    1 
ATOM   12   C  CD1   . TYR A 1 5   ? 19.029  0.781   -5.643  1.00 37.12  ? 18  TYR A CD1   1 
ATOM   13   C  CD2   . TYR A 1 5   ? 19.075  1.572   -3.384  1.00 37.08  ? 18  TYR A CD2   1 
ATOM   14   C  CE1   . TYR A 1 5   ? 19.689  1.935   -6.072  1.00 36.58  ? 18  TYR A CE1   1 
ATOM   15   C  CE2   . TYR A 1 5   ? 19.736  2.720   -3.794  1.00 37.37  ? 18  TYR A CE2   1 
ATOM   16   C  CZ    . TYR A 1 5   ? 20.043  2.901   -5.138  1.00 37.33  ? 18  TYR A CZ    1 
ATOM   17   O  OH    . TYR A 1 5   ? 20.702  4.057   -5.530  1.00 37.18  ? 18  TYR A OH    1 
ATOM   18   N  N     . SER A 1 6   ? 18.080  -2.811  -1.277  1.00 32.28  ? 19  SER A N     1 
ATOM   19   C  CA    . SER A 1 6   ? 17.199  -3.679  -0.482  1.00 31.02  ? 19  SER A CA    1 
ATOM   20   C  C     . SER A 1 6   ? 16.213  -2.871  0.351   1.00 29.77  ? 19  SER A C     1 
ATOM   21   O  O     . SER A 1 6   ? 16.622  -2.190  1.296   1.00 29.36  ? 19  SER A O     1 
ATOM   22   C  CB    . SER A 1 6   ? 18.011  -4.597  0.420   1.00 30.93  ? 19  SER A CB    1 
ATOM   23   O  OG    . SER A 1 6   ? 18.158  -5.870  -0.170  1.00 32.57  ? 19  SER A OG    1 
ATOM   24   N  N     . PHE A 1 7   ? 14.926  -2.950  -0.006  1.00 28.39  ? 20  PHE A N     1 
ATOM   25   C  CA    . PHE A 1 7   ? 13.873  -2.184  0.683   1.00 27.81  ? 20  PHE A CA    1 
ATOM   26   C  C     . PHE A 1 7   ? 12.838  -3.030  1.425   1.00 27.51  ? 20  PHE A C     1 
ATOM   27   O  O     . PHE A 1 7   ? 12.462  -4.111  0.960   1.00 28.37  ? 20  PHE A O     1 
ATOM   28   C  CB    . PHE A 1 7   ? 13.154  -1.225  -0.277  1.00 27.24  ? 20  PHE A CB    1 
ATOM   29   C  CG    . PHE A 1 7   ? 14.050  -0.189  -0.889  1.00 27.48  ? 20  PHE A CG    1 
ATOM   30   C  CD1   . PHE A 1 7   ? 14.177  -0.096  -2.272  1.00 25.36  ? 20  PHE A CD1   1 
ATOM   31   C  CD2   . PHE A 1 7   ? 14.795  0.689   -0.079  1.00 26.41  ? 20  PHE A CD2   1 
ATOM   32   C  CE1   . PHE A 1 7   ? 15.009  0.854   -2.839  1.00 25.84  ? 20  PHE A CE1   1 
ATOM   33   C  CE2   . PHE A 1 7   ? 15.631  1.645   -0.646  1.00 25.21  ? 20  PHE A CE2   1 
ATOM   34   C  CZ    . PHE A 1 7   ? 15.743  1.728   -2.022  1.00 26.12  ? 20  PHE A CZ    1 
ATOM   35   N  N     . LYS A 1 8   ? 12.380  -2.529  2.568   1.00 26.72  ? 21  LYS A N     1 
ATOM   36   C  CA    . LYS A 1 8   ? 11.265  -3.137  3.304   1.00 26.48  ? 21  LYS A CA    1 
ATOM   37   C  C     . LYS A 1 8   ? 10.018  -2.248  3.263   1.00 26.25  ? 21  LYS A C     1 
ATOM   38   O  O     . LYS A 1 8   ? 10.100  -1.041  3.533   1.00 26.10  ? 21  LYS A O     1 
ATOM   39   C  CB    . LYS A 1 8   ? 11.630  -3.447  4.760   1.00 26.04  ? 21  LYS A CB    1 
ATOM   40   C  CG    . LYS A 1 8   ? 10.447  -3.998  5.533   1.00 26.17  ? 21  LYS A CG    1 
ATOM   41   C  CD    . LYS A 1 8   ? 10.820  -4.565  6.884   1.00 26.29  ? 21  LYS A CD    1 
ATOM   42   C  CE    . LYS A 1 8   ? 9.566   -4.783  7.717   1.00 24.78  ? 21  LYS A CE    1 
ATOM   43   N  NZ    . LYS A 1 8   ? 9.855   -5.233  9.090   1.00 24.54  ? 21  LYS A NZ    1 
ATOM   44   N  N     . VAL A 1 9   ? 8.876   -2.862  2.931   1.00 25.78  ? 22  VAL A N     1 
ATOM   45   C  CA    . VAL A 1 9   ? 7.600   -2.157  2.786   1.00 25.32  ? 22  VAL A CA    1 
ATOM   46   C  C     . VAL A 1 9   ? 6.474   -2.845  3.583   1.00 24.40  ? 22  VAL A C     1 
ATOM   47   O  O     . VAL A 1 9   ? 6.289   -4.056  3.494   1.00 24.47  ? 22  VAL A O     1 
ATOM   48   C  CB    . VAL A 1 9   ? 7.228   -1.991  1.285   1.00 25.80  ? 22  VAL A CB    1 
ATOM   49   C  CG1   . VAL A 1 9   ? 5.787   -1.429  1.107   1.00 26.20  ? 22  VAL A CG1   1 
ATOM   50   C  CG2   . VAL A 1 9   ? 8.267   -1.093  0.566   1.00 25.42  ? 22  VAL A CG2   1 
ATOM   51   N  N     . VAL A 1 10  ? 5.751   -2.057  4.374   1.00 23.65  ? 23  VAL A N     1 
ATOM   52   C  CA    . VAL A 1 10  ? 4.630   -2.542  5.197   1.00 22.88  ? 23  VAL A CA    1 
ATOM   53   C  C     . VAL A 1 10  ? 3.270   -2.055  4.693   1.00 22.92  ? 23  VAL A C     1 
ATOM   54   O  O     . VAL A 1 10  ? 3.137   -0.911  4.238   1.00 22.81  ? 23  VAL A O     1 
ATOM   55   C  CB    . VAL A 1 10  ? 4.754   -2.158  6.708   1.00 22.34  ? 23  VAL A CB    1 
ATOM   56   C  CG1   . VAL A 1 10  ? 5.811   -3.001  7.404   1.00 22.21  ? 23  VAL A CG1   1 
ATOM   57   C  CG2   . VAL A 1 10  ? 5.013   -0.672  6.891   1.00 21.23  ? 23  VAL A CG2   1 
ATOM   58   N  N     . LEU A 1 11  ? 2.275   -2.937  4.798   1.00 22.76  ? 24  LEU A N     1 
ATOM   59   C  CA    . LEU A 1 11  ? 0.901   -2.631  4.433   1.00 22.93  ? 24  LEU A CA    1 
ATOM   60   C  C     . LEU A 1 11  ? 0.068   -2.381  5.686   1.00 22.81  ? 24  LEU A C     1 
ATOM   61   O  O     . LEU A 1 11  ? 0.128   -3.149  6.653   1.00 22.70  ? 24  LEU A O     1 
ATOM   62   C  CB    . LEU A 1 11  ? 0.296   -3.768  3.581   1.00 23.10  ? 24  LEU A CB    1 
ATOM   63   C  CG    . LEU A 1 11  ? 0.309   -3.586  2.060   1.00 24.07  ? 24  LEU A CG    1 
ATOM   64   C  CD1   . LEU A 1 11  ? 1.717   -3.710  1.443   1.00 24.12  ? 24  LEU A CD1   1 
ATOM   65   C  CD2   . LEU A 1 11  ? -0.594  -4.584  1.448   1.00 25.93  ? 24  LEU A CD2   1 
ATOM   66   N  N     . LEU A 1 12  ? -0.716  -1.308  5.658   1.00 22.91  ? 25  LEU A N     1 
ATOM   67   C  CA    . LEU A 1 12  ? -1.478  -0.868  6.823   1.00 22.93  ? 25  LEU A CA    1 
ATOM   68   C  C     . LEU A 1 12  ? -2.877  -0.441  6.413   1.00 23.05  ? 25  LEU A C     1 
ATOM   69   O  O     . LEU A 1 12  ? -3.125  -0.139  5.244   1.00 23.36  ? 25  LEU A O     1 
ATOM   70   C  CB    . LEU A 1 12  ? -0.745  0.300   7.518   1.00 23.05  ? 25  LEU A CB    1 
ATOM   71   C  CG    . LEU A 1 12  ? 0.747   0.127   7.889   1.00 23.66  ? 25  LEU A CG    1 
ATOM   72   C  CD1   . LEU A 1 12  ? 1.417   1.445   8.314   1.00 23.48  ? 25  LEU A CD1   1 
ATOM   73   C  CD2   . LEU A 1 12  ? 0.950   -0.936  8.960   1.00 23.45  ? 25  LEU A CD2   1 
ATOM   74   N  N     . GLY A 1 13  ? -3.790  -0.396  7.380   1.00 22.96  ? 26  GLY A N     1 
ATOM   75   C  CA    . GLY A 1 13  ? -5.177  -0.023  7.122   1.00 22.79  ? 26  GLY A CA    1 
ATOM   76   C  C     . GLY A 1 13  ? -6.162  -0.979  7.755   1.00 22.53  ? 26  GLY A C     1 
ATOM   77   O  O     . GLY A 1 13  ? -5.777  -2.025  8.249   1.00 22.26  ? 26  GLY A O     1 
ATOM   78   N  N     . GLU A 1 14  ? -7.441  -0.627  7.720   1.00 22.72  ? 27  GLU A N     1 
ATOM   79   C  CA    . GLU A 1 14  ? -8.488  -1.468  8.322   1.00 23.36  ? 27  GLU A CA    1 
ATOM   80   C  C     . GLU A 1 14  ? -8.663  -2.790  7.571   1.00 22.91  ? 27  GLU A C     1 
ATOM   81   O  O     . GLU A 1 14  ? -8.325  -2.882  6.382   1.00 22.36  ? 27  GLU A O     1 
ATOM   82   C  CB    . GLU A 1 14  ? -9.837  -0.724  8.398   1.00 22.67  ? 27  GLU A CB    1 
ATOM   83   C  CG    . GLU A 1 14  ? -9.787  0.545   9.207   1.00 24.34  ? 27  GLU A CG    1 
ATOM   84   C  CD    . GLU A 1 14  ? -9.293  0.316   10.622  1.00 27.33  ? 27  GLU A CD    1 
ATOM   85   O  OE1   . GLU A 1 14  ? -10.017 -0.354  11.407  1.00 29.51  ? 27  GLU A OE1   1 
ATOM   86   O  OE2   . GLU A 1 14  ? -8.185  0.803   10.950  1.00 25.99  ? 27  GLU A OE2   1 
ATOM   87   N  N     . GLY A 1 15  ? -9.198  -3.791  8.273   1.00 22.64  ? 28  GLY A N     1 
ATOM   88   C  CA    . GLY A 1 15  ? -9.563  -5.073  7.659   1.00 22.94  ? 28  GLY A CA    1 
ATOM   89   C  C     . GLY A 1 15  ? -10.637 -4.941  6.584   1.00 23.16  ? 28  GLY A C     1 
ATOM   90   O  O     . GLY A 1 15  ? -11.518 -4.072  6.672   1.00 23.07  ? 28  GLY A O     1 
ATOM   91   N  N     . CYS A 1 16  ? -10.542 -5.811  5.576   1.00 23.46  ? 29  CYS A N     1 
ATOM   92   C  CA    . CYS A 1 16  ? -11.447 -5.882  4.411   1.00 24.07  ? 29  CYS A CA    1 
ATOM   93   C  C     . CYS A 1 16  ? -11.154 -4.895  3.263   1.00 23.79  ? 29  CYS A C     1 
ATOM   94   O  O     . CYS A 1 16  ? -11.814 -4.956  2.212   1.00 24.60  ? 29  CYS A O     1 
ATOM   95   C  CB    . CYS A 1 16  ? -12.923 -5.800  4.811   1.00 24.09  ? 29  CYS A CB    1 
ATOM   96   S  SG    . CYS A 1 16  ? -13.400 -6.909  6.120   1.00 27.78  ? 29  CYS A SG    1 
ATOM   97   N  N     . VAL A 1 17  ? -10.180 -4.003  3.429   1.00 23.13  ? 30  VAL A N     1 
ATOM   98   C  CA    . VAL A 1 17  ? -9.906  -3.010  2.369   1.00 22.39  ? 30  VAL A CA    1 
ATOM   99   C  C     . VAL A 1 17  ? -9.138  -3.529  1.113   1.00 22.28  ? 30  VAL A C     1 
ATOM   100  O  O     . VAL A 1 17  ? -9.150  -2.879  0.049   1.00 22.03  ? 30  VAL A O     1 
ATOM   101  C  CB    . VAL A 1 17  ? -9.244  -1.720  2.934   1.00 22.69  ? 30  VAL A CB    1 
ATOM   102  C  CG1   . VAL A 1 17  ? -10.080 -1.131  4.066   1.00 21.66  ? 30  VAL A CG1   1 
ATOM   103  C  CG2   . VAL A 1 17  ? -7.819  -1.975  3.391   1.00 21.61  ? 30  VAL A CG2   1 
ATOM   104  N  N     . GLY A 1 18  ? -8.465  -4.673  1.235   1.00 22.21  ? 31  GLY A N     1 
ATOM   105  C  CA    . GLY A 1 18  ? -7.723  -5.257  0.111   1.00 22.05  ? 31  GLY A CA    1 
ATOM   106  C  C     . GLY A 1 18  ? -6.208  -5.329  0.239   1.00 22.30  ? 31  GLY A C     1 
ATOM   107  O  O     . GLY A 1 18  ? -5.510  -5.568  -0.755  1.00 21.81  ? 31  GLY A O     1 
ATOM   108  N  N     . LYS A 1 19  ? -5.689  -5.152  1.457   1.00 22.64  ? 32  LYS A N     1 
ATOM   109  C  CA    . LYS A 1 19  ? -4.234  -5.194  1.695   1.00 22.48  ? 32  LYS A CA    1 
ATOM   110  C  C     . LYS A 1 19  ? -3.595  -6.497  1.197   1.00 22.73  ? 32  LYS A C     1 
ATOM   111  O  O     . LYS A 1 19  ? -2.612  -6.460  0.451   1.00 22.89  ? 32  LYS A O     1 
ATOM   112  C  CB    . LYS A 1 19  ? -3.902  -4.967  3.181   1.00 22.67  ? 32  LYS A CB    1 
ATOM   113  C  CG    . LYS A 1 19  ? -4.422  -3.645  3.768   1.00 21.95  ? 32  LYS A CG    1 
ATOM   114  C  CD    . LYS A 1 19  ? -3.902  -3.377  5.184   1.00 22.28  ? 32  LYS A CD    1 
ATOM   115  C  CE    . LYS A 1 19  ? -4.444  -4.369  6.266   1.00 19.54  ? 32  LYS A CE    1 
ATOM   116  N  NZ    . LYS A 1 19  ? -5.842  -4.804  6.039   1.00 18.69  ? 32  LYS A NZ    1 
ATOM   117  N  N     . THR A 1 20  ? -4.149  -7.647  1.592   1.00 22.68  ? 33  THR A N     1 
ATOM   118  C  CA    . THR A 1 20  ? -3.592  -8.950  1.156   1.00 22.94  ? 33  THR A CA    1 
ATOM   119  C  C     . THR A 1 20  ? -3.796  -9.211  -0.341  1.00 22.73  ? 33  THR A C     1 
ATOM   120  O  O     . THR A 1 20  ? -2.934  -9.816  -0.984  1.00 22.34  ? 33  THR A O     1 
ATOM   121  C  CB    . THR A 1 20  ? -4.176  -10.149 1.948   1.00 23.09  ? 33  THR A CB    1 
ATOM   122  O  OG1   . THR A 1 20  ? -4.136  -9.864  3.347   1.00 23.63  ? 33  THR A OG1   1 
ATOM   123  C  CG2   . THR A 1 20  ? -3.388  -11.433 1.677   1.00 23.01  ? 33  THR A CG2   1 
ATOM   124  N  N     . SER A 1 21  ? -4.926  -8.752  -0.891  1.00 22.92  ? 34  SER A N     1 
ATOM   125  C  CA    . SER A 1 21  ? -5.193  -8.940  -2.325  1.00 23.00  ? 34  SER A CA    1 
ATOM   126  C  C     . SER A 1 21  ? -4.165  -8.212  -3.164  1.00 22.67  ? 34  SER A C     1 
ATOM   127  O  O     . SER A 1 21  ? -3.729  -8.736  -4.198  1.00 22.63  ? 34  SER A O     1 
ATOM   128  C  CB    . SER A 1 21  ? -6.597  -8.497  -2.708  1.00 22.96  ? 34  SER A CB    1 
ATOM   129  O  OG    . SER A 1 21  ? -7.547  -9.098  -1.851  1.00 24.99  ? 34  SER A OG    1 
ATOM   130  N  N     . LEU A 1 22  ? -3.776  -7.022  -2.699  1.00 22.46  ? 35  LEU A N     1 
ATOM   131  C  CA    . LEU A 1 22  ? -2.777  -6.189  -3.379  1.00 22.50  ? 35  LEU A CA    1 
ATOM   132  C  C     . LEU A 1 22  ? -1.418  -6.870  -3.432  1.00 22.62  ? 35  LEU A C     1 
ATOM   133  O  O     . LEU A 1 22  ? -0.757  -6.866  -4.482  1.00 22.61  ? 35  LEU A O     1 
ATOM   134  C  CB    . LEU A 1 22  ? -2.621  -4.821  -2.699  1.00 22.35  ? 35  LEU A CB    1 
ATOM   135  C  CG    . LEU A 1 22  ? -3.528  -3.610  -2.941  1.00 22.18  ? 35  LEU A CG    1 
ATOM   136  C  CD1   . LEU A 1 22  ? -2.822  -2.375  -2.376  1.00 22.70  ? 35  LEU A CD1   1 
ATOM   137  C  CD2   . LEU A 1 22  ? -3.853  -3.397  -4.390  1.00 19.33  ? 35  LEU A CD2   1 
ATOM   138  N  N     . VAL A 1 23  ? -0.985  -7.449  -2.312  1.00 22.61  ? 36  VAL A N     1 
ATOM   139  C  CA    . VAL A 1 23  ? 0.304   -8.146  -2.325  1.00 23.20  ? 36  VAL A CA    1 
ATOM   140  C  C     . VAL A 1 23  ? 0.219   -9.411  -3.189  1.00 23.06  ? 36  VAL A C     1 
ATOM   141  O  O     . VAL A 1 23  ? 1.104   -9.672  -3.989  1.00 22.53  ? 36  VAL A O     1 
ATOM   142  C  CB    . VAL A 1 23  ? 0.931   -8.363  -0.894  1.00 23.29  ? 36  VAL A CB    1 
ATOM   143  C  CG1   . VAL A 1 23  ? -0.056  -8.965  0.078   1.00 24.41  ? 36  VAL A CG1   1 
ATOM   144  C  CG2   . VAL A 1 23  ? 2.185   -9.207  -0.962  1.00 23.67  ? 36  VAL A CG2   1 
ATOM   145  N  N     . LEU A 1 24  ? -0.875  -10.159 -3.076  1.00 23.33  ? 37  LEU A N     1 
ATOM   146  C  CA    . LEU A 1 24  ? -1.009  -11.372 -3.892  1.00 23.42  ? 37  LEU A CA    1 
ATOM   147  C  C     . LEU A 1 24  ? -1.118  -11.099 -5.393  1.00 22.96  ? 37  LEU A C     1 
ATOM   148  O  O     . LEU A 1 24  ? -0.604  -11.875 -6.204  1.00 22.72  ? 37  LEU A O     1 
ATOM   149  C  CB    . LEU A 1 24  ? -2.145  -12.265 -3.389  1.00 23.37  ? 37  LEU A CB    1 
ATOM   150  C  CG    . LEU A 1 24  ? -1.707  -13.065 -2.154  1.00 24.65  ? 37  LEU A CG    1 
ATOM   151  C  CD1   . LEU A 1 24  ? -2.892  -13.664 -1.435  1.00 25.87  ? 37  LEU A CD1   1 
ATOM   152  C  CD2   . LEU A 1 24  ? -0.680  -14.150 -2.485  1.00 24.50  ? 37  LEU A CD2   1 
ATOM   153  N  N     . ARG A 1 25  ? -1.777  -9.998  -5.751  1.00 22.66  ? 38  ARG A N     1 
ATOM   154  C  CA    . ARG A 1 25  ? -1.906  -9.609  -7.152  1.00 22.51  ? 38  ARG A CA    1 
ATOM   155  C  C     . ARG A 1 25  ? -0.548  -9.183  -7.737  1.00 23.07  ? 38  ARG A C     1 
ATOM   156  O  O     . ARG A 1 25  ? -0.167  -9.630  -8.834  1.00 22.79  ? 38  ARG A O     1 
ATOM   157  C  CB    . ARG A 1 25  ? -2.972  -8.511  -7.341  1.00 22.27  ? 38  ARG A CB    1 
ATOM   158  C  CG    . ARG A 1 25  ? -3.159  -8.031  -8.798  1.00 20.51  ? 38  ARG A CG    1 
ATOM   159  C  CD    . ARG A 1 25  ? -3.638  -9.152  -9.743  1.00 18.62  ? 38  ARG A CD    1 
ATOM   160  N  NE    . ARG A 1 25  ? -5.071  -9.062  -10.035 1.00 19.35  ? 38  ARG A NE    1 
ATOM   161  C  CZ    . ARG A 1 25  ? -5.729  -9.845  -10.894 1.00 20.36  ? 38  ARG A CZ    1 
ATOM   162  N  NH1   . ARG A 1 25  ? -5.108  -10.801 -11.576 1.00 18.27  ? 38  ARG A NH1   1 
ATOM   163  N  NH2   . ARG A 1 25  ? -7.030  -9.676  -11.067 1.00 21.96  ? 38  ARG A NH2   1 
ATOM   164  N  N     . TYR A 1 26  ? 0.176   -8.333  -6.998  1.00 23.38  ? 39  TYR A N     1 
ATOM   165  C  CA    . TYR A 1 26  ? 1.460   -7.819  -7.465  1.00 23.97  ? 39  TYR A CA    1 
ATOM   166  C  C     . TYR A 1 26  ? 2.501   -8.903  -7.601  1.00 24.21  ? 39  TYR A C     1 
ATOM   167  O  O     . TYR A 1 26  ? 3.258   -8.900  -8.572  1.00 24.46  ? 39  TYR A O     1 
ATOM   168  C  CB    . TYR A 1 26  ? 2.007   -6.719  -6.541  1.00 24.26  ? 39  TYR A CB    1 
ATOM   169  C  CG    . TYR A 1 26  ? 3.310   -6.090  -7.040  1.00 24.97  ? 39  TYR A CG    1 
ATOM   170  C  CD1   . TYR A 1 26  ? 3.360   -5.417  -8.271  1.00 25.37  ? 39  TYR A CD1   1 
ATOM   171  C  CD2   . TYR A 1 26  ? 4.486   -6.152  -6.274  1.00 25.27  ? 39  TYR A CD2   1 
ATOM   172  C  CE1   . TYR A 1 26  ? 4.547   -4.845  -8.740  1.00 24.84  ? 39  TYR A CE1   1 
ATOM   173  C  CE2   . TYR A 1 26  ? 5.683   -5.562  -6.732  1.00 24.03  ? 39  TYR A CE2   1 
ATOM   174  C  CZ    . TYR A 1 26  ? 5.698   -4.914  -7.960  1.00 24.71  ? 39  TYR A CZ    1 
ATOM   175  O  OH    . TYR A 1 26  ? 6.849   -4.321  -8.414  1.00 23.56  ? 39  TYR A OH    1 
ATOM   176  N  N     . CYS A 1 27  ? 2.553   -9.807  -6.619  1.00 24.19  ? 40  CYS A N     1 
ATOM   177  C  CA    . CYS A 1 27  ? 3.610   -10.807 -6.553  1.00 24.31  ? 40  CYS A CA    1 
ATOM   178  C  C     . CYS A 1 27  ? 3.320   -12.103 -7.310  1.00 25.04  ? 40  CYS A C     1 
ATOM   179  O  O     . CYS A 1 27  ? 4.255   -12.790 -7.730  1.00 25.49  ? 40  CYS A O     1 
ATOM   180  C  CB    . CYS A 1 27  ? 4.000   -11.105 -5.101  1.00 24.57  ? 40  CYS A CB    1 
ATOM   181  S  SG    . CYS A 1 27  ? 4.723   -9.676  -4.194  1.00 22.59  ? 40  CYS A SG    1 
ATOM   182  N  N     . GLU A 1 28  ? 2.052   -12.443 -7.509  1.00 25.43  ? 41  GLU A N     1 
ATOM   183  C  CA    . GLU A 1 28  ? 1.728   -13.728 -8.149  1.00 26.35  ? 41  GLU A CA    1 
ATOM   184  C  C     . GLU A 1 28  ? 0.671   -13.645 -9.265  1.00 25.95  ? 41  GLU A C     1 
ATOM   185  O  O     . GLU A 1 28  ? 0.416   -14.634 -9.952  1.00 25.41  ? 41  GLU A O     1 
ATOM   186  C  CB    . GLU A 1 28  ? 1.339   -14.773 -7.079  1.00 26.19  ? 41  GLU A CB    1 
ATOM   187  C  CG    . GLU A 1 28  ? 2.503   -15.153 -6.135  1.00 28.51  ? 41  GLU A CG    1 
ATOM   188  C  CD    . GLU A 1 28  ? 2.122   -16.097 -4.991  1.00 28.13  ? 41  GLU A CD    1 
ATOM   189  O  OE1   . GLU A 1 28  ? 2.902   -16.186 -4.016  1.00 32.36  ? 41  GLU A OE1   1 
ATOM   190  O  OE2   . GLU A 1 28  ? 1.064   -16.753 -5.046  1.00 29.94  ? 41  GLU A OE2   1 
ATOM   191  N  N     . ASN A 1 29  ? 0.060   -12.471 -9.433  1.00 26.37  ? 42  ASN A N     1 
ATOM   192  C  CA    . ASN A 1 29  ? -1.027  -12.263 -10.406 1.00 27.02  ? 42  ASN A CA    1 
ATOM   193  C  C     . ASN A 1 29  ? -2.185  -13.224 -10.119 1.00 27.79  ? 42  ASN A C     1 
ATOM   194  O  O     . ASN A 1 29  ? -2.697  -13.904 -11.012 1.00 27.46  ? 42  ASN A O     1 
ATOM   195  C  CB    . ASN A 1 29  ? -0.520  -12.406 -11.853 1.00 26.72  ? 42  ASN A CB    1 
ATOM   196  C  CG    . ASN A 1 29  ? -0.923  -11.245 -12.741 1.00 25.84  ? 42  ASN A CG    1 
ATOM   197  O  OD1   . ASN A 1 29  ? -1.997  -10.670 -12.584 1.00 25.08  ? 42  ASN A OD1   1 
ATOM   198  N  ND2   . ASN A 1 29  ? -0.052  -10.898 -13.697 1.00 25.03  ? 42  ASN A ND2   1 
ATOM   199  N  N     . LYS A 1 30  ? -2.559  -13.288 -8.843  1.00 28.54  ? 43  LYS A N     1 
ATOM   200  C  CA    . LYS A 1 30  ? -3.680  -14.076 -8.397  1.00 29.44  ? 43  LYS A CA    1 
ATOM   201  C  C     . LYS A 1 30  ? -4.664  -13.144 -7.743  1.00 29.69  ? 43  LYS A C     1 
ATOM   202  O  O     . LYS A 1 30  ? -4.253  -12.184 -7.092  1.00 30.35  ? 43  LYS A O     1 
ATOM   203  C  CB    . LYS A 1 30  ? -3.241  -15.120 -7.364  1.00 29.92  ? 43  LYS A CB    1 
ATOM   204  C  CG    . LYS A 1 30  ? -2.438  -16.281 -7.919  1.00 31.17  ? 43  LYS A CG    1 
ATOM   205  C  CD    . LYS A 1 30  ? -2.519  -17.467 -6.980  1.00 34.84  ? 43  LYS A CD    1 
ATOM   206  C  CE    . LYS A 1 30  ? -1.365  -18.422 -7.211  1.00 37.71  ? 43  LYS A CE    1 
ATOM   207  N  NZ    . LYS A 1 30  ? -1.716  -19.786 -6.731  1.00 40.25  ? 43  LYS A NZ    1 
ATOM   208  N  N     . PHE A 1 31  ? -5.953  -13.427 -7.930  1.00 29.72  ? 44  PHE A N     1 
ATOM   209  C  CA    . PHE A 1 31  ? -7.034  -12.722 -7.252  1.00 29.80  ? 44  PHE A CA    1 
ATOM   210  C  C     . PHE A 1 31  ? -8.247  -13.629 -7.111  1.00 30.86  ? 44  PHE A C     1 
ATOM   211  O  O     . PHE A 1 31  ? -8.686  -14.262 -8.087  1.00 30.66  ? 44  PHE A O     1 
ATOM   212  C  CB    . PHE A 1 31  ? -7.447  -11.436 -7.981  1.00 29.51  ? 44  PHE A CB    1 
ATOM   213  C  CG    . PHE A 1 31  ? -8.692  -10.796 -7.407  1.00 28.64  ? 44  PHE A CG    1 
ATOM   214  C  CD1   . PHE A 1 31  ? -8.601  -9.895  -6.346  1.00 27.60  ? 44  PHE A CD1   1 
ATOM   215  C  CD2   . PHE A 1 31  ? -9.956  -11.117 -7.911  1.00 27.05  ? 44  PHE A CD2   1 
ATOM   216  C  CE1   . PHE A 1 31  ? -9.755  -9.322  -5.783  1.00 28.25  ? 44  PHE A CE1   1 
ATOM   217  C  CE2   . PHE A 1 31  ? -11.116 -10.547 -7.363  1.00 27.65  ? 44  PHE A CE2   1 
ATOM   218  C  CZ    . PHE A 1 31  ? -11.020 -9.651  -6.303  1.00 28.50  ? 44  PHE A CZ    1 
ATOM   219  N  N     . ASN A 1 32  ? -8.801  -13.656 -5.898  1.00 31.28  ? 45  ASN A N     1 
ATOM   220  C  CA    . ASN A 1 32  ? -9.988  -14.443 -5.611  1.00 32.16  ? 45  ASN A CA    1 
ATOM   221  C  C     . ASN A 1 32  ? -10.973 -13.708 -4.684  1.00 31.74  ? 45  ASN A C     1 
ATOM   222  O  O     . ASN A 1 32  ? -10.559 -13.117 -3.677  1.00 31.60  ? 45  ASN A O     1 
ATOM   223  C  CB    . ASN A 1 32  ? -9.557  -15.780 -4.999  1.00 33.00  ? 45  ASN A CB    1 
ATOM   224  C  CG    . ASN A 1 32  ? -10.721 -16.682 -4.694  1.00 35.30  ? 45  ASN A CG    1 
ATOM   225  O  OD1   . ASN A 1 32  ? -11.028 -17.604 -5.455  1.00 36.83  ? 45  ASN A OD1   1 
ATOM   226  N  ND2   . ASN A 1 32  ? -11.390 -16.418 -3.577  1.00 38.01  ? 45  ASN A ND2   1 
ATOM   227  N  N     . ASP A 1 33  ? -12.265 -13.732 -5.034  1.00 31.03  ? 46  ASP A N     1 
ATOM   228  C  CA    . ASP A 1 33  ? -13.311 -13.122 -4.193  1.00 30.30  ? 46  ASP A CA    1 
ATOM   229  C  C     . ASP A 1 33  ? -14.332 -14.166 -3.683  1.00 29.93  ? 46  ASP A C     1 
ATOM   230  O  O     . ASP A 1 33  ? -15.496 -13.842 -3.452  1.00 30.11  ? 46  ASP A O     1 
ATOM   231  C  CB    . ASP A 1 33  ? -13.989 -11.932 -4.912  1.00 30.07  ? 46  ASP A CB    1 
ATOM   232  C  CG    . ASP A 1 33  ? -14.902 -11.087 -3.973  1.00 31.01  ? 46  ASP A CG    1 
ATOM   233  O  OD1   . ASP A 1 33  ? -15.919 -10.541 -4.445  1.00 29.20  ? 46  ASP A OD1   1 
ATOM   234  O  OD2   . ASP A 1 33  ? -14.615 -10.968 -2.759  1.00 32.28  ? 46  ASP A OD2   1 
ATOM   235  N  N     . LYS A 1 34  ? -13.875 -15.403 -3.476  1.00 29.60  ? 47  LYS A N     1 
ATOM   236  C  CA    . LYS A 1 34  ? -14.756 -16.542 -3.161  1.00 29.66  ? 47  LYS A CA    1 
ATOM   237  C  C     . LYS A 1 34  ? -14.601 -17.120 -1.754  1.00 29.80  ? 47  LYS A C     1 
ATOM   238  O  O     . LYS A 1 34  ? -15.477 -17.869 -1.290  1.00 29.69  ? 47  LYS A O     1 
ATOM   239  C  CB    . LYS A 1 34  ? -14.562 -17.640 -4.174  1.00 29.64  ? 47  LYS A CB    1 
ATOM   240  N  N     . HIS A 1 35  ? -13.485 -16.788 -1.103  1.00 29.50  ? 48  HIS A N     1 
ATOM   241  C  CA    . HIS A 1 35  ? -13.150 -17.261 0.240   1.00 29.85  ? 48  HIS A CA    1 
ATOM   242  C  C     . HIS A 1 35  ? -12.123 -16.303 0.871   1.00 29.91  ? 48  HIS A C     1 
ATOM   243  O  O     . HIS A 1 35  ? -11.662 -15.368 0.209   1.00 29.84  ? 48  HIS A O     1 
ATOM   244  C  CB    . HIS A 1 35  ? -12.583 -18.689 0.191   1.00 29.97  ? 48  HIS A CB    1 
ATOM   245  C  CG    . HIS A 1 35  ? -11.397 -18.842 -0.716  1.00 30.81  ? 48  HIS A CG    1 
ATOM   246  N  ND1   . HIS A 1 35  ? -11.437 -19.584 -1.879  1.00 32.23  ? 48  HIS A ND1   1 
ATOM   247  C  CD2   . HIS A 1 35  ? -10.143 -18.332 -0.640  1.00 31.48  ? 48  HIS A CD2   1 
ATOM   248  C  CE1   . HIS A 1 35  ? -10.259 -19.528 -2.477  1.00 32.15  ? 48  HIS A CE1   1 
ATOM   249  N  NE2   . HIS A 1 35  ? -9.456  -18.772 -1.747  1.00 31.68  ? 48  HIS A NE2   1 
ATOM   250  N  N     . ILE A 1 36  ? -11.755 -16.547 2.129   1.00 29.75  ? 49  ILE A N     1 
ATOM   251  C  CA    . ILE A 1 36  ? -10.752 -15.719 2.814   1.00 30.03  ? 49  ILE A CA    1 
ATOM   252  C  C     . ILE A 1 36  ? -9.362  -15.929 2.191   1.00 30.63  ? 49  ILE A C     1 
ATOM   253  O  O     . ILE A 1 36  ? -8.934  -17.071 1.987   1.00 30.58  ? 49  ILE A O     1 
ATOM   254  C  CB    . ILE A 1 36  ? -10.709 -15.998 4.355   1.00 30.10  ? 49  ILE A CB    1 
ATOM   255  C  CG1   . ILE A 1 36  ? -12.047 -15.649 5.021   1.00 29.19  ? 49  ILE A CG1   1 
ATOM   256  C  CG2   . ILE A 1 36  ? -9.550  -15.227 5.033   1.00 30.58  ? 49  ILE A CG2   1 
ATOM   257  C  CD1   . ILE A 1 36  ? -12.324 -16.408 6.334   1.00 29.10  ? 49  ILE A CD1   1 
ATOM   258  N  N     . THR A 1 37  ? -8.680  -14.829 1.864   1.00 31.13  ? 50  THR A N     1 
ATOM   259  C  CA    . THR A 1 37  ? -7.267  -14.888 1.466   1.00 31.75  ? 50  THR A CA    1 
ATOM   260  C  C     . THR A 1 37  ? -6.361  -14.537 2.644   1.00 31.64  ? 50  THR A C     1 
ATOM   261  O  O     . THR A 1 37  ? -6.631  -13.600 3.400   1.00 31.48  ? 50  THR A O     1 
ATOM   262  C  CB    . THR A 1 37  ? -6.894  -13.914 0.311   1.00 32.03  ? 50  THR A CB    1 
ATOM   263  O  OG1   . THR A 1 37  ? -8.004  -13.708 -0.573  1.00 33.87  ? 50  THR A OG1   1 
ATOM   264  C  CG2   . THR A 1 37  ? -5.745  -14.484 -0.474  1.00 32.73  ? 50  THR A CG2   1 
ATOM   265  N  N     . THR A 1 38  ? -5.278  -15.296 2.776   1.00 31.74  ? 51  THR A N     1 
ATOM   266  C  CA    . THR A 1 38  ? -4.255  -15.054 3.777   1.00 31.83  ? 51  THR A CA    1 
ATOM   267  C  C     . THR A 1 38  ? -2.890  -15.250 3.123   1.00 31.89  ? 51  THR A C     1 
ATOM   268  O  O     . THR A 1 38  ? -2.691  -16.210 2.363   1.00 31.79  ? 51  THR A O     1 
ATOM   269  C  CB    . THR A 1 38  ? -4.424  -16.002 4.975   1.00 31.81  ? 51  THR A CB    1 
ATOM   270  O  OG1   . THR A 1 38  ? -5.791  -15.980 5.386   1.00 32.85  ? 51  THR A OG1   1 
ATOM   271  C  CG2   . THR A 1 38  ? -3.566  -15.564 6.157   1.00 31.35  ? 51  THR A CG2   1 
ATOM   272  N  N     . LEU A 1 39  ? -1.966  -14.327 3.395   1.00 31.69  ? 52  LEU A N     1 
ATOM   273  C  CA    . LEU A 1 39  ? -0.595  -14.458 2.913   1.00 31.52  ? 52  LEU A CA    1 
ATOM   274  C  C     . LEU A 1 39  ? -0.007  -15.704 3.564   1.00 31.57  ? 52  LEU A C     1 
ATOM   275  O  O     . LEU A 1 39  ? -0.204  -15.940 4.757   1.00 31.81  ? 52  LEU A O     1 
ATOM   276  C  CB    . LEU A 1 39  ? 0.242   -13.208 3.236   1.00 31.27  ? 52  LEU A CB    1 
ATOM   277  C  CG    . LEU A 1 39  ? 1.431   -12.873 2.314   1.00 30.79  ? 52  LEU A CG    1 
ATOM   278  C  CD1   . LEU A 1 39  ? 0.962   -12.426 0.939   1.00 31.51  ? 52  LEU A CD1   1 
ATOM   279  C  CD2   . LEU A 1 39  ? 2.380   -11.816 2.918   1.00 31.10  ? 52  LEU A CD2   1 
ATOM   280  N  N     . GLN A 1 40  ? 0.680   -16.520 2.775   1.00 31.54  ? 53  GLN A N     1 
ATOM   281  C  CA    . GLN A 1 40  ? 1.225   -17.778 3.287   1.00 31.49  ? 53  GLN A CA    1 
ATOM   282  C  C     . GLN A 1 40  ? 2.686   -17.604 3.750   1.00 31.38  ? 53  GLN A C     1 
ATOM   283  O  O     . GLN A 1 40  ? 3.497   -18.529 3.661   1.00 31.03  ? 53  GLN A O     1 
ATOM   284  C  CB    . GLN A 1 40  ? 1.091   -18.888 2.231   1.00 31.43  ? 53  GLN A CB    1 
ATOM   285  N  N     . ALA A 1 41  ? 2.985   -16.404 4.263   1.00 31.21  ? 54  ALA A N     1 
ATOM   286  C  CA    . ALA A 1 41  ? 4.325   -15.995 4.686   1.00 30.78  ? 54  ALA A CA    1 
ATOM   287  C  C     . ALA A 1 41  ? 4.194   -14.663 5.436   1.00 30.49  ? 54  ALA A C     1 
ATOM   288  O  O     . ALA A 1 41  ? 3.167   -13.990 5.311   1.00 30.71  ? 54  ALA A O     1 
ATOM   289  C  CB    . ALA A 1 41  ? 5.248   -15.840 3.466   1.00 30.65  ? 54  ALA A CB    1 
ATOM   290  N  N     . SER A 1 42  ? 5.219   -14.291 6.209   1.00 29.73  ? 55  SER A N     1 
ATOM   291  C  CA    . SER A 1 42  ? 5.305   -12.947 6.825   1.00 29.34  ? 55  SER A CA    1 
ATOM   292  C  C     . SER A 1 42  ? 5.471   -11.832 5.773   1.00 29.04  ? 55  SER A C     1 
ATOM   293  O  O     . SER A 1 42  ? 4.958   -10.711 5.936   1.00 28.63  ? 55  SER A O     1 
ATOM   294  C  CB    . SER A 1 42  ? 6.467   -12.886 7.836   1.00 29.28  ? 55  SER A CB    1 
ATOM   295  O  OG    . SER A 1 42  ? 6.166   -13.603 9.028   1.00 29.11  ? 55  SER A OG    1 
ATOM   296  N  N     . PHE A 1 43  ? 6.205   -12.154 4.710   1.00 28.62  ? 56  PHE A N     1 
ATOM   297  C  CA    . PHE A 1 43  ? 6.455   -11.241 3.606   1.00 28.90  ? 56  PHE A CA    1 
ATOM   298  C  C     . PHE A 1 43  ? 6.691   -12.019 2.315   1.00 28.97  ? 56  PHE A C     1 
ATOM   299  O  O     . PHE A 1 43  ? 7.040   -13.198 2.355   1.00 28.97  ? 56  PHE A O     1 
ATOM   300  C  CB    . PHE A 1 43  ? 7.662   -10.331 3.907   1.00 28.98  ? 56  PHE A CB    1 
ATOM   301  C  CG    . PHE A 1 43  ? 8.969   -11.068 4.077   1.00 29.09  ? 56  PHE A CG    1 
ATOM   302  C  CD1   . PHE A 1 43  ? 9.735   -11.433 2.966   1.00 29.67  ? 56  PHE A CD1   1 
ATOM   303  C  CD2   . PHE A 1 43  ? 9.447   -11.366 5.345   1.00 28.98  ? 56  PHE A CD2   1 
ATOM   304  C  CE1   . PHE A 1 43  ? 10.960  -12.114 3.122   1.00 30.02  ? 56  PHE A CE1   1 
ATOM   305  C  CE2   . PHE A 1 43  ? 10.659  -12.043 5.515   1.00 30.11  ? 56  PHE A CE2   1 
ATOM   306  C  CZ    . PHE A 1 43  ? 11.422  -12.419 4.400   1.00 29.77  ? 56  PHE A CZ    1 
ATOM   307  N  N     . LEU A 1 44  ? 6.505   -11.357 1.178   1.00 29.08  ? 57  LEU A N     1 
ATOM   308  C  CA    . LEU A 1 44  ? 6.921   -11.922 -0.101  1.00 29.64  ? 57  LEU A CA    1 
ATOM   309  C  C     . LEU A 1 44  ? 7.981   -11.041 -0.771  1.00 30.21  ? 57  LEU A C     1 
ATOM   310  O  O     . LEU A 1 44  ? 7.996   -9.822  -0.612  1.00 29.94  ? 57  LEU A O     1 
ATOM   311  C  CB    . LEU A 1 44  ? 5.728   -12.158 -1.043  1.00 29.10  ? 57  LEU A CB    1 
ATOM   312  C  CG    . LEU A 1 44  ? 4.525   -13.023 -0.593  1.00 29.93  ? 57  LEU A CG    1 
ATOM   313  C  CD1   . LEU A 1 44  ? 3.445   -13.083 -1.689  1.00 29.74  ? 57  LEU A CD1   1 
ATOM   314  C  CD2   . LEU A 1 44  ? 4.917   -14.439 -0.167  1.00 27.54  ? 57  LEU A CD2   1 
ATOM   315  N  N     . THR A 1 45  ? 8.858   -11.682 -1.536  1.00 31.27  ? 58  THR A N     1 
ATOM   316  C  CA    . THR A 1 45  ? 9.942   -11.006 -2.232  1.00 32.50  ? 58  THR A CA    1 
ATOM   317  C  C     . THR A 1 45  ? 9.631   -10.798 -3.708  1.00 33.06  ? 58  THR A C     1 
ATOM   318  O  O     . THR A 1 45  ? 9.181   -11.716 -4.407  1.00 33.35  ? 58  THR A O     1 
ATOM   319  C  CB    . THR A 1 45  ? 11.239  -11.816 -2.125  1.00 32.79  ? 58  THR A CB    1 
ATOM   320  O  OG1   . THR A 1 45  ? 10.953  -13.185 -2.462  1.00 34.23  ? 58  THR A OG1   1 
ATOM   321  C  CG2   . THR A 1 45  ? 11.812  -11.749 -0.707  1.00 31.78  ? 58  THR A CG2   1 
ATOM   322  N  N     . LYS A 1 46  ? 9.868   -9.581  -4.168  1.00 33.52  ? 59  LYS A N     1 
ATOM   323  C  CA    . LYS A 1 46  ? 9.808   -9.251  -5.581  1.00 34.45  ? 59  LYS A CA    1 
ATOM   324  C  C     . LYS A 1 46  ? 11.124  -8.575  -5.967  1.00 34.66  ? 59  LYS A C     1 
ATOM   325  O  O     . LYS A 1 46  ? 11.625  -7.712  -5.245  1.00 34.32  ? 59  LYS A O     1 
ATOM   326  C  CB    . LYS A 1 46  ? 8.610   -8.329  -5.858  1.00 34.70  ? 59  LYS A CB    1 
ATOM   327  C  CG    . LYS A 1 46  ? 8.233   -8.181  -7.319  1.00 36.24  ? 59  LYS A CG    1 
ATOM   328  C  CD    . LYS A 1 46  ? 7.379   -9.349  -7.792  1.00 39.15  ? 59  LYS A CD    1 
ATOM   329  C  CE    . LYS A 1 46  ? 7.309   -9.398  -9.307  1.00 40.74  ? 59  LYS A CE    1 
ATOM   330  N  NZ    . LYS A 1 46  ? 7.350   -10.823 -9.763  1.00 42.29  ? 59  LYS A NZ    1 
ATOM   331  N  N     . LYS A 1 47  ? 11.684  -8.992  -7.097  1.00 35.40  ? 60  LYS A N     1 
ATOM   332  C  CA    . LYS A 1 47  ? 12.877  -8.366  -7.668  1.00 35.92  ? 60  LYS A CA    1 
ATOM   333  C  C     . LYS A 1 47  ? 12.513  -7.411  -8.803  1.00 36.49  ? 60  LYS A C     1 
ATOM   334  O  O     . LYS A 1 47  ? 11.615  -7.697  -9.609  1.00 36.97  ? 60  LYS A O     1 
ATOM   335  C  CB    . LYS A 1 47  ? 13.866  -9.441  -8.164  1.00 36.03  ? 60  LYS A CB    1 
ATOM   336  N  N     . LEU A 1 48  ? 13.218  -6.285  -8.864  1.00 37.06  ? 61  LEU A N     1 
ATOM   337  C  CA    . LEU A 1 48  ? 13.004  -5.276  -9.906  1.00 37.53  ? 61  LEU A CA    1 
ATOM   338  C  C     . LEU A 1 48  ? 14.308  -4.785  -10.521 1.00 38.02  ? 61  LEU A C     1 
ATOM   339  O  O     . LEU A 1 48  ? 15.377  -4.919  -9.925  1.00 37.89  ? 61  LEU A O     1 
ATOM   340  C  CB    . LEU A 1 48  ? 12.271  -4.058  -9.340  1.00 37.27  ? 61  LEU A CB    1 
ATOM   341  C  CG    . LEU A 1 48  ? 10.794  -4.154  -9.006  1.00 36.92  ? 61  LEU A CG    1 
ATOM   342  C  CD1   . LEU A 1 48  ? 10.656  -4.520  -7.545  1.00 35.83  ? 61  LEU A CD1   1 
ATOM   343  C  CD2   . LEU A 1 48  ? 10.128  -2.824  -9.301  1.00 35.46  ? 61  LEU A CD2   1 
ATOM   344  N  N     . ASN A 1 49  ? 14.197  -4.210  -11.717 1.00 38.54  ? 62  ASN A N     1 
ATOM   345  C  CA    . ASN A 1 49  ? 15.286  -3.454  -12.323 1.00 39.19  ? 62  ASN A CA    1 
ATOM   346  C  C     . ASN A 1 49  ? 14.755  -2.097  -12.754 1.00 39.40  ? 62  ASN A C     1 
ATOM   347  O  O     . ASN A 1 49  ? 13.838  -2.015  -13.580 1.00 39.35  ? 62  ASN A O     1 
ATOM   348  C  CB    . ASN A 1 49  ? 15.898  -4.204  -13.517 1.00 39.29  ? 62  ASN A CB    1 
ATOM   349  C  CG    . ASN A 1 49  ? 16.452  -5.573  -13.133 1.00 39.63  ? 62  ASN A CG    1 
ATOM   350  O  OD1   . ASN A 1 49  ? 17.253  -5.703  -12.203 1.00 38.99  ? 62  ASN A OD1   1 
ATOM   351  N  ND2   . ASN A 1 49  ? 16.026  -6.601  -13.860 1.00 40.62  ? 62  ASN A ND2   1 
ATOM   352  N  N     . ILE A 1 50  ? 15.313  -1.038  -12.173 1.00 39.71  ? 63  ILE A N     1 
ATOM   353  C  CA    . ILE A 1 50  ? 14.868  0.318   -12.467 1.00 40.27  ? 63  ILE A CA    1 
ATOM   354  C  C     . ILE A 1 50  ? 16.021  1.154   -13.016 1.00 41.07  ? 63  ILE A C     1 
ATOM   355  O  O     . ILE A 1 50  ? 16.932  1.549   -12.278 1.00 41.09  ? 63  ILE A O     1 
ATOM   356  C  CB    . ILE A 1 50  ? 14.236  1.010   -11.223 1.00 40.22  ? 63  ILE A CB    1 
ATOM   357  C  CG1   . ILE A 1 50  ? 13.068  0.182   -10.678 1.00 39.05  ? 63  ILE A CG1   1 
ATOM   358  C  CG2   . ILE A 1 50  ? 13.796  2.436   -11.561 1.00 39.80  ? 63  ILE A CG2   1 
ATOM   359  C  CD1   . ILE A 1 50  ? 12.489  0.708   -9.404  1.00 37.87  ? 63  ILE A CD1   1 
ATOM   360  N  N     . GLY A 1 51  ? 15.968  1.418   -14.319 1.00 41.76  ? 64  GLY A N     1 
ATOM   361  C  CA    . GLY A 1 51  ? 17.004  2.198   -14.994 1.00 42.53  ? 64  GLY A CA    1 
ATOM   362  C  C     . GLY A 1 51  ? 18.374  1.658   -14.654 1.00 42.78  ? 64  GLY A C     1 
ATOM   363  O  O     . GLY A 1 51  ? 19.217  2.370   -14.096 1.00 43.30  ? 64  GLY A O     1 
ATOM   364  N  N     . GLY A 1 52  ? 18.582  0.385   -14.965 1.00 42.66  ? 65  GLY A N     1 
ATOM   365  C  CA    . GLY A 1 52  ? 19.852  -0.265  -14.706 1.00 42.67  ? 65  GLY A CA    1 
ATOM   366  C  C     . GLY A 1 52  ? 19.819  -1.029  -13.405 1.00 42.58  ? 65  GLY A C     1 
ATOM   367  O  O     . GLY A 1 52  ? 19.787  -2.266  -13.412 1.00 43.25  ? 65  GLY A O     1 
ATOM   368  N  N     . LYS A 1 53  ? 19.786  -0.283  -12.300 1.00 41.84  ? 66  LYS A N     1 
ATOM   369  C  CA    . LYS A 1 53  ? 19.964  -0.822  -10.946 1.00 41.11  ? 66  LYS A CA    1 
ATOM   370  C  C     . LYS A 1 53  ? 18.914  -1.850  -10.524 1.00 40.56  ? 66  LYS A C     1 
ATOM   371  O  O     . LYS A 1 53  ? 17.731  -1.729  -10.864 1.00 40.76  ? 66  LYS A O     1 
ATOM   372  C  CB    . LYS A 1 53  ? 20.025  0.319   -9.934  1.00 41.20  ? 66  LYS A CB    1 
ATOM   373  N  N     . ARG A 1 54  ? 19.364  -2.857  -9.778  1.00 39.43  ? 67  ARG A N     1 
ATOM   374  C  CA    . ARG A 1 54  ? 18.488  -3.889  -9.249  1.00 38.58  ? 67  ARG A CA    1 
ATOM   375  C  C     . ARG A 1 54  ? 17.874  -3.490  -7.891  1.00 37.83  ? 67  ARG A C     1 
ATOM   376  O  O     . ARG A 1 54  ? 18.481  -2.745  -7.117  1.00 37.96  ? 67  ARG A O     1 
ATOM   377  C  CB    . ARG A 1 54  ? 19.246  -5.224  -9.148  1.00 38.65  ? 67  ARG A CB    1 
ATOM   378  N  N     . VAL A 1 55  ? 16.671  -3.989  -7.621  1.00 36.91  ? 68  VAL A N     1 
ATOM   379  C  CA    . VAL A 1 55  ? 15.945  -3.715  -6.375  1.00 36.14  ? 68  VAL A CA    1 
ATOM   380  C  C     . VAL A 1 55  ? 15.367  -5.010  -5.773  1.00 35.43  ? 68  VAL A C     1 
ATOM   381  O  O     . VAL A 1 55  ? 14.597  -5.722  -6.432  1.00 35.33  ? 68  VAL A O     1 
ATOM   382  C  CB    . VAL A 1 55  ? 14.795  -2.670  -6.593  1.00 36.16  ? 68  VAL A CB    1 
ATOM   383  C  CG1   . VAL A 1 55  ? 13.928  -2.525  -5.347  1.00 36.16  ? 68  VAL A CG1   1 
ATOM   384  C  CG2   . VAL A 1 55  ? 15.359  -1.311  -6.993  1.00 36.56  ? 68  VAL A CG2   1 
ATOM   385  N  N     . ASN A 1 56  ? 15.755  -5.316  -4.539  1.00 34.17  ? 69  ASN A N     1 
ATOM   386  C  CA    . ASN A 1 56  ? 15.128  -6.403  -3.783  1.00 34.03  ? 69  ASN A CA    1 
ATOM   387  C  C     . ASN A 1 56  ? 14.016  -5.875  -2.878  1.00 33.10  ? 69  ASN A C     1 
ATOM   388  O  O     . ASN A 1 56  ? 14.266  -5.102  -1.942  1.00 32.82  ? 69  ASN A O     1 
ATOM   389  C  CB    . ASN A 1 56  ? 16.155  -7.197  -2.970  1.00 34.12  ? 69  ASN A CB    1 
ATOM   390  C  CG    . ASN A 1 56  ? 17.130  -7.974  -3.857  1.00 36.02  ? 69  ASN A CG    1 
ATOM   391  O  OD1   . ASN A 1 56  ? 16.719  -8.762  -4.720  1.00 36.72  ? 69  ASN A OD1   1 
ATOM   392  N  ND2   . ASN A 1 56  ? 18.426  -7.755  -3.644  1.00 36.81  ? 69  ASN A ND2   1 
ATOM   393  N  N     . LEU A 1 57  ? 12.788  -6.278  -3.168  1.00 31.98  ? 70  LEU A N     1 
ATOM   394  C  CA    . LEU A 1 57  ? 11.650  -5.751  -2.428  1.00 31.80  ? 70  LEU A CA    1 
ATOM   395  C  C     . LEU A 1 57  ? 11.016  -6.797  -1.506  1.00 31.19  ? 70  LEU A C     1 
ATOM   396  O  O     . LEU A 1 57  ? 10.632  -7.877  -1.950  1.00 31.54  ? 70  LEU A O     1 
ATOM   397  C  CB    . LEU A 1 57  ? 10.625  -5.155  -3.395  1.00 31.70  ? 70  LEU A CB    1 
ATOM   398  C  CG    . LEU A 1 57  ? 9.526   -4.239  -2.875  1.00 32.53  ? 70  LEU A CG    1 
ATOM   399  C  CD1   . LEU A 1 57  ? 10.082  -2.894  -2.399  1.00 33.87  ? 70  LEU A CD1   1 
ATOM   400  C  CD2   . LEU A 1 57  ? 8.524   -4.042  -3.983  1.00 33.02  ? 70  LEU A CD2   1 
ATOM   401  N  N     . ALA A 1 58  ? 10.926  -6.471  -0.222  1.00 30.28  ? 71  ALA A N     1 
ATOM   402  C  CA    . ALA A 1 58  ? 10.261  -7.333  0.742   1.00 29.85  ? 71  ALA A CA    1 
ATOM   403  C  C     . ALA A 1 58  ? 8.947   -6.686  1.183   1.00 29.61  ? 71  ALA A C     1 
ATOM   404  O  O     . ALA A 1 58  ? 8.944   -5.637  1.846   1.00 29.84  ? 71  ALA A O     1 
ATOM   405  C  CB    . ALA A 1 58  ? 11.170  -7.609  1.938   1.00 29.66  ? 71  ALA A CB    1 
ATOM   406  N  N     . ILE A 1 59  ? 7.832   -7.301  0.792   1.00 28.70  ? 72  ILE A N     1 
ATOM   407  C  CA    . ILE A 1 59  ? 6.515   -6.736  1.043   1.00 27.78  ? 72  ILE A CA    1 
ATOM   408  C  C     . ILE A 1 59  ? 5.841   -7.502  2.173   1.00 27.56  ? 72  ILE A C     1 
ATOM   409  O  O     . ILE A 1 59  ? 5.603   -8.704  2.062   1.00 27.44  ? 72  ILE A O     1 
ATOM   410  C  CB    . ILE A 1 59  ? 5.641   -6.732  -0.244  1.00 28.14  ? 72  ILE A CB    1 
ATOM   411  C  CG1   . ILE A 1 59  ? 6.393   -6.055  -1.399  1.00 28.29  ? 72  ILE A CG1   1 
ATOM   412  C  CG2   . ILE A 1 59  ? 4.260   -6.081  0.009   1.00 26.70  ? 72  ILE A CG2   1 
ATOM   413  C  CD1   . ILE A 1 59  ? 6.042   -6.617  -2.793  1.00 28.89  ? 72  ILE A CD1   1 
ATOM   414  N  N     . TRP A 1 60  ? 5.534   -6.779  3.249   1.00 27.02  ? 73  TRP A N     1 
ATOM   415  C  CA    . TRP A 1 60  ? 5.005   -7.335  4.495   1.00 26.45  ? 73  TRP A CA    1 
ATOM   416  C  C     . TRP A 1 60  ? 3.491   -7.124  4.625   1.00 26.55  ? 73  TRP A C     1 
ATOM   417  O  O     . TRP A 1 60  ? 2.966   -6.064  4.250   1.00 26.26  ? 73  TRP A O     1 
ATOM   418  C  CB    . TRP A 1 60  ? 5.723   -6.671  5.688   1.00 26.34  ? 73  TRP A CB    1 
ATOM   419  C  CG    . TRP A 1 60  ? 7.152   -7.144  5.884   1.00 25.86  ? 73  TRP A CG    1 
ATOM   420  C  CD1   . TRP A 1 60  ? 8.183   -7.067  4.985   1.00 25.25  ? 73  TRP A CD1   1 
ATOM   421  C  CD2   . TRP A 1 60  ? 7.694   -7.760  7.058   1.00 25.65  ? 73  TRP A CD2   1 
ATOM   422  N  NE1   . TRP A 1 60  ? 9.322   -7.618  5.515   1.00 24.81  ? 73  TRP A NE1   1 
ATOM   423  C  CE2   . TRP A 1 60  ? 9.052   -8.050  6.789   1.00 25.76  ? 73  TRP A CE2   1 
ATOM   424  C  CE3   . TRP A 1 60  ? 7.157   -8.119  8.300   1.00 25.20  ? 73  TRP A CE3   1 
ATOM   425  C  CZ2   . TRP A 1 60  ? 9.888   -8.669  7.729   1.00 25.81  ? 73  TRP A CZ2   1 
ATOM   426  C  CZ3   . TRP A 1 60  ? 7.986   -8.736  9.233   1.00 26.00  ? 73  TRP A CZ3   1 
ATOM   427  C  CH2   . TRP A 1 60  ? 9.339   -9.007  8.939   1.00 25.74  ? 73  TRP A CH2   1 
ATOM   428  N  N     . ASP A 1 61  ? 2.802   -8.121  5.182   1.00 26.46  ? 74  ASP A N     1 
ATOM   429  C  CA    . ASP A 1 61  ? 1.351   -8.069  5.380   1.00 26.93  ? 74  ASP A CA    1 
ATOM   430  C  C     . ASP A 1 61  ? 1.014   -8.683  6.737   1.00 27.08  ? 74  ASP A C     1 
ATOM   431  O  O     . ASP A 1 61  ? 1.747   -9.538  7.225   1.00 27.57  ? 74  ASP A O     1 
ATOM   432  C  CB    . ASP A 1 61  ? 0.651   -8.819  4.219   1.00 26.86  ? 74  ASP A CB    1 
ATOM   433  C  CG    . ASP A 1 61  ? -0.871  -8.757  4.284   1.00 26.83  ? 74  ASP A CG    1 
ATOM   434  O  OD1   . ASP A 1 61  ? -1.508  -9.791  3.997   1.00 26.90  ? 74  ASP A OD1   1 
ATOM   435  O  OD2   . ASP A 1 61  ? -1.441  -7.688  4.594   1.00 26.69  ? 74  ASP A OD2   1 
ATOM   436  N  N     . THR A 1 62  ? -0.074  -8.240  7.354   1.00 27.63  ? 75  THR A N     1 
ATOM   437  C  CA    . THR A 1 62  ? -0.565  -8.843  8.614   1.00 27.91  ? 75  THR A CA    1 
ATOM   438  C  C     . THR A 1 62  ? -2.073  -9.108  8.607   1.00 28.32  ? 75  THR A C     1 
ATOM   439  O  O     . THR A 1 62  ? -2.847  -8.278  8.134   1.00 28.13  ? 75  THR A O     1 
ATOM   440  C  CB    . THR A 1 62  ? -0.181  -7.997  9.869   1.00 28.21  ? 75  THR A CB    1 
ATOM   441  O  OG1   . THR A 1 62  ? -0.485  -8.738  11.053  1.00 28.67  ? 75  THR A OG1   1 
ATOM   442  C  CG2   . THR A 1 62  ? -0.901  -6.628  9.916   1.00 26.79  ? 75  THR A CG2   1 
ATOM   443  N  N     . ALA A 1 63  ? -2.467  -10.265 9.138   1.00 29.03  ? 76  ALA A N     1 
ATOM   444  C  CA    . ALA A 1 63  ? -3.876  -10.710 9.203   1.00 30.05  ? 76  ALA A CA    1 
ATOM   445  C  C     . ALA A 1 63  ? -4.758  -10.006 10.242  1.00 29.89  ? 76  ALA A C     1 
ATOM   446  O  O     . ALA A 1 63  ? -4.263  -9.296  11.114  1.00 30.81  ? 76  ALA A O     1 
ATOM   447  C  CB    . ALA A 1 63  ? -3.951  -12.231 9.397   1.00 30.22  ? 76  ALA A CB    1 
ATOM   448  N  N     . PRO A 1 73  ? 6.667   -4.084  17.333  1.00 30.23  ? 86  PRO A N     1 
ATOM   449  C  CA    . PRO A 1 73  ? 7.798   -3.412  16.681  1.00 30.42  ? 86  PRO A CA    1 
ATOM   450  C  C     . PRO A 1 73  ? 8.490   -4.276  15.614  1.00 30.35  ? 86  PRO A C     1 
ATOM   451  O  O     . PRO A 1 73  ? 9.024   -3.734  14.650  1.00 29.94  ? 86  PRO A O     1 
ATOM   452  C  CB    . PRO A 1 73  ? 8.752   -3.112  17.848  1.00 30.57  ? 86  PRO A CB    1 
ATOM   453  C  CG    . PRO A 1 73  ? 7.867   -3.066  19.052  1.00 30.17  ? 86  PRO A CG    1 
ATOM   454  C  CD    . PRO A 1 73  ? 6.838   -4.144  18.794  1.00 30.41  ? 86  PRO A CD    1 
ATOM   455  N  N     . ILE A 1 74  ? 8.461   -5.598  15.795  1.00 30.43  ? 87  ILE A N     1 
ATOM   456  C  CA    . ILE A 1 74  ? 8.950   -6.563  14.811  1.00 30.94  ? 87  ILE A CA    1 
ATOM   457  C  C     . ILE A 1 74  ? 8.395   -6.295  13.394  1.00 30.44  ? 87  ILE A C     1 
ATOM   458  O  O     . ILE A 1 74  ? 9.142   -6.385  12.406  1.00 30.80  ? 87  ILE A O     1 
ATOM   459  C  CB    . ILE A 1 74  ? 8.670   -8.033  15.276  1.00 30.97  ? 87  ILE A CB    1 
ATOM   460  C  CG1   . ILE A 1 74  ? 9.664   -9.030  14.673  1.00 32.22  ? 87  ILE A CG1   1 
ATOM   461  C  CG2   . ILE A 1 74  ? 7.228   -8.459  15.002  1.00 31.97  ? 87  ILE A CG2   1 
ATOM   462  C  CD1   . ILE A 1 74  ? 9.882   -10.295 15.577  1.00 31.47  ? 87  ILE A CD1   1 
ATOM   463  N  N     . TYR A 1 75  ? 7.113   -5.933  13.308  1.00 29.39  ? 88  TYR A N     1 
ATOM   464  C  CA    . TYR A 1 75  ? 6.463   -5.619  12.023  1.00 28.98  ? 88  TYR A CA    1 
ATOM   465  C  C     . TYR A 1 75  ? 6.982   -4.320  11.391  1.00 28.87  ? 88  TYR A C     1 
ATOM   466  O  O     . TYR A 1 75  ? 7.443   -4.322  10.242  1.00 28.36  ? 88  TYR A O     1 
ATOM   467  C  CB    . TYR A 1 75  ? 4.943   -5.560  12.191  1.00 28.56  ? 88  TYR A CB    1 
ATOM   468  C  CG    . TYR A 1 75  ? 4.154   -5.488  10.899  1.00 28.26  ? 88  TYR A CG    1 
ATOM   469  C  CD1   . TYR A 1 75  ? 3.954   -6.629  10.111  1.00 27.11  ? 88  TYR A CD1   1 
ATOM   470  C  CD2   . TYR A 1 75  ? 3.580   -4.285  10.483  1.00 27.31  ? 88  TYR A CD2   1 
ATOM   471  C  CE1   . TYR A 1 75  ? 3.198   -6.567  8.925   1.00 28.25  ? 88  TYR A CE1   1 
ATOM   472  C  CE2   . TYR A 1 75  ? 2.833   -4.210  9.308   1.00 28.94  ? 88  TYR A CE2   1 
ATOM   473  C  CZ    . TYR A 1 75  ? 2.641   -5.356  8.537   1.00 28.25  ? 88  TYR A CZ    1 
ATOM   474  O  OH    . TYR A 1 75  ? 1.913   -5.268  7.377   1.00 28.45  ? 88  TYR A OH    1 
ATOM   475  N  N     . TYR A 1 76  ? 6.913   -3.229  12.156  1.00 29.02  ? 89  TYR A N     1 
ATOM   476  C  CA    . TYR A 1 76  ? 7.396   -1.907  11.724  1.00 29.19  ? 89  TYR A CA    1 
ATOM   477  C  C     . TYR A 1 76  ? 8.904   -1.832  11.466  1.00 29.02  ? 89  TYR A C     1 
ATOM   478  O  O     . TYR A 1 76  ? 9.352   -1.143  10.538  1.00 29.45  ? 89  TYR A O     1 
ATOM   479  C  CB    . TYR A 1 76  ? 7.000   -0.832  12.753  1.00 29.45  ? 89  TYR A CB    1 
ATOM   480  C  CG    . TYR A 1 76  ? 5.508   -0.513  12.782  1.00 29.34  ? 89  TYR A CG    1 
ATOM   481  C  CD1   . TYR A 1 76  ? 4.642   -1.215  13.616  1.00 28.74  ? 89  TYR A CD1   1 
ATOM   482  C  CD2   . TYR A 1 76  ? 4.974   0.493   11.970  1.00 28.69  ? 89  TYR A CD2   1 
ATOM   483  C  CE1   . TYR A 1 76  ? 3.282   -0.929  13.637  1.00 29.58  ? 89  TYR A CE1   1 
ATOM   484  C  CE2   . TYR A 1 76  ? 3.620   0.786   11.984  1.00 28.90  ? 89  TYR A CE2   1 
ATOM   485  C  CZ    . TYR A 1 76  ? 2.777   0.072   12.817  1.00 29.93  ? 89  TYR A CZ    1 
ATOM   486  O  OH    . TYR A 1 76  ? 1.428   0.357   12.827  1.00 30.01  ? 89  TYR A OH    1 
ATOM   487  N  N     . ARG A 1 77  ? 9.676   -2.544  12.286  1.00 28.67  ? 90  ARG A N     1 
ATOM   488  C  CA    . ARG A 1 77  ? 11.146  -2.481  12.300  1.00 28.45  ? 90  ARG A CA    1 
ATOM   489  C  C     . ARG A 1 77  ? 11.808  -2.494  10.908  1.00 28.19  ? 90  ARG A C     1 
ATOM   490  O  O     . ARG A 1 77  ? 11.559  -3.402  10.109  1.00 28.11  ? 90  ARG A O     1 
ATOM   491  C  CB    . ARG A 1 77  ? 11.685  -3.647  13.143  1.00 28.47  ? 90  ARG A CB    1 
ATOM   492  C  CG    . ARG A 1 77  ? 13.175  -3.624  13.454  1.00 28.96  ? 90  ARG A CG    1 
ATOM   493  C  CD    . ARG A 1 77  ? 13.602  -4.913  14.187  1.00 28.20  ? 90  ARG A CD    1 
ATOM   494  N  NE    . ARG A 1 77  ? 12.841  -5.101  15.419  1.00 27.14  ? 90  ARG A NE    1 
ATOM   495  C  CZ    . ARG A 1 77  ? 12.689  -6.263  16.053  1.00 26.37  ? 90  ARG A CZ    1 
ATOM   496  N  NH1   . ARG A 1 77  ? 13.239  -7.368  15.566  1.00 23.55  ? 90  ARG A NH1   1 
ATOM   497  N  NH2   . ARG A 1 77  ? 11.958  -6.314  17.173  1.00 25.41  ? 90  ARG A NH2   1 
ATOM   498  N  N     . ASP A 1 78  ? 12.646  -1.482  10.651  1.00 27.87  ? 91  ASP A N     1 
ATOM   499  C  CA    . ASP A 1 78  ? 13.525  -1.374  9.453   1.00 27.65  ? 91  ASP A CA    1 
ATOM   500  C  C     . ASP A 1 78  ? 12.791  -1.103  8.124   1.00 27.32  ? 91  ASP A C     1 
ATOM   501  O  O     . ASP A 1 78  ? 13.322  -1.378  7.048   1.00 27.25  ? 91  ASP A O     1 
ATOM   502  C  CB    . ASP A 1 78  ? 14.446  -2.600  9.294   1.00 27.63  ? 91  ASP A CB    1 
ATOM   503  C  CG    . ASP A 1 78  ? 15.205  -2.950  10.562  1.00 28.61  ? 91  ASP A CG    1 
ATOM   504  O  OD1   . ASP A 1 78  ? 15.892  -2.074  11.118  1.00 28.95  ? 91  ASP A OD1   1 
ATOM   505  O  OD2   . ASP A 1 78  ? 15.122  -4.121  10.998  1.00 30.73  ? 91  ASP A OD2   1 
ATOM   506  N  N     . SER A 1 79  ? 11.580  -0.557  8.206   1.00 27.05  ? 92  SER A N     1 
ATOM   507  C  CA    . SER A 1 79  ? 10.784  -0.261  7.019   1.00 26.29  ? 92  SER A CA    1 
ATOM   508  C  C     . SER A 1 79  ? 11.277  1.001   6.367   1.00 25.91  ? 92  SER A C     1 
ATOM   509  O  O     . SER A 1 79  ? 11.654  1.957   7.060   1.00 25.79  ? 92  SER A O     1 
ATOM   510  C  CB    . SER A 1 79  ? 9.320   -0.094  7.377   1.00 26.15  ? 92  SER A CB    1 
ATOM   511  O  OG    . SER A 1 79  ? 8.835   -1.269  7.978   1.00 26.37  ? 92  SER A OG    1 
ATOM   512  N  N     . ASN A 1 80  ? 11.268  0.982   5.036   1.00 24.85  ? 93  ASN A N     1 
ATOM   513  C  CA    . ASN A 1 80  ? 11.689  2.107   4.205   1.00 23.90  ? 93  ASN A CA    1 
ATOM   514  C  C     . ASN A 1 80  ? 10.478  2.820   3.590   1.00 23.40  ? 93  ASN A C     1 
ATOM   515  O  O     . ASN A 1 80  ? 10.488  4.043   3.452   1.00 23.65  ? 93  ASN A O     1 
ATOM   516  C  CB    . ASN A 1 80  ? 12.644  1.644   3.087   1.00 23.62  ? 93  ASN A CB    1 
ATOM   517  C  CG    . ASN A 1 80  ? 13.884  0.930   3.618   1.00 23.79  ? 93  ASN A CG    1 
ATOM   518  O  OD1   . ASN A 1 80  ? 14.753  1.540   4.260   1.00 24.48  ? 93  ASN A OD1   1 
ATOM   519  N  ND2   . ASN A 1 80  ? 13.979  -0.359  3.342   1.00 20.93  ? 93  ASN A ND2   1 
ATOM   520  N  N     . GLY A 1 81  ? 9.455   2.045   3.209   1.00 22.41  ? 94  GLY A N     1 
ATOM   521  C  CA    . GLY A 1 81  ? 8.198   2.583   2.679   1.00 21.16  ? 94  GLY A CA    1 
ATOM   522  C  C     . GLY A 1 81  ? 6.959   2.033   3.372   1.00 20.44  ? 94  GLY A C     1 
ATOM   523  O  O     . GLY A 1 81  ? 7.024   1.028   4.077   1.00 21.32  ? 94  GLY A O     1 
ATOM   524  N  N     . ALA A 1 82  ? 5.816   2.676   3.169   1.00 19.54  ? 95  ALA A N     1 
ATOM   525  C  CA    . ALA A 1 82  ? 4.562   2.199   3.770   1.00 19.15  ? 95  ALA A CA    1 
ATOM   526  C  C     . ALA A 1 82  ? 3.343   2.420   2.853   1.00 18.43  ? 95  ALA A C     1 
ATOM   527  O  O     . ALA A 1 82  ? 3.204   3.479   2.231   1.00 18.18  ? 95  ALA A O     1 
ATOM   528  C  CB    . ALA A 1 82  ? 4.334   2.850   5.135   1.00 18.24  ? 95  ALA A CB    1 
ATOM   529  N  N     . ILE A 1 83  ? 2.479   1.409   2.778   1.00 18.07  ? 96  ILE A N     1 
ATOM   530  C  CA    . ILE A 1 83  ? 1.274   1.450   1.934   1.00 17.92  ? 96  ILE A CA    1 
ATOM   531  C  C     . ILE A 1 83  ? 0.014   1.395   2.839   1.00 18.81  ? 96  ILE A C     1 
ATOM   532  O  O     . ILE A 1 83  ? -0.320  0.354   3.443   1.00 18.58  ? 96  ILE A O     1 
ATOM   533  C  CB    . ILE A 1 83  ? 1.327   0.347   0.858   1.00 17.98  ? 96  ILE A CB    1 
ATOM   534  C  CG1   . ILE A 1 83  ? 2.575   0.571   -0.028  1.00 18.68  ? 96  ILE A CG1   1 
ATOM   535  C  CG2   . ILE A 1 83  ? 0.053   0.310   -0.024  1.00 16.45  ? 96  ILE A CG2   1 
ATOM   536  C  CD1   . ILE A 1 83  ? 2.828   -0.506  -1.092  1.00 17.82  ? 96  ILE A CD1   1 
ATOM   537  N  N     . LEU A 1 84  ? -0.653  2.536   2.973   1.00 19.05  ? 97  LEU A N     1 
ATOM   538  C  CA    . LEU A 1 84  ? -1.835  2.607   3.839   1.00 19.90  ? 97  LEU A CA    1 
ATOM   539  C  C     . LEU A 1 84  ? -3.123  2.654   2.981   1.00 19.83  ? 97  LEU A C     1 
ATOM   540  O  O     . LEU A 1 84  ? -3.410  3.657   2.307   1.00 20.68  ? 97  LEU A O     1 
ATOM   541  C  CB    . LEU A 1 84  ? -1.704  3.769   4.844   1.00 18.51  ? 97  LEU A CB    1 
ATOM   542  C  CG    . LEU A 1 84  ? -2.873  4.239   5.714   1.00 20.08  ? 97  LEU A CG    1 
ATOM   543  C  CD1   . LEU A 1 84  ? -3.508  3.121   6.549   1.00 18.89  ? 97  LEU A CD1   1 
ATOM   544  C  CD2   . LEU A 1 84  ? -2.414  5.416   6.624   1.00 21.29  ? 97  LEU A CD2   1 
ATOM   545  N  N     . VAL A 1 85  ? -3.888  1.561   3.020   1.00 19.84  ? 98  VAL A N     1 
ATOM   546  C  CA    . VAL A 1 85  ? -5.007  1.331   2.095   1.00 19.26  ? 98  VAL A CA    1 
ATOM   547  C  C     . VAL A 1 85  ? -6.378  1.584   2.782   1.00 19.97  ? 98  VAL A C     1 
ATOM   548  O  O     . VAL A 1 85  ? -6.572  1.265   3.969   1.00 19.55  ? 98  VAL A O     1 
ATOM   549  C  CB    . VAL A 1 85  ? -4.910  -0.106  1.493   1.00 19.29  ? 98  VAL A CB    1 
ATOM   550  C  CG1   . VAL A 1 85  ? -5.959  -0.364  0.391   1.00 17.19  ? 98  VAL A CG1   1 
ATOM   551  C  CG2   . VAL A 1 85  ? -3.497  -0.364  0.950   1.00 18.80  ? 98  VAL A CG2   1 
ATOM   552  N  N     . TYR A 1 86  ? -7.300  2.196   2.039   1.00 19.88  ? 99  TYR A N     1 
ATOM   553  C  CA    . TYR A 1 86  ? -8.714  2.238   2.424   1.00 20.29  ? 99  TYR A CA    1 
ATOM   554  C  C     . TYR A 1 86  ? -9.574  1.710   1.246   1.00 20.27  ? 99  TYR A C     1 
ATOM   555  O  O     . TYR A 1 86  ? -9.068  1.365   0.174   1.00 19.96  ? 99  TYR A O     1 
ATOM   556  C  CB    . TYR A 1 86  ? -9.141  3.661   2.876   1.00 20.03  ? 99  TYR A CB    1 
ATOM   557  C  CG    . TYR A 1 86  ? -9.107  4.669   1.755   1.00 21.06  ? 99  TYR A CG    1 
ATOM   558  C  CD1   . TYR A 1 86  ? -10.210 4.832   0.894   1.00 21.24  ? 99  TYR A CD1   1 
ATOM   559  C  CD2   . TYR A 1 86  ? -7.960  5.430   1.507   1.00 21.28  ? 99  TYR A CD2   1 
ATOM   560  C  CE1   . TYR A 1 86  ? -10.161 5.722   -0.167  1.00 19.53  ? 99  TYR A CE1   1 
ATOM   561  C  CE2   . TYR A 1 86  ? -7.908  6.327   0.454   1.00 19.70  ? 99  TYR A CE2   1 
ATOM   562  C  CZ    . TYR A 1 86  ? -9.009  6.472   -0.373  1.00 20.71  ? 99  TYR A CZ    1 
ATOM   563  O  OH    . TYR A 1 86  ? -8.954  7.371   -1.418  1.00 20.22  ? 99  TYR A OH    1 
ATOM   564  N  N     . ASP A 1 87  ? -10.875 1.658   1.451   1.00 20.57  ? 100 ASP A N     1 
ATOM   565  C  CA    . ASP A 1 87  ? -11.800 1.156   0.438   1.00 20.95  ? 100 ASP A CA    1 
ATOM   566  C  C     . ASP A 1 87  ? -12.638 2.338   -0.019  1.00 20.37  ? 100 ASP A C     1 
ATOM   567  O  O     . ASP A 1 87  ? -13.319 2.985   0.782   1.00 20.02  ? 100 ASP A O     1 
ATOM   568  C  CB    . ASP A 1 87  ? -12.669 0.053   1.069   1.00 21.74  ? 100 ASP A CB    1 
ATOM   569  C  CG    . ASP A 1 87  ? -13.737 -0.509  0.127   1.00 23.57  ? 100 ASP A CG    1 
ATOM   570  O  OD1   . ASP A 1 87  ? -13.903 0.002   -1.018  1.00 25.62  ? 100 ASP A OD1   1 
ATOM   571  O  OD2   . ASP A 1 87  ? -14.415 -1.472  0.566   1.00 22.45  ? 100 ASP A OD2   1 
ATOM   572  N  N     . ILE A 1 88  ? -12.557 2.635   -1.309  1.00 20.69  ? 101 ILE A N     1 
ATOM   573  C  CA    . ILE A 1 88  ? -13.289 3.767   -1.912  1.00 20.79  ? 101 ILE A CA    1 
ATOM   574  C  C     . ILE A 1 88  ? -14.819 3.732   -1.705  1.00 21.23  ? 101 ILE A C     1 
ATOM   575  O  O     . ILE A 1 88  ? -15.475 4.777   -1.775  1.00 21.64  ? 101 ILE A O     1 
ATOM   576  C  CB    . ILE A 1 88  ? -12.932 3.939   -3.418  1.00 20.75  ? 101 ILE A CB    1 
ATOM   577  C  CG1   . ILE A 1 88  ? -13.462 2.779   -4.284  1.00 19.49  ? 101 ILE A CG1   1 
ATOM   578  C  CG2   . ILE A 1 88  ? -11.435 4.098   -3.589  1.00 20.18  ? 101 ILE A CG2   1 
ATOM   579  C  CD1   . ILE A 1 88  ? -14.553 3.214   -5.277  1.00 18.66  ? 101 ILE A CD1   1 
ATOM   580  N  N     . THR A 1 89  ? -15.362 2.534   -1.443  1.00 21.40  ? 102 THR A N     1 
ATOM   581  C  CA    . THR A 1 89  ? -16.795 2.329   -1.207  1.00 21.81  ? 102 THR A CA    1 
ATOM   582  C  C     . THR A 1 89  ? -17.161 2.509   0.258   1.00 22.68  ? 102 THR A C     1 
ATOM   583  O  O     . THR A 1 89  ? -18.336 2.412   0.616   1.00 22.54  ? 102 THR A O     1 
ATOM   584  C  CB    . THR A 1 89  ? -17.288 0.888   -1.638  1.00 22.06  ? 102 THR A CB    1 
ATOM   585  O  OG1   . THR A 1 89  ? -16.945 -0.091  -0.636  1.00 21.56  ? 102 THR A OG1   1 
ATOM   586  C  CG2   . THR A 1 89  ? -16.729 0.472   -3.015  1.00 20.98  ? 102 THR A CG2   1 
ATOM   587  N  N     . ASP A 1 90  ? -16.155 2.764   1.094   1.00 23.39  ? 103 ASP A N     1 
ATOM   588  C  CA    . ASP A 1 90  ? -16.328 2.791   2.543   1.00 24.68  ? 103 ASP A CA    1 
ATOM   589  C  C     . ASP A 1 90  ? -15.598 3.976   3.223   1.00 24.98  ? 103 ASP A C     1 
ATOM   590  O  O     . ASP A 1 90  ? -14.367 3.993   3.373   1.00 24.60  ? 103 ASP A O     1 
ATOM   591  C  CB    . ASP A 1 90  ? -15.924 1.433   3.154   1.00 24.63  ? 103 ASP A CB    1 
ATOM   592  C  CG    . ASP A 1 90  ? -16.223 1.337   4.647   1.00 25.40  ? 103 ASP A CG    1 
ATOM   593  O  OD1   . ASP A 1 90  ? -16.031 2.331   5.385   1.00 25.72  ? 103 ASP A OD1   1 
ATOM   594  O  OD2   . ASP A 1 90  ? -16.634 0.246   5.091   1.00 27.46  ? 103 ASP A OD2   1 
ATOM   595  N  N     . GLU A 1 91  ? -16.401 4.942   3.655   1.00 25.90  ? 104 GLU A N     1 
ATOM   596  C  CA    . GLU A 1 91  ? -15.927 6.183   4.278   1.00 26.81  ? 104 GLU A CA    1 
ATOM   597  C  C     . GLU A 1 91  ? -15.285 5.991   5.671   1.00 27.08  ? 104 GLU A C     1 
ATOM   598  O  O     . GLU A 1 91  ? -14.350 6.718   6.027   1.00 27.44  ? 104 GLU A O     1 
ATOM   599  C  CB    . GLU A 1 91  ? -17.065 7.223   4.294   1.00 26.61  ? 104 GLU A CB    1 
ATOM   600  C  CG    . GLU A 1 91  ? -16.769 8.559   4.984   1.00 28.23  ? 104 GLU A CG    1 
ATOM   601  C  CD    . GLU A 1 91  ? -15.614 9.329   4.362   1.00 30.52  ? 104 GLU A CD    1 
ATOM   602  O  OE1   . GLU A 1 91  ? -15.311 9.138   3.165   1.00 29.56  ? 104 GLU A OE1   1 
ATOM   603  O  OE2   . GLU A 1 91  ? -14.998 10.137  5.088   1.00 33.08  ? 104 GLU A OE2   1 
ATOM   604  N  N     . ASP A 1 92  ? -15.759 5.012   6.445   1.00 27.36  ? 105 ASP A N     1 
ATOM   605  C  CA    . ASP A 1 92  ? -15.116 4.690   7.731   1.00 27.54  ? 105 ASP A CA    1 
ATOM   606  C  C     . ASP A 1 92  ? -13.679 4.187   7.559   1.00 27.01  ? 105 ASP A C     1 
ATOM   607  O  O     . ASP A 1 92  ? -12.798 4.521   8.358   1.00 27.50  ? 105 ASP A O     1 
ATOM   608  C  CB    . ASP A 1 92  ? -15.935 3.678   8.547   1.00 28.01  ? 105 ASP A CB    1 
ATOM   609  C  CG    . ASP A 1 92  ? -17.349 4.149   8.817   1.00 30.52  ? 105 ASP A CG    1 
ATOM   610  O  OD1   . ASP A 1 92  ? -18.316 3.430   8.438   1.00 33.09  ? 105 ASP A OD1   1 
ATOM   611  O  OD2   . ASP A 1 92  ? -17.491 5.251   9.390   1.00 33.07  ? 105 ASP A OD2   1 
ATOM   612  N  N     . SER A 1 93  ? -13.440 3.386   6.527   1.00 26.25  ? 106 SER A N     1 
ATOM   613  C  CA    . SER A 1 93  ? -12.080 2.889   6.246   1.00 25.90  ? 106 SER A CA    1 
ATOM   614  C  C     . SER A 1 93  ? -11.090 4.027   5.958   1.00 25.99  ? 106 SER A C     1 
ATOM   615  O  O     . SER A 1 93  ? -9.921  3.963   6.373   1.00 25.97  ? 106 SER A O     1 
ATOM   616  C  CB    . SER A 1 93  ? -12.083 1.843   5.122   1.00 25.04  ? 106 SER A CB    1 
ATOM   617  O  OG    . SER A 1 93  ? -12.348 2.439   3.864   1.00 24.22  ? 106 SER A OG    1 
ATOM   618  N  N     . PHE A 1 94  ? -11.576 5.071   5.282   1.00 26.27  ? 107 PHE A N     1 
ATOM   619  C  CA    . PHE A 1 94  ? -10.788 6.275   5.017   1.00 26.72  ? 107 PHE A CA    1 
ATOM   620  C  C     . PHE A 1 94  ? -10.553 7.144   6.270   1.00 27.16  ? 107 PHE A C     1 
ATOM   621  O  O     . PHE A 1 94  ? -9.429  7.594   6.514   1.00 26.52  ? 107 PHE A O     1 
ATOM   622  C  CB    . PHE A 1 94  ? -11.404 7.131   3.890   1.00 26.65  ? 107 PHE A CB    1 
ATOM   623  C  CG    . PHE A 1 94  ? -10.731 8.473   3.729   1.00 27.24  ? 107 PHE A CG    1 
ATOM   624  C  CD1   . PHE A 1 94  ? -9.445  8.563   3.207   1.00 26.63  ? 107 PHE A CD1   1 
ATOM   625  C  CD2   . PHE A 1 94  ? -11.354 9.635   4.156   1.00 28.63  ? 107 PHE A CD2   1 
ATOM   626  C  CE1   . PHE A 1 94  ? -8.805  9.788   3.091   1.00 26.80  ? 107 PHE A CE1   1 
ATOM   627  C  CE2   . PHE A 1 94  ? -10.712 10.875  4.034   1.00 27.92  ? 107 PHE A CE2   1 
ATOM   628  C  CZ    . PHE A 1 94  ? -9.439  10.944  3.504   1.00 26.81  ? 107 PHE A CZ    1 
ATOM   629  N  N     . GLN A 1 95  ? -11.619 7.373   7.046   1.00 27.68  ? 108 GLN A N     1 
ATOM   630  C  CA    . GLN A 1 95  ? -11.563 8.194   8.264   1.00 28.43  ? 108 GLN A CA    1 
ATOM   631  C  C     . GLN A 1 95  ? -10.652 7.609   9.354   1.00 29.18  ? 108 GLN A C     1 
ATOM   632  O  O     . GLN A 1 95  ? -10.169 8.339   10.223  1.00 29.46  ? 108 GLN A O     1 
ATOM   633  C  CB    . GLN A 1 95  ? -12.967 8.445   8.810   1.00 27.94  ? 108 GLN A CB    1 
ATOM   634  N  N     . LYS A 1 96  ? -10.427 6.296   9.297   1.00 30.03  ? 109 LYS A N     1 
ATOM   635  C  CA    . LYS A 1 96  ? -9.480  5.614   10.182  1.00 30.90  ? 109 LYS A CA    1 
ATOM   636  C  C     . LYS A 1 96  ? -8.027  5.694   9.690   1.00 31.25  ? 109 LYS A C     1 
ATOM   637  O  O     . LYS A 1 96  ? -7.105  5.343   10.428  1.00 31.50  ? 109 LYS A O     1 
ATOM   638  C  CB    . LYS A 1 96  ? -9.874  4.144   10.342  1.00 31.18  ? 109 LYS A CB    1 
ATOM   639  C  CG    . LYS A 1 96  ? -11.157 3.911   11.115  1.00 31.84  ? 109 LYS A CG    1 
ATOM   640  C  CD    . LYS A 1 96  ? -10.888 3.478   12.544  1.00 34.99  ? 109 LYS A CD    1 
ATOM   641  C  CE    . LYS A 1 96  ? -12.170 2.991   13.217  1.00 35.84  ? 109 LYS A CE    1 
ATOM   642  N  NZ    . LYS A 1 96  ? -12.845 1.937   12.396  1.00 36.37  ? 109 LYS A NZ    1 
ATOM   643  N  N     . VAL A 1 97  ? -7.828  6.144   8.451   1.00 31.63  ? 110 VAL A N     1 
ATOM   644  C  CA    . VAL A 1 97  ? -6.486  6.275   7.869   1.00 32.14  ? 110 VAL A CA    1 
ATOM   645  C  C     . VAL A 1 97  ? -5.560  7.102   8.766   1.00 33.01  ? 110 VAL A C     1 
ATOM   646  O  O     . VAL A 1 97  ? -4.374  6.772   8.901   1.00 33.05  ? 110 VAL A O     1 
ATOM   647  C  CB    . VAL A 1 97  ? -6.545  6.842   6.405   1.00 32.04  ? 110 VAL A CB    1 
ATOM   648  C  CG1   . VAL A 1 97  ? -5.320  7.680   6.039   1.00 31.57  ? 110 VAL A CG1   1 
ATOM   649  C  CG2   . VAL A 1 97  ? -6.760  5.717   5.394   1.00 31.52  ? 110 VAL A CG2   1 
ATOM   650  N  N     . LYS A 1 98  ? -6.118  8.136   9.401   1.00 33.55  ? 111 LYS A N     1 
ATOM   651  C  CA    . LYS A 1 98  ? -5.348  9.063   10.243  1.00 34.48  ? 111 LYS A CA    1 
ATOM   652  C  C     . LYS A 1 98  ? -4.797  8.431   11.517  1.00 34.82  ? 111 LYS A C     1 
ATOM   653  O  O     . LYS A 1 98  ? -3.783  8.884   12.047  1.00 35.15  ? 111 LYS A O     1 
ATOM   654  C  CB    . LYS A 1 98  ? -6.178  10.313  10.574  1.00 34.44  ? 111 LYS A CB    1 
ATOM   655  N  N     . ASN A 1 99  ? -5.467  7.393   12.008  1.00 35.34  ? 112 ASN A N     1 
ATOM   656  C  CA    . ASN A 1 99  ? -4.997  6.652   13.179  1.00 36.11  ? 112 ASN A CA    1 
ATOM   657  C  C     . ASN A 1 99  ? -3.699  5.900   12.881  1.00 36.33  ? 112 ASN A C     1 
ATOM   658  O  O     . ASN A 1 99  ? -2.759  5.886   13.696  1.00 36.29  ? 112 ASN A O     1 
ATOM   659  C  CB    . ASN A 1 99  ? -6.078  5.686   13.675  1.00 36.30  ? 112 ASN A CB    1 
ATOM   660  C  CG    . ASN A 1 99  ? -7.379  6.396   14.047  1.00 37.51  ? 112 ASN A CG    1 
ATOM   661  O  OD1   . ASN A 1 99  ? -7.587  7.568   13.712  1.00 37.76  ? 112 ASN A OD1   1 
ATOM   662  N  ND2   . ASN A 1 99  ? -8.265  5.683   14.745  1.00 39.24  ? 112 ASN A ND2   1 
ATOM   663  N  N     . TRP A 1 100 ? -3.659  5.299   11.692  1.00 36.39  ? 113 TRP A N     1 
ATOM   664  C  CA    . TRP A 1 100 ? -2.503  4.575   11.211  1.00 36.47  ? 113 TRP A CA    1 
ATOM   665  C  C     . TRP A 1 100 ? -1.293  5.475   10.920  1.00 36.43  ? 113 TRP A C     1 
ATOM   666  O  O     . TRP A 1 100 ? -0.154  5.042   11.103  1.00 36.09  ? 113 TRP A O     1 
ATOM   667  C  CB    . TRP A 1 100 ? -2.864  3.809   9.952   1.00 36.87  ? 113 TRP A CB    1 
ATOM   668  C  CG    . TRP A 1 100 ? -3.773  2.651   10.153  1.00 36.74  ? 113 TRP A CG    1 
ATOM   669  C  CD1   . TRP A 1 100 ? -5.092  2.592   9.836   1.00 37.31  ? 113 TRP A CD1   1 
ATOM   670  C  CD2   . TRP A 1 100 ? -3.429  1.367   10.684  1.00 36.94  ? 113 TRP A CD2   1 
ATOM   671  N  NE1   . TRP A 1 100 ? -5.600  1.354   10.143  1.00 38.01  ? 113 TRP A NE1   1 
ATOM   672  C  CE2   . TRP A 1 100 ? -4.598  0.582   10.663  1.00 37.75  ? 113 TRP A CE2   1 
ATOM   673  C  CE3   . TRP A 1 100 ? -2.247  0.807   11.183  1.00 37.52  ? 113 TRP A CE3   1 
ATOM   674  C  CZ2   . TRP A 1 100 ? -4.622  -0.742  11.121  1.00 38.34  ? 113 TRP A CZ2   1 
ATOM   675  C  CZ3   . TRP A 1 100 ? -2.270  -0.506  11.641  1.00 37.60  ? 113 TRP A CZ3   1 
ATOM   676  C  CH2   . TRP A 1 100 ? -3.447  -1.268  11.597  1.00 37.92  ? 113 TRP A CH2   1 
ATOM   677  N  N     . VAL A 1 101 ? -1.537  6.698   10.439  1.00 36.19  ? 114 VAL A N     1 
ATOM   678  C  CA    . VAL A 1 101 ? -0.454  7.671   10.225  1.00 36.16  ? 114 VAL A CA    1 
ATOM   679  C  C     . VAL A 1 101 ? 0.145   8.051   11.592  1.00 36.65  ? 114 VAL A C     1 
ATOM   680  O  O     . VAL A 1 101 ? 1.366   7.994   11.782  1.00 36.26  ? 114 VAL A O     1 
ATOM   681  C  CB    . VAL A 1 101 ? -0.929  8.932   9.428   1.00 35.95  ? 114 VAL A CB    1 
ATOM   682  C  CG1   . VAL A 1 101 ? 0.138   10.040  9.420   1.00 35.55  ? 114 VAL A CG1   1 
ATOM   683  C  CG2   . VAL A 1 101 ? -1.298  8.566   7.993   1.00 35.06  ? 114 VAL A CG2   1 
ATOM   684  N  N     . LYS A 1 102 ? -0.732  8.402   12.537  1.00 37.00  ? 115 LYS A N     1 
ATOM   685  C  CA    . LYS A 1 102 ? -0.348  8.717   13.920  1.00 37.70  ? 115 LYS A CA    1 
ATOM   686  C  C     . LYS A 1 102 ? -0.105  7.442   14.729  1.00 38.22  ? 115 LYS A C     1 
ATOM   687  O  O     . LYS A 1 102 ? -0.542  7.328   15.880  1.00 39.05  ? 115 LYS A O     1 
ATOM   688  C  CB    . LYS A 1 102 ? -1.420  9.571   14.588  1.00 37.57  ? 115 LYS A CB    1 
ATOM   689  N  N     . GLU A 1 103 ? 0.572   6.489   14.096  1.00 38.06  ? 116 GLU A N     1 
ATOM   690  C  CA    . GLU A 1 103 ? 1.023   5.231   14.693  1.00 37.89  ? 116 GLU A CA    1 
ATOM   691  C  C     . GLU A 1 103 ? 2.287   4.877   13.919  1.00 37.15  ? 116 GLU A C     1 
ATOM   692  O  O     . GLU A 1 103 ? 3.261   4.416   14.489  1.00 37.11  ? 116 GLU A O     1 
ATOM   693  C  CB    . GLU A 1 103 ? -0.033  4.121   14.558  1.00 37.62  ? 116 GLU A CB    1 
ATOM   694  C  CG    . GLU A 1 103 ? 0.416   2.729   15.037  1.00 37.73  ? 116 GLU A CG    1 
ATOM   695  C  CD    . GLU A 1 103 ? -0.663  1.646   14.892  1.00 39.23  ? 116 GLU A CD    1 
ATOM   696  O  OE1   . GLU A 1 103 ? -0.322  0.519   14.467  1.00 40.33  ? 116 GLU A OE1   1 
ATOM   697  O  OE2   . GLU A 1 103 ? -1.856  1.903   15.204  1.00 42.36  ? 116 GLU A OE2   1 
ATOM   698  N  N     . LEU A 1 104 ? 2.255   5.120   12.614  1.00 36.67  ? 117 LEU A N     1 
ATOM   699  C  CA    . LEU A 1 104 ? 3.432   4.997   11.764  1.00 36.90  ? 117 LEU A CA    1 
ATOM   700  C  C     . LEU A 1 104 ? 4.506   6.010   12.182  1.00 36.74  ? 117 LEU A C     1 
ATOM   701  O  O     . LEU A 1 104 ? 5.697   5.706   12.165  1.00 36.49  ? 117 LEU A O     1 
ATOM   702  C  CB    . LEU A 1 104 ? 3.048   5.245   10.303  1.00 36.49  ? 117 LEU A CB    1 
ATOM   703  C  CG    . LEU A 1 104 ? 3.759   4.534   9.151   1.00 36.57  ? 117 LEU A CG    1 
ATOM   704  C  CD1   . LEU A 1 104 ? 3.593   5.381   7.888   1.00 36.57  ? 117 LEU A CD1   1 
ATOM   705  C  CD2   . LEU A 1 104 ? 5.213   4.255   9.416   1.00 35.34  ? 117 LEU A CD2   1 
ATOM   706  N  N     . ARG A 1 105 ? 4.061   7.216   12.530  1.00 36.95  ? 118 ARG A N     1 
ATOM   707  C  CA    . ARG A 1 105 ? 4.936   8.296   12.980  1.00 37.06  ? 118 ARG A CA    1 
ATOM   708  C  C     . ARG A 1 105 ? 5.510   8.024   14.372  1.00 37.11  ? 118 ARG A C     1 
ATOM   709  O  O     . ARG A 1 105 ? 6.657   8.368   14.639  1.00 37.28  ? 118 ARG A O     1 
ATOM   710  C  CB    . ARG A 1 105 ? 4.197   9.626   12.948  1.00 37.06  ? 118 ARG A CB    1 
ATOM   711  N  N     . LYS A 1 106 ? 4.726   7.390   15.245  1.00 36.94  ? 119 LYS A N     1 
ATOM   712  C  CA    . LYS A 1 106 ? 5.233   6.965   16.552  1.00 37.06  ? 119 LYS A CA    1 
ATOM   713  C  C     . LYS A 1 106 ? 6.261   5.833   16.432  1.00 37.12  ? 119 LYS A C     1 
ATOM   714  O  O     . LYS A 1 106 ? 7.279   5.842   17.130  1.00 37.31  ? 119 LYS A O     1 
ATOM   715  C  CB    . LYS A 1 106 ? 4.087   6.555   17.481  1.00 37.21  ? 119 LYS A CB    1 
ATOM   716  N  N     . MET A 1 107 ? 6.011   4.877   15.535  1.00 36.68  ? 120 MET A N     1 
ATOM   717  C  CA    . MET A 1 107 ? 6.897   3.725   15.377  1.00 36.62  ? 120 MET A CA    1 
ATOM   718  C  C     . MET A 1 107 ? 8.197   4.030   14.636  1.00 36.31  ? 120 MET A C     1 
ATOM   719  O  O     . MET A 1 107 ? 9.232   3.449   14.961  1.00 36.27  ? 120 MET A O     1 
ATOM   720  C  CB    . MET A 1 107 ? 6.179   2.565   14.669  1.00 36.80  ? 120 MET A CB    1 
ATOM   721  C  CG    . MET A 1 107 ? 5.056   1.908   15.470  1.00 37.98  ? 120 MET A CG    1 
ATOM   722  S  SD    . MET A 1 107 ? 5.513   1.269   17.106  1.00 40.18  ? 120 MET A SD    1 
ATOM   723  C  CE    . MET A 1 107 ? 6.814   0.095   16.719  1.00 37.65  ? 120 MET A CE    1 
ATOM   724  N  N     . LEU A 1 108 ? 8.133   4.922   13.642  1.00 35.96  ? 121 LEU A N     1 
ATOM   725  C  CA    . LEU A 1 108 ? 9.211   5.108   12.654  1.00 35.74  ? 121 LEU A CA    1 
ATOM   726  C  C     . LEU A 1 108 ? 9.522   6.586   12.393  1.00 36.10  ? 121 LEU A C     1 
ATOM   727  O  O     . LEU A 1 108 ? 8.734   7.476   12.755  1.00 35.91  ? 121 LEU A O     1 
ATOM   728  C  CB    . LEU A 1 108 ? 8.816   4.444   11.324  1.00 35.50  ? 121 LEU A CB    1 
ATOM   729  C  CG    . LEU A 1 108 ? 9.139   3.000   10.900  1.00 35.31  ? 121 LEU A CG    1 
ATOM   730  C  CD1   . LEU A 1 108 ? 9.317   2.033   12.032  1.00 34.94  ? 121 LEU A CD1   1 
ATOM   731  C  CD2   . LEU A 1 108 ? 8.076   2.466   9.931   1.00 35.08  ? 121 LEU A CD2   1 
ATOM   732  N  N     . GLY A 1 109 ? 10.661  6.838   11.742  1.00 36.33  ? 122 GLY A N     1 
ATOM   733  C  CA    . GLY A 1 109 ? 11.099  8.209   11.413  1.00 36.95  ? 122 GLY A CA    1 
ATOM   734  C  C     . GLY A 1 109 ? 10.394  8.795   10.199  1.00 37.21  ? 122 GLY A C     1 
ATOM   735  O  O     . GLY A 1 109 ? 10.236  8.105   9.181   1.00 37.73  ? 122 GLY A O     1 
ATOM   736  N  N     . ASN A 1 110 ? 9.962   10.058  10.297  1.00 36.72  ? 123 ASN A N     1 
ATOM   737  C  CA    . ASN A 1 110 ? 9.229   10.730  9.203   1.00 35.95  ? 123 ASN A CA    1 
ATOM   738  C  C     . ASN A 1 110 ? 10.013  10.841  7.869   1.00 35.53  ? 123 ASN A C     1 
ATOM   739  O  O     . ASN A 1 110 ? 9.626   11.588  6.965   1.00 34.95  ? 123 ASN A O     1 
ATOM   740  C  CB    . ASN A 1 110 ? 8.716   12.093  9.662   1.00 36.48  ? 123 ASN A CB    1 
ATOM   741  N  N     . GLU A 1 111 ? 11.097  10.070  7.760   1.00 34.83  ? 124 GLU A N     1 
ATOM   742  C  CA    . GLU A 1 111 ? 11.870  9.927   6.527   1.00 34.57  ? 124 GLU A CA    1 
ATOM   743  C  C     . GLU A 1 111 ? 11.335  8.790   5.632   1.00 34.13  ? 124 GLU A C     1 
ATOM   744  O  O     . GLU A 1 111 ? 11.856  8.547   4.529   1.00 34.46  ? 124 GLU A O     1 
ATOM   745  C  CB    . GLU A 1 111 ? 13.347  9.684   6.863   1.00 34.61  ? 124 GLU A CB    1 
ATOM   746  N  N     . ILE A 1 112 ? 10.310  8.086   6.101   1.00 33.09  ? 125 ILE A N     1 
ATOM   747  C  CA    . ILE A 1 112 ? 9.823   6.919   5.363   1.00 32.08  ? 125 ILE A CA    1 
ATOM   748  C  C     . ILE A 1 112 ? 8.815   7.334   4.294   1.00 30.80  ? 125 ILE A C     1 
ATOM   749  O  O     . ILE A 1 112 ? 7.968   8.207   4.514   1.00 31.06  ? 125 ILE A O     1 
ATOM   750  C  CB    . ILE A 1 112 ? 9.304   5.761   6.292   1.00 32.46  ? 125 ILE A CB    1 
ATOM   751  C  CG1   . ILE A 1 112 ? 7.982   6.113   6.965   1.00 32.63  ? 125 ILE A CG1   1 
ATOM   752  C  CG2   . ILE A 1 112 ? 10.366  5.351   7.325   1.00 32.60  ? 125 ILE A CG2   1 
ATOM   753  C  CD1   . ILE A 1 112 ? 6.809   5.458   6.264   1.00 35.32  ? 125 ILE A CD1   1 
ATOM   754  N  N     . CYS A 1 113 ? 8.930   6.709   3.133   1.00 29.00  ? 126 CYS A N     1 
ATOM   755  C  CA    . CYS A 1 113 ? 8.101   7.040   1.993   1.00 27.29  ? 126 CYS A CA    1 
ATOM   756  C  C     . CYS A 1 113 ? 6.715   6.420   2.152   1.00 26.26  ? 126 CYS A C     1 
ATOM   757  O  O     . CYS A 1 113 ? 6.574   5.194   2.133   1.00 26.28  ? 126 CYS A O     1 
ATOM   758  C  CB    . CYS A 1 113 ? 8.790   6.557   0.723   1.00 27.52  ? 126 CYS A CB    1 
ATOM   759  S  SG    . CYS A 1 113 ? 10.424  7.280   0.479   1.00 27.42  ? 126 CYS A SG    1 
ATOM   760  N  N     . LEU A 1 114 ? 5.703   7.269   2.338   1.00 24.64  ? 127 LEU A N     1 
ATOM   761  C  CA    . LEU A 1 114 ? 4.343   6.814   2.585   1.00 23.95  ? 127 LEU A CA    1 
ATOM   762  C  C     . LEU A 1 114 ? 3.433   6.910   1.342   1.00 24.13  ? 127 LEU A C     1 
ATOM   763  O  O     . LEU A 1 114 ? 3.484   7.879   0.578   1.00 24.05  ? 127 LEU A O     1 
ATOM   764  C  CB    . LEU A 1 114 ? 3.746   7.569   3.785   1.00 24.27  ? 127 LEU A CB    1 
ATOM   765  C  CG    . LEU A 1 114 ? 2.266   7.479   4.219   1.00 23.66  ? 127 LEU A CG    1 
ATOM   766  C  CD1   . LEU A 1 114 ? 1.791   6.081   4.546   1.00 20.43  ? 127 LEU A CD1   1 
ATOM   767  C  CD2   . LEU A 1 114 ? 2.030   8.409   5.393   1.00 23.02  ? 127 LEU A CD2   1 
ATOM   768  N  N     . CYS A 1 115 ? 2.628   5.869   1.142   1.00 24.02  ? 128 CYS A N     1 
ATOM   769  C  CA    . CYS A 1 115 ? 1.574   5.857   0.126   1.00 23.63  ? 128 CYS A CA    1 
ATOM   770  C  C     . CYS A 1 115 ? 0.196   5.805   0.800   1.00 23.74  ? 128 CYS A C     1 
ATOM   771  O  O     . CYS A 1 115 ? -0.022  5.028   1.756   1.00 23.58  ? 128 CYS A O     1 
ATOM   772  C  CB    . CYS A 1 115 ? 1.734   4.640   -0.781  1.00 23.47  ? 128 CYS A CB    1 
ATOM   773  S  SG    . CYS A 1 115 ? 3.372   4.477   -1.563  1.00 23.05  ? 128 CYS A SG    1 
ATOM   774  N  N     . ILE A 1 116 ? -0.729  6.642   0.338   1.00 23.57  ? 129 ILE A N     1 
ATOM   775  C  CA    . ILE A 1 116 ? -2.131  6.424   0.692   1.00 23.94  ? 129 ILE A CA    1 
ATOM   776  C  C     . ILE A 1 116 ? -2.907  5.979   -0.564  1.00 23.82  ? 129 ILE A C     1 
ATOM   777  O  O     . ILE A 1 116 ? -2.791  6.580   -1.640  1.00 23.70  ? 129 ILE A O     1 
ATOM   778  C  CB    . ILE A 1 116 ? -2.739  7.587   1.536   1.00 24.39  ? 129 ILE A CB    1 
ATOM   779  C  CG1   . ILE A 1 116 ? -1.995  7.653   2.892   1.00 24.81  ? 129 ILE A CG1   1 
ATOM   780  C  CG2   . ILE A 1 116 ? -4.247  7.390   1.762   1.00 22.72  ? 129 ILE A CG2   1 
ATOM   781  C  CD1   . ILE A 1 116 ? -2.161  8.938   3.702   1.00 24.52  ? 129 ILE A CD1   1 
ATOM   782  N  N     . VAL A 1 117 ? -3.641  4.874   -0.421  1.00 23.42  ? 130 VAL A N     1 
ATOM   783  C  CA    . VAL A 1 117 ? -4.146  4.121   -1.580  1.00 22.41  ? 130 VAL A CA    1 
ATOM   784  C  C     . VAL A 1 117 ? -5.644  3.842   -1.494  1.00 21.92  ? 130 VAL A C     1 
ATOM   785  O  O     . VAL A 1 117 ? -6.110  3.166   -0.574  1.00 21.06  ? 130 VAL A O     1 
ATOM   786  C  CB    . VAL A 1 117 ? -3.380  2.771   -1.767  1.00 22.45  ? 130 VAL A CB    1 
ATOM   787  C  CG1   . VAL A 1 117 ? -3.907  1.987   -3.016  1.00 21.09  ? 130 VAL A CG1   1 
ATOM   788  C  CG2   . VAL A 1 117 ? -1.888  3.016   -1.863  1.00 21.57  ? 130 VAL A CG2   1 
ATOM   789  N  N     . GLY A 1 118 ? -6.380  4.363   -2.475  1.00 21.54  ? 131 GLY A N     1 
ATOM   790  C  CA    . GLY A 1 118 ? -7.807  4.065   -2.604  1.00 21.75  ? 131 GLY A CA    1 
ATOM   791  C  C     . GLY A 1 118 ? -7.988  2.818   -3.460  1.00 21.54  ? 131 GLY A C     1 
ATOM   792  O  O     . GLY A 1 118 ? -7.793  2.871   -4.681  1.00 21.85  ? 131 GLY A O     1 
ATOM   793  N  N     . ASN A 1 119 ? -8.322  1.696   -2.822  1.00 21.17  ? 132 ASN A N     1 
ATOM   794  C  CA    . ASN A 1 119 ? -8.525  0.429   -3.552  1.00 21.55  ? 132 ASN A CA    1 
ATOM   795  C  C     . ASN A 1 119 ? -9.988  0.145   -3.897  1.00 21.70  ? 132 ASN A C     1 
ATOM   796  O  O     . ASN A 1 119 ? -10.891 0.681   -3.232  1.00 21.45  ? 132 ASN A O     1 
ATOM   797  C  CB    . ASN A 1 119 ? -7.919  -0.764  -2.787  1.00 21.17  ? 132 ASN A CB    1 
ATOM   798  C  CG    . ASN A 1 119 ? -7.914  -2.055  -3.617  1.00 21.99  ? 132 ASN A CG    1 
ATOM   799  O  OD1   . ASN A 1 119 ? -7.430  -2.082  -4.760  1.00 22.03  ? 132 ASN A OD1   1 
ATOM   800  N  ND2   . ASN A 1 119 ? -8.442  -3.126  -3.044  1.00 21.02  ? 132 ASN A ND2   1 
ATOM   801  N  N     . LYS A 1 120 ? -10.205 -0.718  -4.910  1.00 21.74  ? 133 LYS A N     1 
ATOM   802  C  CA    . LYS A 1 120 ? -11.534 -1.224  -5.316  1.00 21.89  ? 133 LYS A CA    1 
ATOM   803  C  C     . LYS A 1 120 ? -12.244 -0.294  -6.304  1.00 22.37  ? 133 LYS A C     1 
ATOM   804  O  O     . LYS A 1 120 ? -13.477 -0.119  -6.237  1.00 22.27  ? 133 LYS A O     1 
ATOM   805  C  CB    . LYS A 1 120 ? -12.450 -1.507  -4.096  1.00 21.78  ? 133 LYS A CB    1 
ATOM   806  C  CG    . LYS A 1 120 ? -12.000 -2.680  -3.221  1.00 22.17  ? 133 LYS A CG    1 
ATOM   807  C  CD    . LYS A 1 120 ? -13.043 -3.104  -2.195  1.00 22.57  ? 133 LYS A CD    1 
ATOM   808  C  CE    . LYS A 1 120 ? -12.414 -4.107  -1.208  1.00 22.72  ? 133 LYS A CE    1 
ATOM   809  N  NZ    . LYS A 1 120 ? -13.346 -4.686  -0.224  1.00 21.39  ? 133 LYS A NZ    1 
ATOM   810  N  N     . ILE A 1 121 ? -11.483 0.298   -7.224  1.00 22.39  ? 134 ILE A N     1 
ATOM   811  C  CA    . ILE A 1 121 ? -12.050 1.343   -8.094  1.00 22.90  ? 134 ILE A CA    1 
ATOM   812  C  C     . ILE A 1 121 ? -12.956 0.809   -9.212  1.00 23.80  ? 134 ILE A C     1 
ATOM   813  O  O     . ILE A 1 121 ? -13.617 1.591   -9.904  1.00 24.37  ? 134 ILE A O     1 
ATOM   814  C  CB    . ILE A 1 121 ? -10.976 2.307   -8.661  1.00 22.33  ? 134 ILE A CB    1 
ATOM   815  C  CG1   . ILE A 1 121 ? -9.937  1.526   -9.495  1.00 22.70  ? 134 ILE A CG1   1 
ATOM   816  C  CG2   . ILE A 1 121 ? -10.379 3.161   -7.511  1.00 21.22  ? 134 ILE A CG2   1 
ATOM   817  C  CD1   . ILE A 1 121 ? -9.016  2.376   -10.359 1.00 22.46  ? 134 ILE A CD1   1 
ATOM   818  N  N     . ASP A 1 122 ? -12.978 -0.513  -9.379  1.00 24.18  ? 135 ASP A N     1 
ATOM   819  C  CA    . ASP A 1 122 ? -13.958 -1.186  -10.237 1.00 25.09  ? 135 ASP A CA    1 
ATOM   820  C  C     . ASP A 1 122 ? -15.386 -0.997  -9.706  1.00 26.01  ? 135 ASP A C     1 
ATOM   821  O  O     . ASP A 1 122 ? -16.360 -1.167  -10.453 1.00 26.63  ? 135 ASP A O     1 
ATOM   822  C  CB    . ASP A 1 122 ? -13.643 -2.690  -10.346 1.00 25.03  ? 135 ASP A CB    1 
ATOM   823  C  CG    . ASP A 1 122 ? -13.526 -3.378  -8.981  1.00 24.70  ? 135 ASP A CG    1 
ATOM   824  O  OD1   . ASP A 1 122 ? -12.604 -3.047  -8.179  1.00 24.87  ? 135 ASP A OD1   1 
ATOM   825  O  OD2   . ASP A 1 122 ? -14.357 -4.264  -8.715  1.00 22.62  ? 135 ASP A OD2   1 
ATOM   826  N  N     . LEU A 1 123 ? -15.508 -0.656  -8.421  1.00 26.22  ? 136 LEU A N     1 
ATOM   827  C  CA    . LEU A 1 123 ? -16.811 -0.468  -7.782  1.00 26.42  ? 136 LEU A CA    1 
ATOM   828  C  C     . LEU A 1 123 ? -17.208 0.997   -7.674  1.00 27.21  ? 136 LEU A C     1 
ATOM   829  O  O     . LEU A 1 123 ? -17.964 1.361   -6.777  1.00 28.13  ? 136 LEU A O     1 
ATOM   830  C  CB    . LEU A 1 123 ? -16.842 -1.128  -6.391  1.00 25.91  ? 136 LEU A CB    1 
ATOM   831  C  CG    . LEU A 1 123 ? -16.607 -2.639  -6.266  1.00 25.24  ? 136 LEU A CG    1 
ATOM   832  C  CD1   . LEU A 1 123 ? -16.512 -3.042  -4.808  1.00 22.94  ? 136 LEU A CD1   1 
ATOM   833  C  CD2   . LEU A 1 123 ? -17.673 -3.491  -7.011  1.00 23.16  ? 136 LEU A CD2   1 
ATOM   834  N  N     . GLU A 1 124 ? -16.723 1.828   -8.596  1.00 28.27  ? 137 GLU A N     1 
ATOM   835  C  CA    . GLU A 1 124 ? -17.054 3.263   -8.635  1.00 29.24  ? 137 GLU A CA    1 
ATOM   836  C  C     . GLU A 1 124 ? -18.525 3.636   -8.426  1.00 29.48  ? 137 GLU A C     1 
ATOM   837  O  O     . GLU A 1 124 ? -18.824 4.610   -7.719  1.00 29.59  ? 137 GLU A O     1 
ATOM   838  C  CB    . GLU A 1 124 ? -16.584 3.891   -9.942  1.00 29.31  ? 137 GLU A CB    1 
ATOM   839  C  CG    . GLU A 1 124 ? -15.277 4.631   -9.807  1.00 31.84  ? 137 GLU A CG    1 
ATOM   840  C  CD    . GLU A 1 124 ? -15.358 5.831   -8.876  1.00 32.79  ? 137 GLU A CD    1 
ATOM   841  O  OE1   . GLU A 1 124 ? -14.456 5.957   -8.041  1.00 34.24  ? 137 GLU A OE1   1 
ATOM   842  O  OE2   . GLU A 1 124 ? -16.302 6.652   -8.977  1.00 35.35  ? 137 GLU A OE2   1 
ATOM   843  N  N     . LYS A 1 125 ? -19.436 2.887   -9.048  1.00 29.65  ? 138 LYS A N     1 
ATOM   844  C  CA    . LYS A 1 125 ? -20.862 3.184   -8.952  1.00 29.76  ? 138 LYS A CA    1 
ATOM   845  C  C     . LYS A 1 125 ? -21.304 3.210   -7.485  1.00 29.93  ? 138 LYS A C     1 
ATOM   846  O  O     . LYS A 1 125 ? -22.332 3.819   -7.143  1.00 30.03  ? 138 LYS A O     1 
ATOM   847  C  CB    . LYS A 1 125 ? -21.678 2.174   -9.760  1.00 29.81  ? 138 LYS A CB    1 
ATOM   848  N  N     . GLU A 1 126 ? -20.501 2.565   -6.632  1.00 29.84  ? 139 GLU A N     1 
ATOM   849  C  CA    . GLU A 1 126 ? -20.707 2.556   -5.179  1.00 30.05  ? 139 GLU A CA    1 
ATOM   850  C  C     . GLU A 1 126 ? -19.688 3.354   -4.334  1.00 29.27  ? 139 GLU A C     1 
ATOM   851  O  O     . GLU A 1 126 ? -19.480 3.029   -3.173  1.00 29.33  ? 139 GLU A O     1 
ATOM   852  C  CB    . GLU A 1 126 ? -20.737 1.125   -4.660  1.00 30.05  ? 139 GLU A CB    1 
ATOM   853  C  CG    . GLU A 1 126 ? -21.987 0.356   -5.032  1.00 33.92  ? 139 GLU A CG    1 
ATOM   854  C  CD    . GLU A 1 126 ? -21.709 -0.677  -6.079  1.00 36.83  ? 139 GLU A CD    1 
ATOM   855  O  OE1   . GLU A 1 126 ? -20.994 -1.651  -5.738  1.00 39.10  ? 139 GLU A OE1   1 
ATOM   856  O  OE2   . GLU A 1 126 ? -22.183 -0.508  -7.231  1.00 37.32  ? 139 GLU A OE2   1 
ATOM   857  N  N     . ARG A 1 127 ? -19.071 4.386   -4.898  1.00 28.48  ? 140 ARG A N     1 
ATOM   858  C  CA    . ARG A 1 127 ? -18.091 5.202   -4.168  1.00 27.76  ? 140 ARG A CA    1 
ATOM   859  C  C     . ARG A 1 127 ? -18.709 5.938   -2.974  1.00 27.90  ? 140 ARG A C     1 
ATOM   860  O  O     . ARG A 1 127 ? -19.837 6.431   -3.065  1.00 27.88  ? 140 ARG A O     1 
ATOM   861  C  CB    . ARG A 1 127 ? -17.425 6.199   -5.133  1.00 28.04  ? 140 ARG A CB    1 
ATOM   862  C  CG    . ARG A 1 127 ? -16.596 7.312   -4.466  1.00 27.43  ? 140 ARG A CG    1 
ATOM   863  C  CD    . ARG A 1 127 ? -15.832 8.151   -5.492  1.00 26.05  ? 140 ARG A CD    1 
ATOM   864  N  NE    . ARG A 1 127 ? -14.693 7.441   -6.077  1.00 20.77  ? 140 ARG A NE    1 
ATOM   865  C  CZ    . ARG A 1 127 ? -13.474 7.387   -5.545  1.00 20.13  ? 140 ARG A CZ    1 
ATOM   866  N  NH1   . ARG A 1 127 ? -13.201 7.996   -4.393  1.00 21.73  ? 140 ARG A NH1   1 
ATOM   867  N  NH2   . ARG A 1 127 ? -12.523 6.715   -6.156  1.00 14.08  ? 140 ARG A NH2   1 
ATOM   868  N  N     . HIS A 1 128 ? -17.974 6.004   -1.859  1.00 27.54  ? 141 HIS A N     1 
ATOM   869  C  CA    . HIS A 1 128 ? -18.395 6.795   -0.678  1.00 26.96  ? 141 HIS A CA    1 
ATOM   870  C  C     . HIS A 1 128 ? -17.259 7.658   -0.075  1.00 27.29  ? 141 HIS A C     1 
ATOM   871  O  O     . HIS A 1 128 ? -17.462 8.347   0.929   1.00 27.45  ? 141 HIS A O     1 
ATOM   872  C  CB    . HIS A 1 128 ? -19.059 5.919   0.405   1.00 26.47  ? 141 HIS A CB    1 
ATOM   873  C  CG    . HIS A 1 128 ? -20.226 5.124   -0.095  1.00 26.43  ? 141 HIS A CG    1 
ATOM   874  N  ND1   . HIS A 1 128 ? -21.494 5.652   -0.217  1.00 26.49  ? 141 HIS A ND1   1 
ATOM   875  C  CD2   . HIS A 1 128 ? -20.313 3.840   -0.522  1.00 25.69  ? 141 HIS A CD2   1 
ATOM   876  C  CE1   . HIS A 1 128 ? -22.310 4.733   -0.704  1.00 26.09  ? 141 HIS A CE1   1 
ATOM   877  N  NE2   . HIS A 1 128 ? -21.617 3.625   -0.902  1.00 26.37  ? 141 HIS A NE2   1 
ATOM   878  N  N     . VAL A 1 129 ? -16.077 7.617   -0.694  1.00 26.97  ? 142 VAL A N     1 
ATOM   879  C  CA    . VAL A 1 129 ? -14.980 8.515   -0.334  1.00 26.90  ? 142 VAL A CA    1 
ATOM   880  C  C     . VAL A 1 129 ? -14.804 9.606   -1.400  1.00 27.51  ? 142 VAL A C     1 
ATOM   881  O  O     . VAL A 1 129 ? -14.821 9.324   -2.603  1.00 27.24  ? 142 VAL A O     1 
ATOM   882  C  CB    . VAL A 1 129 ? -13.609 7.768   -0.112  1.00 26.45  ? 142 VAL A CB    1 
ATOM   883  C  CG1   . VAL A 1 129 ? -12.554 8.730   0.405   1.00 24.92  ? 142 VAL A CG1   1 
ATOM   884  C  CG2   . VAL A 1 129 ? -13.753 6.621   0.849   1.00 24.57  ? 142 VAL A CG2   1 
ATOM   885  N  N     . SER A 1 130 ? -14.623 10.847  -0.942  1.00 28.24  ? 143 SER A N     1 
ATOM   886  C  CA    . SER A 1 130 ? -14.319 11.967  -1.820  1.00 29.01  ? 143 SER A CA    1 
ATOM   887  C  C     . SER A 1 130 ? -12.857 11.912  -2.258  1.00 29.57  ? 143 SER A C     1 
ATOM   888  O  O     . SER A 1 130 ? -11.947 11.821  -1.423  1.00 29.61  ? 143 SER A O     1 
ATOM   889  C  CB    . SER A 1 130 ? -14.633 13.305  -1.135  1.00 29.07  ? 143 SER A CB    1 
ATOM   890  O  OG    . SER A 1 130 ? -14.189 14.408  -1.922  1.00 29.59  ? 143 SER A OG    1 
ATOM   891  N  N     . ILE A 1 131 ? -12.650 11.957  -3.574  1.00 30.17  ? 144 ILE A N     1 
ATOM   892  C  CA    . ILE A 1 131 ? -11.317 11.995  -4.178  1.00 30.69  ? 144 ILE A CA    1 
ATOM   893  C  C     . ILE A 1 131 ? -10.524 13.221  -3.702  1.00 31.07  ? 144 ILE A C     1 
ATOM   894  O  O     . ILE A 1 131 ? -9.409  13.085  -3.201  1.00 30.74  ? 144 ILE A O     1 
ATOM   895  C  CB    . ILE A 1 131 ? -11.410 11.921  -5.718  1.00 30.46  ? 144 ILE A CB    1 
ATOM   896  C  CG1   . ILE A 1 131 ? -11.976 10.557  -6.132  1.00 31.10  ? 144 ILE A CG1   1 
ATOM   897  C  CG2   . ILE A 1 131 ? -10.044 12.137  -6.363  1.00 30.91  ? 144 ILE A CG2   1 
ATOM   898  C  CD1   . ILE A 1 131 ? -12.209 10.368  -7.623  1.00 31.05  ? 144 ILE A CD1   1 
ATOM   899  N  N     . GLN A 1 132 ? -11.121 14.404  -3.842  1.00 32.13  ? 145 GLN A N     1 
ATOM   900  C  CA    . GLN A 1 132 ? -10.559 15.648  -3.316  1.00 32.97  ? 145 GLN A CA    1 
ATOM   901  C  C     . GLN A 1 132 ? -10.099 15.461  -1.868  1.00 33.00  ? 145 GLN A C     1 
ATOM   902  O  O     . GLN A 1 132 ? -8.920  15.702  -1.568  1.00 32.88  ? 145 GLN A O     1 
ATOM   903  C  CB    . GLN A 1 132 ? -11.577 16.801  -3.448  1.00 32.93  ? 145 GLN A CB    1 
ATOM   904  C  CG    . GLN A 1 132 ? -11.288 18.062  -2.605  1.00 33.92  ? 145 GLN A CG    1 
ATOM   905  C  CD    . GLN A 1 132 ? -12.343 19.169  -2.759  1.00 34.65  ? 145 GLN A CD    1 
ATOM   906  O  OE1   . GLN A 1 132 ? -13.399 18.981  -3.383  1.00 37.11  ? 145 GLN A OE1   1 
ATOM   907  N  NE2   . GLN A 1 132 ? -12.050 20.337  -2.183  1.00 36.31  ? 145 GLN A NE2   1 
ATOM   908  N  N     . GLU A 1 133 ? -11.016 15.012  -0.995  1.00 33.08  ? 146 GLU A N     1 
ATOM   909  C  CA    . GLU A 1 133 ? -10.733 14.830  0.437   1.00 33.48  ? 146 GLU A CA    1 
ATOM   910  C  C     . GLU A 1 133 ? -9.529  13.911  0.671   1.00 33.06  ? 146 GLU A C     1 
ATOM   911  O  O     . GLU A 1 133 ? -8.627  14.244  1.453   1.00 33.68  ? 146 GLU A O     1 
ATOM   912  C  CB    . GLU A 1 133 ? -11.968 14.339  1.235   1.00 33.20  ? 146 GLU A CB    1 
ATOM   913  C  CG    . GLU A 1 133 ? -11.604 13.860  2.671   1.00 34.86  ? 146 GLU A CG    1 
ATOM   914  C  CD    . GLU A 1 133 ? -12.774 13.713  3.674   1.00 35.07  ? 146 GLU A CD    1 
ATOM   915  O  OE1   . GLU A 1 133 ? -13.956 13.613  3.265   1.00 36.13  ? 146 GLU A OE1   1 
ATOM   916  O  OE2   . GLU A 1 133 ? -12.486 13.691  4.902   1.00 36.00  ? 146 GLU A OE2   1 
ATOM   917  N  N     . ALA A 1 134 ? -9.513  12.767  -0.009  1.00 32.44  ? 147 ALA A N     1 
ATOM   918  C  CA    . ALA A 1 134 ? -8.433  11.782  0.143   1.00 31.58  ? 147 ALA A CA    1 
ATOM   919  C  C     . ALA A 1 134 ? -7.064  12.312  -0.293  1.00 31.48  ? 147 ALA A C     1 
ATOM   920  O  O     . ALA A 1 134 ? -6.080  12.173  0.440   1.00 31.24  ? 147 ALA A O     1 
ATOM   921  C  CB    . ALA A 1 134 ? -8.776  10.502  -0.604  1.00 31.23  ? 147 ALA A CB    1 
ATOM   922  N  N     . GLU A 1 135 ? -7.010  12.912  -1.483  1.00 31.05  ? 148 GLU A N     1 
ATOM   923  C  CA    . GLU A 1 135 ? -5.779  13.498  -2.002  1.00 31.34  ? 148 GLU A CA    1 
ATOM   924  C  C     . GLU A 1 135 ? -5.294  14.672  -1.135  1.00 31.63  ? 148 GLU A C     1 
ATOM   925  O  O     . GLU A 1 135 ? -4.090  14.873  -0.998  1.00 31.83  ? 148 GLU A O     1 
ATOM   926  C  CB    . GLU A 1 135 ? -5.930  13.908  -3.485  1.00 31.31  ? 148 GLU A CB    1 
ATOM   927  C  CG    . GLU A 1 135 ? -6.321  12.736  -4.392  1.00 31.15  ? 148 GLU A CG    1 
ATOM   928  C  CD    . GLU A 1 135 ? -6.549  13.088  -5.862  1.00 31.14  ? 148 GLU A CD    1 
ATOM   929  O  OE1   . GLU A 1 135 ? -6.866  14.243  -6.207  1.00 30.81  ? 148 GLU A OE1   1 
ATOM   930  O  OE2   . GLU A 1 135 ? -6.417  12.172  -6.694  1.00 32.28  ? 148 GLU A OE2   1 
ATOM   931  N  N     . SER A 1 136 ? -6.230  15.417  -0.540  1.00 31.79  ? 149 SER A N     1 
ATOM   932  C  CA    . SER A 1 136 ? -5.901  16.537  0.353   1.00 32.19  ? 149 SER A CA    1 
ATOM   933  C  C     . SER A 1 136 ? -5.233  16.098  1.647   1.00 32.40  ? 149 SER A C     1 
ATOM   934  O  O     . SER A 1 136 ? -4.251  16.710  2.077   1.00 32.66  ? 149 SER A O     1 
ATOM   935  C  CB    . SER A 1 136 ? -7.138  17.377  0.692   1.00 32.34  ? 149 SER A CB    1 
ATOM   936  O  OG    . SER A 1 136 ? -7.361  18.374  -0.279  1.00 32.38  ? 149 SER A OG    1 
ATOM   937  N  N     . TYR A 1 137 ? -5.770  15.059  2.282   1.00 32.40  ? 150 TYR A N     1 
ATOM   938  C  CA    . TYR A 1 137 ? -5.141  14.520  3.491   1.00 32.22  ? 150 TYR A CA    1 
ATOM   939  C  C     . TYR A 1 137 ? -3.728  14.006  3.186   1.00 31.86  ? 150 TYR A C     1 
ATOM   940  O  O     . TYR A 1 137 ? -2.789  14.274  3.943   1.00 32.07  ? 150 TYR A O     1 
ATOM   941  C  CB    . TYR A 1 137 ? -6.008  13.431  4.125   1.00 32.20  ? 150 TYR A CB    1 
ATOM   942  N  N     . ALA A 1 138 ? -3.585  13.293  2.068   1.00 31.35  ? 151 ALA A N     1 
ATOM   943  C  CA    . ALA A 1 138 ? -2.289  12.769  1.637   1.00 31.16  ? 151 ALA A CA    1 
ATOM   944  C  C     . ALA A 1 138 ? -1.217  13.855  1.568   1.00 31.12  ? 151 ALA A C     1 
ATOM   945  O  O     . ALA A 1 138 ? -0.134  13.673  2.126   1.00 31.04  ? 151 ALA A O     1 
ATOM   946  C  CB    . ALA A 1 138 ? -2.403  12.042  0.307   1.00 30.59  ? 151 ALA A CB    1 
ATOM   947  N  N     . GLU A 1 139 ? -1.529  14.971  0.901   1.00 31.02  ? 152 GLU A N     1 
ATOM   948  C  CA    . GLU A 1 139 ? -0.571  16.078  0.715   1.00 31.51  ? 152 GLU A CA    1 
ATOM   949  C  C     . GLU A 1 139 ? -0.181  16.750  2.034   1.00 31.79  ? 152 GLU A C     1 
ATOM   950  O  O     . GLU A 1 139 ? 0.978   17.153  2.224   1.00 31.80  ? 152 GLU A O     1 
ATOM   951  C  CB    . GLU A 1 139 ? -1.115  17.110  -0.249  1.00 31.38  ? 152 GLU A CB    1 
ATOM   952  N  N     . SER A 1 140 ? -1.148  16.825  2.947   1.00 31.65  ? 153 SER A N     1 
ATOM   953  C  CA    . SER A 1 140 ? -0.987  17.557  4.183   1.00 32.22  ? 153 SER A CA    1 
ATOM   954  C  C     . SER A 1 140 ? -0.005  16.852  5.104   1.00 32.47  ? 153 SER A C     1 
ATOM   955  O  O     . SER A 1 140 ? 0.755   17.505  5.827   1.00 32.56  ? 153 SER A O     1 
ATOM   956  C  CB    . SER A 1 140 ? -2.339  17.767  4.867   1.00 32.06  ? 153 SER A CB    1 
ATOM   957  O  OG    . SER A 1 140 ? -2.840  16.546  5.361   1.00 32.86  ? 153 SER A OG    1 
ATOM   958  N  N     . VAL A 1 141 ? -0.007  15.519  5.047   1.00 32.64  ? 154 VAL A N     1 
ATOM   959  C  CA    . VAL A 1 141 ? 0.941   14.715  5.817   1.00 32.26  ? 154 VAL A CA    1 
ATOM   960  C  C     . VAL A 1 141 ? 2.233   14.335  5.060   1.00 32.05  ? 154 VAL A C     1 
ATOM   961  O  O     . VAL A 1 141 ? 3.043   13.574  5.582   1.00 32.53  ? 154 VAL A O     1 
ATOM   962  C  CB    . VAL A 1 141 ? 0.270   13.471  6.438   1.00 32.34  ? 154 VAL A CB    1 
ATOM   963  C  CG1   . VAL A 1 141 ? -0.783  13.894  7.468   1.00 31.57  ? 154 VAL A CG1   1 
ATOM   964  C  CG2   . VAL A 1 141 ? -0.333  12.572  5.356   1.00 32.88  ? 154 VAL A CG2   1 
ATOM   965  N  N     . GLY A 1 142 ? 2.417   14.873  3.852   1.00 31.60  ? 155 GLY A N     1 
ATOM   966  C  CA    . GLY A 1 142 ? 3.643   14.676  3.058   1.00 30.72  ? 155 GLY A CA    1 
ATOM   967  C  C     . GLY A 1 142 ? 3.706   13.451  2.154   1.00 30.78  ? 155 GLY A C     1 
ATOM   968  O  O     . GLY A 1 142 ? 4.772   13.126  1.626   1.00 31.13  ? 155 GLY A O     1 
ATOM   969  N  N     . ALA A 1 143 ? 2.575   12.766  1.969   1.00 30.05  ? 156 ALA A N     1 
ATOM   970  C  CA    . ALA A 1 143 ? 2.533   11.490  1.243   1.00 29.01  ? 156 ALA A CA    1 
ATOM   971  C  C     . ALA A 1 143 ? 1.945   11.637  -0.157  1.00 28.16  ? 156 ALA A C     1 
ATOM   972  O  O     . ALA A 1 143 ? 1.429   12.687  -0.504  1.00 28.39  ? 156 ALA A O     1 
ATOM   973  C  CB    . ALA A 1 143 ? 1.723   10.470  2.049   1.00 29.32  ? 156 ALA A CB    1 
ATOM   974  N  N     . LYS A 1 144 ? 2.022   10.590  -0.969  1.00 27.17  ? 157 LYS A N     1 
ATOM   975  C  CA    . LYS A 1 144 ? 1.295   10.588  -2.245  1.00 26.62  ? 157 LYS A CA    1 
ATOM   976  C  C     . LYS A 1 144 ? 0.050   9.709   -2.167  1.00 25.69  ? 157 LYS A C     1 
ATOM   977  O  O     . LYS A 1 144 ? -0.035  8.804   -1.326  1.00 25.56  ? 157 LYS A O     1 
ATOM   978  C  CB    . LYS A 1 144 ? 2.203   10.173  -3.418  1.00 26.54  ? 157 LYS A CB    1 
ATOM   979  N  N     . HIS A 1 145 ? -0.916  10.000  -3.031  1.00 24.75  ? 158 HIS A N     1 
ATOM   980  C  CA    . HIS A 1 145 ? -2.152  9.234   -3.107  1.00 23.91  ? 158 HIS A CA    1 
ATOM   981  C  C     . HIS A 1 145 ? -2.240  8.471   -4.437  1.00 23.53  ? 158 HIS A C     1 
ATOM   982  O  O     . HIS A 1 145 ? -1.814  8.986   -5.461  1.00 23.61  ? 158 HIS A O     1 
ATOM   983  C  CB    . HIS A 1 145 ? -3.370  10.164  -2.923  1.00 23.90  ? 158 HIS A CB    1 
ATOM   984  C  CG    . HIS A 1 145 ? -4.687  9.462   -3.046  1.00 22.98  ? 158 HIS A CG    1 
ATOM   985  N  ND1   . HIS A 1 145 ? -5.345  8.927   -1.961  1.00 22.66  ? 158 HIS A ND1   1 
ATOM   986  C  CD2   . HIS A 1 145 ? -5.447  9.168   -4.129  1.00 22.95  ? 158 HIS A CD2   1 
ATOM   987  C  CE1   . HIS A 1 145 ? -6.460  8.345   -2.369  1.00 23.52  ? 158 HIS A CE1   1 
ATOM   988  N  NE2   . HIS A 1 145 ? -6.548  8.480   -3.679  1.00 23.14  ? 158 HIS A NE2   1 
ATOM   989  N  N     . TYR A 1 146 ? -2.792  7.253   -4.409  1.00 22.71  ? 159 TYR A N     1 
ATOM   990  C  CA    . TYR A 1 146 ? -2.938  6.417   -5.612  1.00 21.95  ? 159 TYR A CA    1 
ATOM   991  C  C     . TYR A 1 146 ? -4.269  5.665   -5.618  1.00 21.29  ? 159 TYR A C     1 
ATOM   992  O  O     . TYR A 1 146 ? -4.774  5.290   -4.563  1.00 21.35  ? 159 TYR A O     1 
ATOM   993  C  CB    . TYR A 1 146 ? -1.835  5.351   -5.710  1.00 21.70  ? 159 TYR A CB    1 
ATOM   994  C  CG    . TYR A 1 146 ? -0.408  5.794   -5.488  1.00 22.34  ? 159 TYR A CG    1 
ATOM   995  C  CD1   . TYR A 1 146 ? 0.044   6.160   -4.215  1.00 20.52  ? 159 TYR A CD1   1 
ATOM   996  C  CD2   . TYR A 1 146 ? 0.518   5.783   -6.545  1.00 21.68  ? 159 TYR A CD2   1 
ATOM   997  C  CE1   . TYR A 1 146 ? 1.355   6.547   -4.007  1.00 21.54  ? 159 TYR A CE1   1 
ATOM   998  C  CE2   . TYR A 1 146 ? 1.829   6.168   -6.337  1.00 21.54  ? 159 TYR A CE2   1 
ATOM   999  C  CZ    . TYR A 1 146 ? 2.243   6.549   -5.064  1.00 21.54  ? 159 TYR A CZ    1 
ATOM   1000 O  OH    . TYR A 1 146 ? 3.551   6.943   -4.836  1.00 22.70  ? 159 TYR A OH    1 
ATOM   1001 N  N     . HIS A 1 147 ? -4.778  5.388   -6.820  1.00 20.72  ? 160 HIS A N     1 
ATOM   1002 C  CA    . HIS A 1 147 ? -5.978  4.558   -7.045  1.00 20.10  ? 160 HIS A CA    1 
ATOM   1003 C  C     . HIS A 1 147 ? -5.648  3.167   -7.614  1.00 20.02  ? 160 HIS A C     1 
ATOM   1004 O  O     . HIS A 1 147 ? -4.852  3.049   -8.556  1.00 19.88  ? 160 HIS A O     1 
ATOM   1005 C  CB    . HIS A 1 147 ? -6.932  5.289   -7.991  1.00 20.13  ? 160 HIS A CB    1 
ATOM   1006 C  CG    . HIS A 1 147 ? -7.742  6.362   -7.321  1.00 20.14  ? 160 HIS A CG    1 
ATOM   1007 N  ND1   . HIS A 1 147 ? -8.572  6.111   -6.242  1.00 20.00  ? 160 HIS A ND1   1 
ATOM   1008 C  CD2   . HIS A 1 147 ? -7.863  7.683   -7.590  1.00 20.40  ? 160 HIS A CD2   1 
ATOM   1009 C  CE1   . HIS A 1 147 ? -9.148  7.238   -5.864  1.00 20.26  ? 160 HIS A CE1   1 
ATOM   1010 N  NE2   . HIS A 1 147 ? -8.743  8.206   -6.670  1.00 20.78  ? 160 HIS A NE2   1 
ATOM   1011 N  N     . THR A 1 148 ? -6.239  2.122   -7.025  1.00 19.65  ? 161 THR A N     1 
ATOM   1012 C  CA    . THR A 1 148 ? -5.990  0.718   -7.432  1.00 19.27  ? 161 THR A CA    1 
ATOM   1013 C  C     . THR A 1 148 ? -7.246  -0.150  -7.510  1.00 19.21  ? 161 THR A C     1 
ATOM   1014 O  O     . THR A 1 148 ? -8.202  0.057   -6.778  1.00 19.38  ? 161 THR A O     1 
ATOM   1015 C  CB    . THR A 1 148 ? -5.074  -0.037  -6.430  1.00 18.71  ? 161 THR A CB    1 
ATOM   1016 O  OG1   . THR A 1 148 ? -5.612  0.104   -5.107  1.00 17.64  ? 161 THR A OG1   1 
ATOM   1017 C  CG2   . THR A 1 148 ? -3.649  0.458   -6.499  1.00 17.94  ? 161 THR A CG2   1 
ATOM   1018 N  N     . SER A 1 149 ? -7.210  -1.152  -8.379  1.00 19.75  ? 162 SER A N     1 
ATOM   1019 C  CA    . SER A 1 149 ? -8.187  -2.231  -8.346  1.00 19.81  ? 162 SER A CA    1 
ATOM   1020 C  C     . SER A 1 149 ? -7.412  -3.537  -8.447  1.00 19.89  ? 162 SER A C     1 
ATOM   1021 O  O     . SER A 1 149 ? -6.812  -3.819  -9.481  1.00 19.49  ? 162 SER A O     1 
ATOM   1022 C  CB    . SER A 1 149 ? -9.207  -2.108  -9.490  1.00 20.00  ? 162 SER A CB    1 
ATOM   1023 O  OG    . SER A 1 149 ? -10.064 -3.243  -9.529  1.00 20.35  ? 162 SER A OG    1 
ATOM   1024 N  N     . ALA A 1 150 ? -7.415  -4.313  -7.359  1.00 20.22  ? 163 ALA A N     1 
ATOM   1025 C  CA    . ALA A 1 150 ? -6.775  -5.638  -7.325  1.00 20.91  ? 163 ALA A CA    1 
ATOM   1026 C  C     . ALA A 1 150 ? -7.535  -6.678  -8.171  1.00 21.34  ? 163 ALA A C     1 
ATOM   1027 O  O     . ALA A 1 150 ? -6.951  -7.642  -8.666  1.00 21.51  ? 163 ALA A O     1 
ATOM   1028 C  CB    . ALA A 1 150 ? -6.646  -6.117  -5.888  1.00 20.59  ? 163 ALA A CB    1 
ATOM   1029 N  N     . LYS A 1 151 ? -8.836  -6.460  -8.313  1.00 22.03  ? 164 LYS A N     1 
ATOM   1030 C  CA    . LYS A 1 151 ? -9.741  -7.342  -9.031  1.00 23.23  ? 164 LYS A CA    1 
ATOM   1031 C  C     . LYS A 1 151 ? -9.468  -7.334  -10.525 1.00 23.68  ? 164 LYS A C     1 
ATOM   1032 O  O     . LYS A 1 151 ? -9.435  -8.404  -11.143 1.00 23.85  ? 164 LYS A O     1 
ATOM   1033 C  CB    . LYS A 1 151 ? -11.211 -6.963  -8.752  1.00 23.05  ? 164 LYS A CB    1 
ATOM   1034 C  CG    . LYS A 1 151 ? -12.208 -7.842  -9.507  1.00 23.48  ? 164 LYS A CG    1 
ATOM   1035 C  CD    . LYS A 1 151 ? -13.658 -7.621  -9.093  1.00 24.01  ? 164 LYS A CD    1 
ATOM   1036 C  CE    . LYS A 1 151 ? -14.563 -8.463  -10.004 1.00 27.31  ? 164 LYS A CE    1 
ATOM   1037 N  NZ    . LYS A 1 151 ? -16.007 -8.169  -9.807  1.00 28.70  ? 164 LYS A NZ    1 
ATOM   1038 N  N     . GLN A 1 152 ? -9.262  -6.130  -11.075 1.00 24.40  ? 165 GLN A N     1 
ATOM   1039 C  CA    . GLN A 1 152 ? -9.009  -5.903  -12.501 1.00 24.80  ? 165 GLN A CA    1 
ATOM   1040 C  C     . GLN A 1 152 ? -7.522  -5.715  -12.835 1.00 24.90  ? 165 GLN A C     1 
ATOM   1041 O  O     . GLN A 1 152 ? -7.157  -5.538  -14.009 1.00 24.88  ? 165 GLN A O     1 
ATOM   1042 C  CB    . GLN A 1 152 ? -9.737  -4.643  -12.959 1.00 25.09  ? 165 GLN A CB    1 
ATOM   1043 C  CG    . GLN A 1 152 ? -11.190 -4.555  -12.560 1.00 27.29  ? 165 GLN A CG    1 
ATOM   1044 C  CD    . GLN A 1 152 ? -11.894 -3.413  -13.248 1.00 30.60  ? 165 GLN A CD    1 
ATOM   1045 O  OE1   . GLN A 1 152 ? -11.500 -2.255  -13.112 1.00 32.66  ? 165 GLN A OE1   1 
ATOM   1046 N  NE2   . GLN A 1 152 ? -12.954 -3.728  -13.985 1.00 30.46  ? 165 GLN A NE2   1 
ATOM   1047 N  N     . ASN A 1 153 ? -6.678  -5.729  -11.803 1.00 25.08  ? 166 ASN A N     1 
ATOM   1048 C  CA    . ASN A 1 153 ? -5.241  -5.437  -11.928 1.00 25.48  ? 166 ASN A CA    1 
ATOM   1049 C  C     . ASN A 1 153 ? -4.915  -4.057  -12.532 1.00 25.19  ? 166 ASN A C     1 
ATOM   1050 O  O     . ASN A 1 153 ? -4.125  -3.938  -13.483 1.00 24.92  ? 166 ASN A O     1 
ATOM   1051 C  CB    . ASN A 1 153 ? -4.513  -6.557  -12.681 1.00 25.45  ? 166 ASN A CB    1 
ATOM   1052 C  CG    . ASN A 1 153 ? -3.047  -6.629  -12.329 1.00 27.35  ? 166 ASN A CG    1 
ATOM   1053 O  OD1   . ASN A 1 153 ? -2.552  -5.839  -11.516 1.00 28.40  ? 166 ASN A OD1   1 
ATOM   1054 N  ND2   . ASN A 1 153 ? -2.336  -7.596  -12.921 1.00 28.37  ? 166 ASN A ND2   1 
ATOM   1055 N  N     . LYS A 1 154 ? -5.532  -3.021  -11.976 1.00 25.02  ? 167 LYS A N     1 
ATOM   1056 C  CA    . LYS A 1 154 ? -5.295  -1.649  -12.430 1.00 25.71  ? 167 LYS A CA    1 
ATOM   1057 C  C     . LYS A 1 154 ? -4.592  -0.818  -11.353 1.00 25.51  ? 167 LYS A C     1 
ATOM   1058 O  O     . LYS A 1 154 ? -4.994  -0.850  -10.188 1.00 24.98  ? 167 LYS A O     1 
ATOM   1059 C  CB    . LYS A 1 154 ? -6.611  -0.972  -12.857 1.00 25.84  ? 167 LYS A CB    1 
ATOM   1060 C  CG    . LYS A 1 154 ? -7.266  -1.621  -14.091 1.00 26.57  ? 167 LYS A CG    1 
ATOM   1061 C  CD    . LYS A 1 154 ? -8.414  -0.785  -14.659 1.00 26.20  ? 167 LYS A CD    1 
ATOM   1062 C  CE    . LYS A 1 154 ? -9.277  -1.594  -15.653 1.00 27.06  ? 167 LYS A CE    1 
ATOM   1063 N  NZ    . LYS A 1 154 ? -8.595  -1.849  -16.968 1.00 27.15  ? 167 LYS A NZ    1 
ATOM   1064 N  N     . GLY A 1 155 ? -3.540  -0.100  -11.759 1.00 25.74  ? 168 GLY A N     1 
ATOM   1065 C  CA    . GLY A 1 155 ? -2.850  0.889   -10.918 1.00 25.86  ? 168 GLY A CA    1 
ATOM   1066 C  C     . GLY A 1 155 ? -1.748  0.359   -10.011 1.00 26.60  ? 168 GLY A C     1 
ATOM   1067 O  O     . GLY A 1 155 ? -1.052  1.141   -9.332  1.00 26.50  ? 168 GLY A O     1 
ATOM   1068 N  N     . ILE A 1 156 ? -1.576  -0.963  -10.000 1.00 26.71  ? 169 ILE A N     1 
ATOM   1069 C  CA    . ILE A 1 156 ? -0.704  -1.636  -9.026  1.00 26.78  ? 169 ILE A CA    1 
ATOM   1070 C  C     . ILE A 1 156 ? 0.776   -1.652  -9.414  1.00 26.95  ? 169 ILE A C     1 
ATOM   1071 O  O     . ILE A 1 156 ? 1.656   -1.408  -8.562  1.00 27.14  ? 169 ILE A O     1 
ATOM   1072 C  CB    . ILE A 1 156 ? -1.198  -3.069  -8.701  1.00 26.84  ? 169 ILE A CB    1 
ATOM   1073 C  CG1   . ILE A 1 156 ? -2.557  -2.997  -7.990  1.00 26.27  ? 169 ILE A CG1   1 
ATOM   1074 C  CG2   . ILE A 1 156 ? -0.171  -3.808  -7.831  1.00 26.28  ? 169 ILE A CG2   1 
ATOM   1075 C  CD1   . ILE A 1 156 ? -3.375  -4.231  -8.120  1.00 24.76  ? 169 ILE A CD1   1 
ATOM   1076 N  N     . GLU A 1 157 ? 1.054   -1.956  -10.680 1.00 26.38  ? 170 GLU A N     1 
ATOM   1077 C  CA    . GLU A 1 157 ? 2.420   -1.857  -11.202 1.00 26.17  ? 170 GLU A CA    1 
ATOM   1078 C  C     . GLU A 1 157 ? 2.995   -0.436  -10.995 1.00 26.55  ? 170 GLU A C     1 
ATOM   1079 O  O     . GLU A 1 157 ? 4.179   -0.276  -10.653 1.00 26.45  ? 170 GLU A O     1 
ATOM   1080 C  CB    . GLU A 1 157 ? 2.470   -2.282  -12.677 1.00 25.68  ? 170 GLU A CB    1 
ATOM   1081 C  CG    . GLU A 1 157 ? 3.822   -2.107  -13.363 1.00 24.58  ? 170 GLU A CG    1 
ATOM   1082 C  CD    . GLU A 1 157 ? 4.884   -3.119  -12.928 1.00 23.74  ? 170 GLU A CD    1 
ATOM   1083 O  OE1   . GLU A 1 157 ? 4.545   -4.173  -12.351 1.00 20.51  ? 170 GLU A OE1   1 
ATOM   1084 O  OE2   . GLU A 1 157 ? 6.087   -2.858  -13.195 1.00 25.55  ? 170 GLU A OE2   1 
ATOM   1085 N  N     . GLU A 1 158 ? 2.145   0.576   -11.176 1.00 26.79  ? 171 GLU A N     1 
ATOM   1086 C  CA    . GLU A 1 158 ? 2.554   1.970   -11.027 1.00 27.46  ? 171 GLU A CA    1 
ATOM   1087 C  C     . GLU A 1 158 ? 2.803   2.361   -9.565  1.00 26.92  ? 171 GLU A C     1 
ATOM   1088 O  O     . GLU A 1 158 ? 3.725   3.122   -9.283  1.00 27.18  ? 171 GLU A O     1 
ATOM   1089 C  CB    . GLU A 1 158 ? 1.540   2.916   -11.675 1.00 27.75  ? 171 GLU A CB    1 
ATOM   1090 C  CG    . GLU A 1 158 ? 1.946   4.408   -11.619 1.00 30.69  ? 171 GLU A CG    1 
ATOM   1091 C  CD    . GLU A 1 158 ? 3.364   4.681   -12.156 1.00 32.71  ? 171 GLU A CD    1 
ATOM   1092 O  OE1   . GLU A 1 158 ? 3.636   4.358   -13.331 1.00 35.07  ? 171 GLU A OE1   1 
ATOM   1093 O  OE2   . GLU A 1 158 ? 4.202   5.232   -11.408 1.00 34.45  ? 171 GLU A OE2   1 
ATOM   1094 N  N     . LEU A 1 159 ? 1.988   1.830   -8.647  1.00 26.30  ? 172 LEU A N     1 
ATOM   1095 C  CA    . LEU A 1 159 ? 2.154   2.080   -7.219  1.00 25.22  ? 172 LEU A CA    1 
ATOM   1096 C  C     . LEU A 1 159 ? 3.503   1.600   -6.730  1.00 25.06  ? 172 LEU A C     1 
ATOM   1097 O  O     . LEU A 1 159 ? 4.219   2.359   -6.073  1.00 25.09  ? 172 LEU A O     1 
ATOM   1098 C  CB    . LEU A 1 159 ? 1.039   1.426   -6.395  1.00 25.72  ? 172 LEU A CB    1 
ATOM   1099 C  CG    . LEU A 1 159 ? 1.195   1.236   -4.874  1.00 25.36  ? 172 LEU A CG    1 
ATOM   1100 C  CD1   . LEU A 1 159 ? 1.313   2.578   -4.114  1.00 22.59  ? 172 LEU A CD1   1 
ATOM   1101 C  CD2   . LEU A 1 159 ? 0.045   0.430   -4.347  1.00 23.92  ? 172 LEU A CD2   1 
ATOM   1102 N  N     . PHE A 1 160 ? 3.851   0.352   -7.042  1.00 24.46  ? 173 PHE A N     1 
ATOM   1103 C  CA    . PHE A 1 160 ? 5.109   -0.223  -6.553  1.00 23.93  ? 173 PHE A CA    1 
ATOM   1104 C  C     . PHE A 1 160 ? 6.360   0.361   -7.209  1.00 24.02  ? 173 PHE A C     1 
ATOM   1105 O  O     . PHE A 1 160 ? 7.395   0.491   -6.545  1.00 24.07  ? 173 PHE A O     1 
ATOM   1106 C  CB    . PHE A 1 160 ? 5.094   -1.758  -6.591  1.00 23.77  ? 173 PHE A CB    1 
ATOM   1107 C  CG    . PHE A 1 160 ? 4.257   -2.377  -5.494  1.00 23.55  ? 173 PHE A CG    1 
ATOM   1108 C  CD1   . PHE A 1 160 ? 4.787   -2.560  -4.219  1.00 23.15  ? 173 PHE A CD1   1 
ATOM   1109 C  CD2   . PHE A 1 160 ? 2.926   -2.723  -5.725  1.00 22.43  ? 173 PHE A CD2   1 
ATOM   1110 C  CE1   . PHE A 1 160 ? 4.014   -3.099  -3.193  1.00 23.38  ? 173 PHE A CE1   1 
ATOM   1111 C  CE2   . PHE A 1 160 ? 2.141   -3.265  -4.718  1.00 22.55  ? 173 PHE A CE2   1 
ATOM   1112 C  CZ    . PHE A 1 160 ? 2.687   -3.460  -3.443  1.00 23.99  ? 173 PHE A CZ    1 
ATOM   1113 N  N     . LEU A 1 161 ? 6.259   0.732   -8.487  1.00 23.96  ? 174 LEU A N     1 
ATOM   1114 C  CA    . LEU A 1 161 ? 7.388   1.318   -9.224  1.00 23.89  ? 174 LEU A CA    1 
ATOM   1115 C  C     . LEU A 1 161 ? 7.747   2.707   -8.684  1.00 24.30  ? 174 LEU A C     1 
ATOM   1116 O  O     . LEU A 1 161 ? 8.933   3.029   -8.491  1.00 23.72  ? 174 LEU A O     1 
ATOM   1117 C  CB    . LEU A 1 161 ? 7.101   1.394   -10.732 1.00 23.50  ? 174 LEU A CB    1 
ATOM   1118 C  CG    . LEU A 1 161 ? 8.236   1.901   -11.654 1.00 24.49  ? 174 LEU A CG    1 
ATOM   1119 C  CD1   . LEU A 1 161 ? 9.454   0.974   -11.634 1.00 23.62  ? 174 LEU A CD1   1 
ATOM   1120 C  CD2   . LEU A 1 161 ? 7.765   2.141   -13.106 1.00 23.86  ? 174 LEU A CD2   1 
ATOM   1121 N  N     . ASP A 1 162 ? 6.710   3.511   -8.452  1.00 24.25  ? 175 ASP A N     1 
ATOM   1122 C  CA    . ASP A 1 162 ? 6.863   4.878   -7.987  1.00 24.43  ? 175 ASP A CA    1 
ATOM   1123 C  C     . ASP A 1 162 ? 7.396   4.912   -6.553  1.00 24.69  ? 175 ASP A C     1 
ATOM   1124 O  O     . ASP A 1 162 ? 8.283   5.707   -6.242  1.00 24.50  ? 175 ASP A O     1 
ATOM   1125 C  CB    . ASP A 1 162 ? 5.537   5.624   -8.095  1.00 24.41  ? 175 ASP A CB    1 
ATOM   1126 C  CG    . ASP A 1 162 ? 5.690   7.114   -7.887  1.00 24.55  ? 175 ASP A CG    1 
ATOM   1127 O  OD1   . ASP A 1 162 ? 5.142   7.631   -6.884  1.00 23.57  ? 175 ASP A OD1   1 
ATOM   1128 O  OD2   . ASP A 1 162 ? 6.350   7.763   -8.728  1.00 23.79  ? 175 ASP A OD2   1 
ATOM   1129 N  N     . LEU A 1 163 ? 6.871   4.031   -5.697  1.00 24.87  ? 176 LEU A N     1 
ATOM   1130 C  CA    . LEU A 1 163 ? 7.387   3.864   -4.337  1.00 24.44  ? 176 LEU A CA    1 
ATOM   1131 C  C     . LEU A 1 163 ? 8.876   3.479   -4.324  1.00 24.73  ? 176 LEU A C     1 
ATOM   1132 O  O     . LEU A 1 163 ? 9.679   4.097   -3.617  1.00 24.10  ? 176 LEU A O     1 
ATOM   1133 C  CB    . LEU A 1 163 ? 6.554   2.841   -3.553  1.00 24.51  ? 176 LEU A CB    1 
ATOM   1134 C  CG    . LEU A 1 163 ? 6.979   2.562   -2.098  1.00 23.50  ? 176 LEU A CG    1 
ATOM   1135 C  CD1   . LEU A 1 163 ? 7.122   3.852   -1.272  1.00 22.70  ? 176 LEU A CD1   1 
ATOM   1136 C  CD2   . LEU A 1 163 ? 6.024   1.603   -1.438  1.00 23.12  ? 176 LEU A CD2   1 
ATOM   1137 N  N     . CYS A 1 164 ? 9.231   2.462   -5.105  1.00 25.23  ? 177 CYS A N     1 
ATOM   1138 C  CA    . CYS A 1 164 ? 10.637  2.061   -5.274  1.00 25.85  ? 177 CYS A CA    1 
ATOM   1139 C  C     . CYS A 1 164 ? 11.560  3.221   -5.658  1.00 26.40  ? 177 CYS A C     1 
ATOM   1140 O  O     . CYS A 1 164 ? 12.635  3.371   -5.067  1.00 26.35  ? 177 CYS A O     1 
ATOM   1141 C  CB    . CYS A 1 164 ? 10.764  0.881   -6.241  1.00 25.64  ? 177 CYS A CB    1 
ATOM   1142 S  SG    . CYS A 1 164 ? 10.245  -0.702  -5.471  1.00 26.44  ? 177 CYS A SG    1 
ATOM   1143 N  N     . LYS A 1 165 ? 11.124  4.059   -6.602  1.00 27.10  ? 178 LYS A N     1 
ATOM   1144 C  CA    . LYS A 1 165 ? 11.906  5.230   -7.024  1.00 28.53  ? 178 LYS A CA    1 
ATOM   1145 C  C     . LYS A 1 165 ? 12.035  6.286   -5.923  1.00 29.08  ? 178 LYS A C     1 
ATOM   1146 O  O     . LYS A 1 165 ? 13.076  6.950   -5.797  1.00 29.45  ? 178 LYS A O     1 
ATOM   1147 C  CB    . LYS A 1 165 ? 11.305  5.873   -8.278  1.00 28.70  ? 178 LYS A CB    1 
ATOM   1148 C  CG    . LYS A 1 165 ? 11.259  4.949   -9.490  1.00 30.25  ? 178 LYS A CG    1 
ATOM   1149 C  CD    . LYS A 1 165 ? 10.081  5.249   -10.378 1.00 31.43  ? 178 LYS A CD    1 
ATOM   1150 C  CE    . LYS A 1 165 ? 10.397  6.328   -11.381 1.00 33.71  ? 178 LYS A CE    1 
ATOM   1151 N  NZ    . LYS A 1 165 ? 9.485   6.202   -12.560 1.00 36.26  ? 178 LYS A NZ    1 
ATOM   1152 N  N     . ARG A 1 166 ? 10.960  6.454   -5.153  1.00 29.50  ? 179 ARG A N     1 
ATOM   1153 C  CA    . ARG A 1 166 ? 10.918  7.431   -4.086  1.00 29.79  ? 179 ARG A CA    1 
ATOM   1154 C  C     . ARG A 1 166 ? 11.890  7.045   -2.981  1.00 30.03  ? 179 ARG A C     1 
ATOM   1155 O  O     . ARG A 1 166 ? 12.608  7.900   -2.466  1.00 30.60  ? 179 ARG A O     1 
ATOM   1156 C  CB    . ARG A 1 166 ? 9.502   7.555   -3.535  1.00 30.31  ? 179 ARG A CB    1 
ATOM   1157 C  CG    . ARG A 1 166 ? 8.561   8.409   -4.384  1.00 30.48  ? 179 ARG A CG    1 
ATOM   1158 C  CD    . ARG A 1 166 ? 7.539   9.067   -3.478  1.00 31.49  ? 179 ARG A CD    1 
ATOM   1159 N  NE    . ARG A 1 166 ? 6.414   8.193   -3.186  1.00 32.98  ? 179 ARG A NE    1 
ATOM   1160 C  CZ    . ARG A 1 166 ? 5.739   8.134   -2.038  1.00 31.21  ? 179 ARG A CZ    1 
ATOM   1161 N  NH1   . ARG A 1 166 ? 6.068   8.879   -0.987  1.00 29.80  ? 179 ARG A NH1   1 
ATOM   1162 N  NH2   . ARG A 1 166 ? 4.724   7.292   -1.952  1.00 30.62  ? 179 ARG A NH2   1 
ATOM   1163 N  N     . MET A 1 167 ? 11.918  5.756   -2.636  1.00 30.20  ? 180 MET A N     1 
ATOM   1164 C  CA    . MET A 1 167 ? 12.877  5.209   -1.673  1.00 29.90  ? 180 MET A CA    1 
ATOM   1165 C  C     . MET A 1 167 ? 14.346  5.285   -2.145  1.00 30.62  ? 180 MET A C     1 
ATOM   1166 O  O     . MET A 1 167 ? 15.255  5.383   -1.332  1.00 30.36  ? 180 MET A O     1 
ATOM   1167 C  CB    . MET A 1 167 ? 12.500  3.770   -1.283  1.00 29.65  ? 180 MET A CB    1 
ATOM   1168 C  CG    . MET A 1 167 ? 11.189  3.648   -0.530  1.00 28.18  ? 180 MET A CG    1 
ATOM   1169 S  SD    . MET A 1 167 ? 10.693  1.972   -0.068  1.00 27.49  ? 180 MET A SD    1 
ATOM   1170 C  CE    . MET A 1 167 ? 10.521  1.193   -1.680  1.00 26.36  ? 180 MET A CE    1 
ATOM   1171 N  N     . ILE A 1 168 ? 14.564  5.234   -3.456  1.00 31.70  ? 181 ILE A N     1 
ATOM   1172 C  CA    . ILE A 1 168 ? 15.916  5.356   -4.035  1.00 32.43  ? 181 ILE A CA    1 
ATOM   1173 C  C     . ILE A 1 168 ? 16.459  6.792   -3.942  1.00 33.67  ? 181 ILE A C     1 
ATOM   1174 O  O     . ILE A 1 168 ? 17.663  6.990   -3.752  1.00 33.52  ? 181 ILE A O     1 
ATOM   1175 C  CB    . ILE A 1 168 ? 15.965  4.837   -5.502  1.00 32.13  ? 181 ILE A CB    1 
ATOM   1176 C  CG1   . ILE A 1 168 ? 15.861  3.308   -5.522  1.00 31.49  ? 181 ILE A CG1   1 
ATOM   1177 C  CG2   . ILE A 1 168 ? 17.252  5.281   -6.215  1.00 31.53  ? 181 ILE A CG2   1 
ATOM   1178 C  CD1   . ILE A 1 168 ? 15.432  2.733   -6.854  1.00 31.31  ? 181 ILE A CD1   1 
ATOM   1179 N  N     . GLU A 1 169 ? 15.567  7.779   -4.065  1.00 34.66  ? 182 GLU A N     1 
ATOM   1180 C  CA    . GLU A 1 169 ? 15.948  9.190   -3.968  1.00 35.96  ? 182 GLU A CA    1 
ATOM   1181 C  C     . GLU A 1 169 ? 16.339  9.630   -2.548  1.00 36.97  ? 182 GLU A C     1 
ATOM   1182 O  O     . GLU A 1 169 ? 17.064  10.611  -2.373  1.00 37.16  ? 182 GLU A O     1 
ATOM   1183 C  CB    . GLU A 1 169 ? 14.840  10.076  -4.515  1.00 35.90  ? 182 GLU A CB    1 
ATOM   1184 N  N     . THR A 1 170 ? 15.841  8.917   -1.537  1.00 38.37  ? 183 THR A N     1 
ATOM   1185 C  CA    . THR A 1 170 ? 16.160  9.215   -0.133  1.00 39.24  ? 183 THR A CA    1 
ATOM   1186 C  C     . THR A 1 170 ? 15.867  8.015   0.761   1.00 39.53  ? 183 THR A C     1 
ATOM   1187 O  O     . THR A 1 170 ? 14.703  7.663   0.979   1.00 40.01  ? 183 THR A O     1 
ATOM   1188 C  CB    . THR A 1 170 ? 15.384  10.454  0.350   1.00 39.61  ? 183 THR A CB    1 
HETATM 1189 MG MG    . MG  B 2 .   ? -5.348  -9.544  5.086   1.00 15.59  ? 201 MG  A MG    1 
HETATM 1190 P  PB    . GDP C 3 .   ? -7.500  -7.096  3.868   1.00 16.12  ? 200 GDP A PB    1 
HETATM 1191 O  O1B   . GDP C 3 .   ? -8.247  -7.457  5.139   1.00 17.37  ? 200 GDP A O1B   1 
HETATM 1192 O  O2B   . GDP C 3 .   ? -7.121  -5.649  3.966   1.00 14.02  ? 200 GDP A O2B   1 
HETATM 1193 O  O3B   . GDP C 3 .   ? -6.266  -7.961  3.721   1.00 14.84  ? 200 GDP A O3B   1 
HETATM 1194 O  O3A   . GDP C 3 .   ? -8.516  -7.340  2.616   1.00 17.17  ? 200 GDP A O3A   1 
HETATM 1195 P  PA    . GDP C 3 .   ? -8.558  -8.656  1.675   1.00 17.48  ? 200 GDP A PA    1 
HETATM 1196 O  O1A   . GDP C 3 .   ? -7.392  -8.709  0.684   1.00 19.13  ? 200 GDP A O1A   1 
HETATM 1197 O  O2A   . GDP C 3 .   ? -8.622  -9.955  2.396   1.00 18.86  ? 200 GDP A O2A   1 
HETATM 1198 O  "O5'" . GDP C 3 .   ? -9.890  -8.447  0.814   1.00 18.68  ? 200 GDP A "O5'" 1 
HETATM 1199 C  "C5'" . GDP C 3 .   ? -11.196 -8.399  1.367   1.00 20.48  ? 200 GDP A "C5'" 1 
HETATM 1200 C  "C4'" . GDP C 3 .   ? -12.217 -8.751  0.271   1.00 21.65  ? 200 GDP A "C4'" 1 
HETATM 1201 O  "O4'" . GDP C 3 .   ? -12.349 -7.733  -0.731  1.00 22.09  ? 200 GDP A "O4'" 1 
HETATM 1202 C  "C3'" . GDP C 3 .   ? -11.864 -10.018 -0.476  1.00 21.18  ? 200 GDP A "C3'" 1 
HETATM 1203 O  "O3'" . GDP C 3 .   ? -13.100 -10.595 -0.854  1.00 20.53  ? 200 GDP A "O3'" 1 
HETATM 1204 C  "C2'" . GDP C 3 .   ? -11.221 -9.553  -1.754  1.00 22.83  ? 200 GDP A "C2'" 1 
HETATM 1205 O  "O2'" . GDP C 3 .   ? -11.325 -10.554 -2.786  1.00 24.14  ? 200 GDP A "O2'" 1 
HETATM 1206 C  "C1'" . GDP C 3 .   ? -12.015 -8.281  -2.022  1.00 23.00  ? 200 GDP A "C1'" 1 
HETATM 1207 N  N9    . GDP C 3 .   ? -11.251 -7.302  -2.832  1.00 22.86  ? 200 GDP A N9    1 
HETATM 1208 C  C8    . GDP C 3 .   ? -9.967  -6.952  -2.648  1.00 23.48  ? 200 GDP A C8    1 
HETATM 1209 N  N7    . GDP C 3 .   ? -9.564  -6.040  -3.568  1.00 23.51  ? 200 GDP A N7    1 
HETATM 1210 C  C5    . GDP C 3 .   ? -10.617 -5.773  -4.350  1.00 22.85  ? 200 GDP A C5    1 
HETATM 1211 C  C6    . GDP C 3 .   ? -10.856 -4.892  -5.511  1.00 22.79  ? 200 GDP A C6    1 
HETATM 1212 O  O6    . GDP C 3 .   ? -9.944  -4.166  -5.967  1.00 22.35  ? 200 GDP A O6    1 
HETATM 1213 N  N1    . GDP C 3 .   ? -12.087 -4.900  -6.044  1.00 23.99  ? 200 GDP A N1    1 
HETATM 1214 C  C2    . GDP C 3 .   ? -13.091 -5.692  -5.576  1.00 23.82  ? 200 GDP A C2    1 
HETATM 1215 N  N2    . GDP C 3 .   ? -14.289 -5.625  -6.210  1.00 22.83  ? 200 GDP A N2    1 
HETATM 1216 N  N3    . GDP C 3 .   ? -12.942 -6.538  -4.511  1.00 22.26  ? 200 GDP A N3    1 
HETATM 1217 C  C4    . GDP C 3 .   ? -11.739 -6.607  -3.869  1.00 23.65  ? 200 GDP A C4    1 
HETATM 1218 O  O     . HOH D 4 .   ? -8.014  1.759   6.224   1.00 15.41  ? 202 HOH A O     1 
HETATM 1219 O  O     . HOH D 4 .   ? -10.594 8.308   -3.321  1.00 16.32  ? 203 HOH A O     1 
HETATM 1220 O  O     . HOH D 4 .   ? -1.375  -3.182  -12.227 1.00 15.95  ? 204 HOH A O     1 
HETATM 1221 O  O     . HOH D 4 .   ? 0.096   -6.202  -10.739 1.00 16.46  ? 205 HOH A O     1 
HETATM 1222 O  O     . HOH D 4 .   ? 16.727  -1.301  -15.632 1.00 50.44  ? 206 HOH A O     1 
HETATM 1223 O  O     . HOH D 4 .   ? -1.464  3.617   -8.803  1.00 19.61  ? 207 HOH A O     1 
HETATM 1224 O  O     . HOH D 4 .   ? -0.215  0.441   -12.946 1.00 13.51  ? 208 HOH A O     1 
HETATM 1225 O  O     . HOH D 4 .   ? -10.171 -12.886 -0.237  1.00 33.51  ? 209 HOH A O     1 
HETATM 1226 O  O     . HOH D 4 .   ? -14.982 -6.383  -2.179  1.00 17.83  ? 210 HOH A O     1 
HETATM 1227 O  O     . HOH D 4 .   ? 6.375   -2.453  -10.276 1.00 19.90  ? 211 HOH A O     1 
HETATM 1228 O  O     . HOH D 4 .   ? -18.598 -0.520  1.392   1.00 32.15  ? 212 HOH A O     1 
HETATM 1229 O  O     . HOH D 4 .   ? -5.133  13.437  7.020   1.00 36.79  ? 213 HOH A O     1 
HETATM 1230 O  O     . HOH D 4 .   ? -3.512  11.622  8.110   1.00 26.51  ? 214 HOH A O     1 
HETATM 1231 O  O     . HOH D 4 .   ? 4.611   -7.678  -10.446 1.00 44.45  ? 215 HOH A O     1 
HETATM 1232 O  O     . HOH D 4 .   ? 8.290   11.535  -2.700  1.00 26.41  ? 216 HOH A O     1 
HETATM 1233 O  O     . HOH D 4 .   ? -7.077  -8.949  6.799   1.00 12.68  ? 217 HOH A O     1 
HETATM 1234 O  O     . HOH D 4 .   ? 2.946   -3.301  16.725  1.00 35.97  ? 218 HOH A O     1 
HETATM 1235 O  O     . HOH D 4 .   ? -8.200  9.857   7.843   1.00 28.75  ? 219 HOH A O     1 
HETATM 1236 O  O     . HOH D 4 .   ? 9.062   11.363  -0.692  1.00 21.11  ? 220 HOH A O     1 
HETATM 1237 O  O     . HOH D 4 .   ? -6.257  -6.762  8.182   1.00 21.67  ? 221 HOH A O     1 
HETATM 1238 O  O     . HOH D 4 .   ? -4.758  -11.081 6.086   1.00 22.29  ? 222 HOH A O     1 
HETATM 1239 O  O     . HOH D 4 .   ? 12.827  5.621   2.877   1.00 24.59  ? 223 HOH A O     1 
HETATM 1240 O  O     . HOH D 4 .   ? 13.582  1.149   -17.147 1.00 34.77  ? 224 HOH A O     1 
HETATM 1241 O  O     . HOH D 4 .   ? -16.262 -3.370  -0.305  1.00 28.20  ? 225 HOH A O     1 
HETATM 1242 O  O     . HOH D 4 .   ? 4.340   -9.995  8.352   1.00 30.88  ? 226 HOH A O     1 
HETATM 1243 O  O     . HOH D 4 .   ? 13.805  2.918   -15.602 1.00 54.52  ? 227 HOH A O     1 
HETATM 1244 O  O     . HOH D 4 .   ? -6.789  -11.116 3.958   1.00 14.15  ? 228 HOH A O     1 
HETATM 1245 O  O     . HOH D 4 .   ? -3.821  -8.105  5.756   1.00 20.64  ? 229 HOH A O     1 
HETATM 1246 O  O     . HOH D 4 .   ? 0.587   3.401   17.751  1.00 43.82  ? 230 HOH A O     1 
HETATM 1247 O  O     . HOH D 4 .   ? -14.661 -2.588  3.678   1.00 24.96  ? 231 HOH A O     1 
HETATM 1248 O  O     . HOH D 4 .   ? -14.770 11.466  2.319   1.00 30.59  ? 232 HOH A O     1 
HETATM 1249 O  O     . HOH D 4 .   ? 1.690   19.731  1.894   1.00 32.35  ? 233 HOH A O     1 
HETATM 1250 O  O     . HOH D 4 .   ? -6.838  -2.684  -18.995 1.00 32.82  ? 234 HOH A O     1 
HETATM 1251 O  O     . HOH D 4 .   ? -5.351  -11.686 -1.773  1.00 86.16  ? 235 HOH A O     1 
HETATM 1252 O  O     . HOH D 4 .   ? -12.824 -4.009  8.995   1.00 28.84  ? 236 HOH A O     1 
HETATM 1253 O  O     . HOH D 4 .   ? 10.258  -11.830 -8.649  1.00 31.09  ? 237 HOH A O     1 
HETATM 1254 O  O     . HOH D 4 .   ? -12.091 6.129   -9.303  1.00 31.43  ? 238 HOH A O     1 
HETATM 1255 O  O     . HOH D 4 .   ? 14.681  4.652   1.692   1.00 25.73  ? 239 HOH A O     1 
HETATM 1256 O  O     . HOH D 4 .   ? -13.007 -1.968  5.485   1.00 23.45  ? 240 HOH A O     1 
HETATM 1257 O  O     . HOH D 4 .   ? -10.180 6.103   -10.556 1.00 45.84  ? 241 HOH A O     1 
HETATM 1258 O  O     . HOH D 4 .   ? -6.869  -12.313 -3.840  1.00 27.03  ? 242 HOH A O     1 
HETATM 1259 O  O     . HOH D 4 .   ? 7.510   -4.911  -13.444 1.00 30.03  ? 243 HOH A O     1 
HETATM 1260 O  O     . HOH D 4 .   ? -13.484 -0.314  10.062  1.00 38.83  ? 244 HOH A O     1 
HETATM 1261 O  O     . HOH D 4 .   ? -1.105  5.555   17.552  1.00 42.89  ? 245 HOH A O     1 
HETATM 1262 O  O     . HOH D 4 .   ? 12.769  -7.539  5.107   1.00 21.48  ? 246 HOH A O     1 
HETATM 1263 O  O     . HOH D 4 .   ? 6.942   -6.375  -11.851 1.00 26.28  ? 247 HOH A O     1 
HETATM 1264 O  O     . HOH D 4 .   ? -7.731  -13.753 -11.728 1.00 28.35  ? 248 HOH A O     1 
HETATM 1265 O  O     . HOH D 4 .   ? -8.538  -11.852 -2.131  1.00 33.44  ? 249 HOH A O     1 
HETATM 1266 O  O     . HOH D 4 .   ? -9.206  12.094  8.272   1.00 45.93  ? 250 HOH A O     1 
HETATM 1267 O  O     . HOH D 4 .   ? 8.089   10.620  0.984   1.00 36.71  ? 251 HOH A O     1 
HETATM 1268 O  O     . HOH D 4 .   ? 0.711   14.392  -2.416  1.00 33.83  ? 252 HOH A O     1 
HETATM 1269 O  O     . HOH D 4 .   ? -12.699 -9.250  4.527   1.00 29.22  ? 253 HOH A O     1 
HETATM 1270 O  O     . HOH D 4 .   ? -3.797  0.557   -15.900 1.00 19.96  ? 254 HOH A O     1 
HETATM 1271 O  O     . HOH D 4 .   ? -0.738  12.743  -4.168  1.00 31.71  ? 255 HOH A O     1 
HETATM 1272 O  O     . HOH D 4 .   ? -14.449 -9.128  2.530   1.00 68.86  ? 256 HOH A O     1 
HETATM 1273 O  O     . HOH D 4 .   ? -10.596 -9.304  5.635   1.00 33.07  ? 257 HOH A O     1 
HETATM 1274 O  O     . HOH D 4 .   ? 4.751   -5.249  15.909  1.00 41.89  ? 258 HOH A O     1 
HETATM 1275 O  O     . HOH D 4 .   ? 2.836   -5.837  -12.328 1.00 26.89  ? 259 HOH A O     1 
HETATM 1276 O  O     . HOH D 4 .   ? -3.109  -1.851  -16.532 0.50 172.39 ? 260 HOH A O     1 
HETATM 1277 O  O     . HOH D 4 .   ? -1.355  -5.402  6.732   1.00 40.14  ? 261 HOH A O     1 
HETATM 1278 O  O     . HOH D 4 .   ? 14.026  -6.527  7.045   1.00 32.36  ? 262 HOH A O     1 
HETATM 1279 O  O     . HOH D 4 .   ? -4.384  -3.985  -16.890 1.00 31.41  ? 263 HOH A O     1 
HETATM 1280 O  O     . HOH D 4 .   ? -13.124 11.298  6.713   1.00 27.62  ? 264 HOH A O     1 
HETATM 1281 O  O     . HOH D 4 .   ? -15.756 -6.900  2.242   1.00 36.37  ? 265 HOH A O     1 
HETATM 1282 O  O     . HOH D 4 .   ? -10.286 -11.064 -11.733 1.00 31.30  ? 266 HOH A O     1 
HETATM 1283 O  O     . HOH D 4 .   ? -15.665 -4.762  2.765   1.00 29.61  ? 267 HOH A O     1 
HETATM 1284 O  O     . HOH D 4 .   ? 12.854  -6.325  9.567   1.00 28.87  ? 268 HOH A O     1 
HETATM 1285 O  O     . HOH D 4 .   ? 5.923   10.323  2.370   1.00 34.30  ? 269 HOH A O     1 
HETATM 1286 O  O     . HOH D 4 .   ? -15.573 -0.183  7.416   1.00 47.98  ? 270 HOH A O     1 
HETATM 1287 O  O     . HOH D 4 .   ? -8.598  -15.852 -1.771  1.00 54.78  ? 271 HOH A O     1 
HETATM 1288 O  O     . HOH D 4 .   ? -10.544 -12.403 2.681   1.00 42.93  ? 272 HOH A O     1 
HETATM 1289 O  O     . HOH D 4 .   ? 11.317  0.900   14.475  1.00 35.59  ? 273 HOH A O     1 
HETATM 1290 O  O     . HOH D 4 .   ? 11.489  -7.338  11.542  1.00 28.92  ? 274 HOH A O     1 
HETATM 1291 O  O     . HOH D 4 .   ? 13.231  1.032   12.745  1.00 23.73  ? 275 HOH A O     1 
HETATM 1292 O  O     . HOH D 4 .   ? -23.680 2.764   -2.965  1.00 37.18  ? 276 HOH A O     1 
HETATM 1293 O  O     . HOH D 4 .   ? -14.615 9.266   -9.307  1.00 56.33  ? 277 HOH A O     1 
HETATM 1294 O  O     . HOH D 4 .   ? 13.659  2.169   9.054   1.00 35.20  ? 278 HOH A O     1 
HETATM 1295 O  O     . HOH D 4 .   ? 12.512  -9.894  11.478  1.00 37.74  ? 279 HOH A O     1 
HETATM 1296 O  O     . HOH D 4 .   ? 16.704  -2.416  13.658  1.00 22.65  ? 280 HOH A O     1 
HETATM 1297 O  O     . HOH D 4 .   ? -16.054 10.923  -8.055  1.00 36.03  ? 281 HOH A O     1 
HETATM 1298 O  O     . HOH D 4 .   ? 16.027  1.678   8.465   1.00 39.03  ? 282 HOH A O     1 
HETATM 1299 O  O     . HOH D 4 .   ? 13.354  5.138   10.628  1.00 43.65  ? 283 HOH A O     1 
HETATM 1300 O  O     . HOH D 4 .   ? 23.420  -0.452  -6.093  1.00 65.15  ? 284 HOH A O     1 
HETATM 1301 O  O     . HOH D 4 .   ? -1.771  -19.511 3.044   1.00 63.94  ? 285 HOH A O     1 
HETATM 1302 O  O     . HOH D 4 .   ? -2.435  -12.289 5.306   1.00 41.54  ? 286 HOH A O     1 
HETATM 1303 O  O     . HOH D 4 .   ? 14.181  -8.679  12.923  1.00 33.27  ? 287 HOH A O     1 
HETATM 1304 O  O     . HOH D 4 .   ? 21.736  -0.961  -7.775  1.00 39.56  ? 288 HOH A O     1 
HETATM 1305 O  O     . HOH D 4 .   ? -7.007  -10.932 8.405   1.00 44.84  ? 289 HOH A O     1 
HETATM 1306 O  O     . HOH D 4 .   ? -14.962 11.872  -5.860  1.00 40.19  ? 290 HOH A O     1 
HETATM 1307 O  O     . HOH D 4 .   ? 9.184   -0.641  -16.174 1.00 29.65  ? 291 HOH A O     1 
HETATM 1308 O  O     . HOH D 4 .   ? -16.828 11.381  -4.029  1.00 47.82  ? 292 HOH A O     1 
HETATM 1309 O  O     . HOH D 4 .   ? 11.452  0.627   -14.459 1.00 53.78  ? 293 HOH A O     1 
HETATM 1310 O  O     . HOH D 4 .   ? 17.155  -0.595  7.430   1.00 47.22  ? 294 HOH A O     1 
HETATM 1311 O  O     . HOH D 4 .   ? 18.109  0.180   2.962   1.00 41.45  ? 295 HOH A O     1 
HETATM 1312 O  O     . HOH D 4 .   ? -1.364  -6.112  -6.526  1.00 428.16 ? 296 HOH A O     1 
HETATM 1313 O  O     . HOH D 4 .   ? 5.449   -11.960 -9.618  1.00 42.90  ? 297 HOH A O     1 
HETATM 1314 O  O     . HOH D 4 .   ? 7.294   8.437   10.068  1.00 72.45  ? 298 HOH A O     1 
HETATM 1315 O  O     . HOH D 4 .   ? -13.896 14.484  -5.301  1.00 34.77  ? 299 HOH A O     1 
HETATM 1316 O  O     . HOH D 4 .   ? 19.867  -1.248  0.130   1.00 50.17  ? 300 HOH A O     1 
HETATM 1317 O  O     . HOH D 4 .   ? 17.268  2.927   1.888   1.00 49.83  ? 301 HOH A O     1 
HETATM 1318 O  O     . HOH D 4 .   ? 2.649   10.988  15.760  1.00 30.71  ? 302 HOH A O     1 
HETATM 1319 O  O     . HOH D 4 .   ? -4.885  15.767  -8.744  1.00 41.80  ? 303 HOH A O     1 
HETATM 1320 O  O     . HOH D 4 .   ? 1.697   8.838   16.702  1.00 81.05  ? 304 HOH A O     1 
HETATM 1321 O  O     . HOH D 4 .   ? 5.150   -15.900 -4.153  1.00 31.73  ? 305 HOH A O     1 
HETATM 1322 O  O     . HOH D 4 .   ? -2.085  10.094  17.474  1.00 54.11  ? 306 HOH A O     1 
HETATM 1323 O  O     . HOH D 4 .   ? 6.989   6.640   -11.285 1.00 40.32  ? 307 HOH A O     1 
HETATM 1324 O  O     . HOH D 4 .   ? 8.221   -2.958  -6.638  1.00 50.02  ? 308 HOH A O     1 
HETATM 1325 O  O     . HOH D 4 .   ? -5.498  -10.591 -5.485  1.00 24.94  ? 309 HOH A O     1 
HETATM 1326 O  O     . HOH D 4 .   ? -4.819  1.865   14.448  1.00 44.43  ? 310 HOH A O     1 
HETATM 1327 O  O     . HOH D 4 .   ? 4.466   11.399  4.372   1.00 56.47  ? 311 HOH A O     1 
HETATM 1328 O  O     . HOH D 4 .   ? -2.434  14.156  -2.730  1.00 52.04  ? 312 HOH A O     1 
HETATM 1329 O  O     . HOH D 4 .   ? -3.913  16.017  7.397   1.00 42.77  ? 313 HOH A O     1 
HETATM 1330 O  O     . HOH D 4 .   ? -7.367  -4.455  -16.929 1.00 30.89  ? 314 HOH A O     1 
HETATM 1331 O  O     . HOH D 4 .   ? -7.206  -2.108  -21.535 1.00 43.04  ? 315 HOH A O     1 
HETATM 1332 O  O     . HOH D 4 .   ? 4.544   1.645   -14.865 1.00 34.16  ? 316 HOH A O     1 
HETATM 1333 O  O     . HOH D 4 .   ? -10.171 -3.315  11.074  1.00 32.70  ? 317 HOH A O     1 
HETATM 1334 O  O     . HOH D 4 .   ? 10.452  -15.405 6.637   1.00 28.81  ? 318 HOH A O     1 
HETATM 1335 O  O     . HOH D 4 .   ? -6.135  -15.310 -10.388 1.00 53.44  ? 319 HOH A O     1 
HETATM 1336 O  O     . HOH D 4 .   ? -6.916  -13.132 6.814   1.00 33.45  ? 320 HOH A O     1 
HETATM 1337 O  O     . HOH D 4 .   ? 1.296   -17.311 -9.553  1.00 29.78  ? 321 HOH A O     1 
HETATM 1338 O  O     . HOH D 4 .   ? -6.607  -16.533 -8.313  1.00 38.51  ? 322 HOH A O     1 
HETATM 1339 O  O     . HOH D 4 .   ? 11.962  -5.040  -14.016 1.00 39.67  ? 323 HOH A O     1 
HETATM 1340 O  O     . HOH D 4 .   ? -18.698 -11.303 -3.143  1.00 27.95  ? 324 HOH A O     1 
HETATM 1341 O  O     . HOH D 4 .   ? 4.586   10.451  -7.651  1.00 43.04  ? 325 HOH A O     1 
HETATM 1342 O  O     . HOH D 4 .   ? 1.705   14.233  10.312  1.00 39.65  ? 326 HOH A O     1 
HETATM 1343 O  O     . HOH D 4 .   ? -21.804 6.519   -5.267  1.00 39.75  ? 327 HOH A O     1 
HETATM 1344 O  O     . HOH D 4 .   ? -4.607  9.853   -7.091  1.00 27.75  ? 328 HOH A O     1 
HETATM 1345 O  O     . HOH D 4 .   ? -20.278 7.373   7.732   1.00 37.95  ? 329 HOH A O     1 
HETATM 1346 O  O     . HOH D 4 .   ? 15.325  -1.346  5.279   1.00 57.52  ? 330 HOH A O     1 
HETATM 1347 O  O     . HOH D 4 .   ? -20.323 9.899   -1.949  1.00 37.52  ? 331 HOH A O     1 
HETATM 1348 O  O     . HOH D 4 .   ? -18.751 12.060  -1.045  1.00 42.10  ? 332 HOH A O     1 
HETATM 1349 O  O     . HOH D 4 .   ? 0.281   -4.345  12.305  1.00 29.69  ? 333 HOH A O     1 
HETATM 1350 O  O     . HOH D 4 .   ? 15.911  -3.532  4.535   1.00 32.54  ? 334 HOH A O     1 
HETATM 1351 O  O     . HOH D 4 .   ? 2.031   10.232  -7.262  1.00 39.63  ? 335 HOH A O     1 
HETATM 1352 O  O     . HOH D 4 .   ? 14.369  -5.440  3.346   1.00 44.87  ? 336 HOH A O     1 
HETATM 1353 O  O     . HOH D 4 .   ? -17.222 11.702  1.383   1.00 40.10  ? 337 HOH A O     1 
HETATM 1354 O  O     . HOH D 4 .   ? -23.585 5.690   -8.994  1.00 57.87  ? 338 HOH A O     1 
HETATM 1355 O  O     . HOH D 4 .   ? -3.002  17.254  9.063   1.00 32.08  ? 339 HOH A O     1 
HETATM 1356 O  O     . HOH D 4 .   ? -4.122  7.790   -8.660  1.00 46.17  ? 340 HOH A O     1 
HETATM 1357 O  O     . HOH D 4 .   ? 2.631   12.494  11.933  1.00 50.86  ? 341 HOH A O     1 
HETATM 1358 O  O     . HOH D 4 .   ? 4.180   14.840  7.989   1.00 44.12  ? 342 HOH A O     1 
HETATM 1359 O  O     . HOH D 4 .   ? 14.321  -6.351  0.962   1.00 29.76  ? 343 HOH A O     1 
HETATM 1360 O  O     . HOH D 4 .   ? -12.011 -13.090 -1.342  1.00 32.38  ? 344 HOH A O     1 
HETATM 1361 O  O     . HOH D 4 .   ? -16.421 -3.714  6.332   1.00 42.74  ? 345 HOH A O     1 
HETATM 1362 O  O     . HOH D 4 .   ? 7.618   -12.405 -6.508  1.00 50.05  ? 346 HOH A O     1 
HETATM 1363 O  O     . HOH D 4 .   ? 5.391   -9.891  10.842  1.00 30.32  ? 347 HOH A O     1 
HETATM 1364 O  O     . HOH D 4 .   ? -11.613 5.938   15.445  1.00 37.86  ? 348 HOH A O     1 
# 
